data_5GIN
#
_entry.id   5GIN
#
_cell.length_a   242.676
_cell.length_b   242.676
_cell.length_c   146.898
_cell.angle_alpha   90.00
_cell.angle_beta   90.00
_cell.angle_gamma   90.00
#
_symmetry.space_group_name_H-M   'P 41 21 2'
#
loop_
_entity.id
_entity.type
_entity.pdbx_description
1 polymer 'C/D box methylation guide ribonucleoprotein complex aNOP56 subunit'
2 polymer '50S ribosomal protein L7Ae'
3 polymer "Fibrillarin-like rRNA/tRNA 2'-O-methyltransferase"
4 polymer 'C/D RNA'
5 polymer substrate
6 non-polymer S-ADENOSYL-L-HOMOCYSTEINE
#
loop_
_entity_poly.entity_id
_entity_poly.type
_entity_poly.pdbx_seq_one_letter_code
_entity_poly.pdbx_strand_id
1 'polypeptide(L)'
;MVKIYLIEHVIGAVAYDENGNIVDYITNPRDLGKITEELLNNEKGIPFSATVELLKKVNPQEVVVENEAEVPKLQALGYR
VSYEPYSKVSRIFRESLPKVAIDIKFASNEEDYYNFLHELSLEYTRRKLRSAAQKRDLLAIQAVRAMDDIDKTINLFSER
LREWYSIHFPELDKLIEDHEEYATIVSRFGDRGFLTIDSLKELGFNEQRINRILDAAKKSIGADISEDDLSAMRMIANTI
LDLYNIRRNLNNYLEGVMKEVAPNVTALVGPALGARLLSIAGSLDELAKMPASTIQVLGAEKALFRALRSGGRPPKHGII
FQYPAIHTSPRWQRGKIARALAAKLAIAARVDAFSGRFIGDQLNEQLKKRIDEIKEKFAQHHHHHHHH
;
A,B,K
2 'polypeptide(L)'
;MDAMSKASYVKFEVPQDLADKVLEAVRKAKESGKIKKGTNETTKAVERGQAKLVIIAEDVQPEEIVAHLPLLCDEKKIPY
VYVSSKKALGEACGLQVATASAAILEPGEAKDLVDEIIKRVNEIKGKTSS
;
C,D,L
3 'polypeptide(L)'
;MAEVITVKQTNMENIYECEFNDGSFRLCTRNLVPNFNVYGERLIKYEGVEYREWNAFRSKLAGAILKGLKTNPIRKGTKV
LYLGAASGTTISHVSDIIELNGKAYGVEFSPRVVRELLLVAQRRPNIFPLLADARFPQSYKSVVENVDVLYVDIAQPDQT
DIAIYNAKFFLKVNGDMLLVIKARSIDVTKDPKEIYKTEVEKLENSNFETIQIINLDPYDKDHAIVLSKYKG
;
E,F,M
4 'polyribonucleotide' GGGAGUCUUGUGAUGAAACACUCAUGGUCUGAAGACUCCC G,H,N
5 'polyribonucleotide' CCAUGAGUG I,J,O
#
# COMPACT_ATOMS: atom_id res chain seq x y z
N LYS A 3 75.37 36.60 -4.39
CA LYS A 3 74.02 36.14 -4.08
C LYS A 3 73.18 37.21 -3.35
N ILE A 4 72.06 37.61 -3.94
CA ILE A 4 71.17 38.62 -3.31
C ILE A 4 69.71 38.15 -3.06
N TYR A 5 69.27 38.24 -1.79
CA TYR A 5 67.90 37.90 -1.30
C TYR A 5 66.85 39.03 -1.39
N LEU A 6 65.72 38.80 -2.07
CA LEU A 6 64.77 39.92 -2.33
C LEU A 6 63.37 39.93 -1.67
N ILE A 7 63.00 41.09 -1.07
CA ILE A 7 61.75 41.30 -0.30
C ILE A 7 60.67 42.14 -1.01
N GLU A 8 59.40 41.76 -0.87
CA GLU A 8 58.29 42.55 -1.41
C GLU A 8 57.23 42.93 -0.42
N HIS A 9 56.92 44.21 -0.33
CA HIS A 9 56.06 44.72 0.73
C HIS A 9 55.38 46.05 0.34
N VAL A 10 54.43 46.52 1.15
CA VAL A 10 53.83 47.84 1.00
C VAL A 10 54.94 48.88 1.02
N ILE A 11 55.91 48.65 1.89
CA ILE A 11 57.05 49.53 2.10
C ILE A 11 57.85 49.72 0.81
N GLY A 12 57.68 48.81 -0.16
CA GLY A 12 58.49 48.83 -1.37
C GLY A 12 59.03 47.47 -1.75
N ALA A 13 60.24 47.48 -2.30
CA ALA A 13 61.06 46.29 -2.56
C ALA A 13 62.46 46.47 -1.97
N VAL A 14 62.92 45.54 -1.15
CA VAL A 14 64.26 45.65 -0.52
C VAL A 14 65.15 44.43 -0.86
N ALA A 15 66.46 44.63 -1.02
CA ALA A 15 67.42 43.51 -1.18
C ALA A 15 68.34 43.29 0.02
N TYR A 16 68.58 42.01 0.34
CA TYR A 16 69.42 41.66 1.48
C TYR A 16 70.50 40.68 1.05
N ASP A 17 71.66 40.71 1.70
CA ASP A 17 72.57 39.60 1.54
C ASP A 17 72.09 38.62 2.57
N GLU A 18 72.65 37.43 2.58
CA GLU A 18 72.14 36.39 3.47
C GLU A 18 72.34 36.79 4.94
N ASN A 19 73.17 37.79 5.17
CA ASN A 19 73.46 38.19 6.54
C ASN A 19 72.27 38.96 7.16
N GLY A 20 71.52 39.67 6.33
CA GLY A 20 70.42 40.47 6.83
C GLY A 20 70.70 41.96 6.83
N ASN A 21 71.56 42.38 5.90
CA ASN A 21 71.84 43.79 5.69
C ASN A 21 71.22 44.16 4.37
N ILE A 22 70.54 45.30 4.39
CA ILE A 22 69.87 45.84 3.25
C ILE A 22 70.92 46.17 2.19
N VAL A 23 70.94 45.40 1.10
CA VAL A 23 71.88 45.65 0.00
C VAL A 23 71.51 46.85 -0.86
N ASP A 24 70.24 46.94 -1.25
CA ASP A 24 69.71 48.13 -1.93
C ASP A 24 68.19 48.14 -1.79
N TYR A 25 67.61 49.31 -1.82
CA TYR A 25 66.18 49.40 -1.64
C TYR A 25 65.61 50.44 -2.56
N ILE A 26 64.39 50.17 -3.01
CA ILE A 26 63.64 51.19 -3.69
C ILE A 26 62.26 51.29 -3.09
N THR A 27 62.07 52.41 -2.42
CA THR A 27 60.94 52.66 -1.57
C THR A 27 59.71 52.80 -2.50
N ASN A 28 58.56 52.34 -2.01
CA ASN A 28 57.23 52.54 -2.63
C ASN A 28 56.67 53.94 -2.50
N PRO A 29 55.71 54.29 -3.36
CA PRO A 29 55.06 55.58 -3.07
C PRO A 29 54.04 55.47 -1.96
N ARG A 30 54.02 56.42 -1.04
CA ARG A 30 53.07 56.38 0.07
C ARG A 30 51.73 56.79 -0.52
N ASP A 31 51.20 55.95 -1.41
CA ASP A 31 49.95 56.25 -2.08
C ASP A 31 49.00 55.03 -2.13
N LEU A 32 47.88 55.16 -1.41
CA LEU A 32 46.86 54.12 -1.25
C LEU A 32 46.49 53.41 -2.54
N GLY A 33 46.06 54.20 -3.53
CA GLY A 33 45.60 53.67 -4.80
C GLY A 33 46.55 52.68 -5.44
N LYS A 34 47.81 53.09 -5.53
CA LYS A 34 48.83 52.40 -6.30
C LYS A 34 49.32 51.14 -5.62
N ILE A 35 49.56 51.22 -4.30
CA ILE A 35 50.08 50.10 -3.50
C ILE A 35 49.08 48.95 -3.54
N THR A 36 47.81 49.27 -3.31
CA THR A 36 46.70 48.33 -3.35
C THR A 36 46.74 47.44 -4.58
N GLU A 37 47.01 48.07 -5.70
CA GLU A 37 46.99 47.40 -6.98
C GLU A 37 48.09 46.43 -7.12
N GLU A 38 49.28 46.90 -6.74
CA GLU A 38 50.47 46.10 -6.85
C GLU A 38 50.34 45.02 -5.77
N LEU A 39 49.55 45.26 -4.71
CA LEU A 39 49.28 44.18 -3.74
C LEU A 39 48.45 43.06 -4.38
N LEU A 40 47.39 43.44 -5.09
CA LEU A 40 46.59 42.48 -5.86
C LEU A 40 47.40 41.77 -6.94
N ASN A 41 48.29 42.51 -7.58
CA ASN A 41 49.13 41.98 -8.65
C ASN A 41 50.18 40.94 -8.15
N ASN A 42 50.83 41.20 -7.01
CA ASN A 42 51.85 40.27 -6.49
C ASN A 42 51.22 38.91 -6.15
N GLU A 43 49.88 38.88 -6.01
CA GLU A 43 49.11 37.63 -5.88
C GLU A 43 49.18 36.69 -7.09
N LYS A 44 49.28 37.29 -8.28
CA LYS A 44 49.38 36.60 -9.55
C LYS A 44 50.79 36.46 -10.10
N GLY A 45 51.79 36.90 -9.35
CA GLY A 45 53.19 36.80 -9.74
C GLY A 45 53.84 38.11 -10.17
N ILE A 46 53.04 39.12 -10.48
CA ILE A 46 53.52 40.41 -10.97
C ILE A 46 54.32 41.16 -9.92
N PRO A 47 55.60 41.38 -10.22
CA PRO A 47 56.42 42.12 -9.27
C PRO A 47 56.01 43.55 -9.21
N PHE A 48 56.20 44.13 -8.04
CA PHE A 48 56.03 45.53 -7.82
C PHE A 48 56.87 46.22 -8.87
N SER A 49 56.54 47.45 -9.20
CA SER A 49 57.35 48.14 -10.18
C SER A 49 58.67 48.49 -9.54
N ALA A 50 58.60 48.73 -8.23
CA ALA A 50 59.75 49.08 -7.42
C ALA A 50 60.71 47.92 -7.35
N THR A 51 60.19 46.72 -7.59
CA THR A 51 61.02 45.53 -7.57
C THR A 51 61.87 45.45 -8.84
N VAL A 52 61.28 45.81 -9.97
CA VAL A 52 62.00 45.76 -11.24
C VAL A 52 63.17 46.74 -11.27
N GLU A 53 62.96 47.96 -10.79
CA GLU A 53 64.03 48.95 -10.73
C GLU A 53 65.17 48.44 -9.86
N LEU A 54 64.82 47.85 -8.73
CA LEU A 54 65.81 47.42 -7.73
C LEU A 54 66.60 46.26 -8.32
N LEU A 55 65.94 45.45 -9.14
CA LEU A 55 66.65 44.36 -9.77
C LEU A 55 67.65 44.92 -10.78
N LYS A 56 67.60 46.22 -11.01
CA LYS A 56 68.51 46.89 -11.92
C LYS A 56 69.70 47.65 -11.28
N LYS A 57 69.48 48.42 -10.21
CA LYS A 57 70.59 49.16 -9.55
C LYS A 57 71.74 48.21 -9.15
N VAL A 58 71.49 47.27 -8.22
CA VAL A 58 72.43 46.18 -8.07
C VAL A 58 72.02 45.17 -9.17
N ASN A 59 73.00 44.46 -9.72
CA ASN A 59 72.76 43.52 -10.79
C ASN A 59 73.23 42.16 -10.36
N PRO A 60 72.37 41.45 -9.64
CA PRO A 60 72.76 40.25 -8.90
C PRO A 60 72.70 38.99 -9.76
N GLN A 61 73.70 38.12 -9.56
CA GLN A 61 73.81 36.84 -10.26
C GLN A 61 72.74 35.84 -9.81
N GLU A 62 72.54 35.72 -8.49
CA GLU A 62 71.52 34.85 -7.89
C GLU A 62 70.46 35.66 -7.13
N VAL A 63 69.20 35.65 -7.60
CA VAL A 63 68.13 36.29 -6.81
C VAL A 63 67.05 35.32 -6.32
N VAL A 64 66.55 35.60 -5.13
CA VAL A 64 65.60 34.75 -4.44
C VAL A 64 64.51 35.57 -3.77
N VAL A 65 63.27 35.20 -4.05
CA VAL A 65 62.10 35.96 -3.59
C VAL A 65 61.23 35.18 -2.60
N GLU A 66 60.20 35.82 -2.05
CA GLU A 66 59.35 35.25 -1.03
C GLU A 66 58.30 34.32 -1.62
N ASN A 67 57.82 34.69 -2.80
CA ASN A 67 56.66 34.05 -3.43
C ASN A 67 56.96 33.23 -4.66
N GLU A 68 56.37 32.05 -4.77
CA GLU A 68 56.73 31.14 -5.86
C GLU A 68 56.05 31.46 -7.19
N ALA A 69 55.03 32.30 -7.16
CA ALA A 69 54.34 32.71 -8.40
C ALA A 69 55.14 33.80 -9.14
N GLU A 70 56.03 34.47 -8.42
CA GLU A 70 56.86 35.52 -8.99
C GLU A 70 58.00 34.94 -9.84
N VAL A 71 58.56 33.80 -9.41
CA VAL A 71 59.73 33.20 -10.07
C VAL A 71 59.63 33.04 -11.61
N PRO A 72 58.49 32.55 -12.11
CA PRO A 72 58.44 32.47 -13.58
C PRO A 72 58.41 33.84 -14.25
N LYS A 73 57.85 34.85 -13.57
CA LYS A 73 57.82 36.20 -14.12
C LYS A 73 59.21 36.82 -14.20
N LEU A 74 60.00 36.65 -13.15
CA LEU A 74 61.31 37.29 -13.08
C LEU A 74 62.35 36.57 -13.95
N GLN A 75 62.08 35.31 -14.27
CA GLN A 75 62.95 34.56 -15.19
C GLN A 75 62.75 35.08 -16.62
N ALA A 76 61.51 35.45 -16.90
CA ALA A 76 61.11 36.11 -18.14
C ALA A 76 61.69 37.54 -18.28
N LEU A 77 62.26 38.10 -17.23
CA LEU A 77 62.92 39.39 -17.35
C LEU A 77 64.42 39.14 -17.57
N GLY A 78 64.82 37.88 -17.40
CA GLY A 78 66.18 37.48 -17.73
C GLY A 78 66.97 36.89 -16.58
N TYR A 79 66.41 36.96 -15.39
CA TYR A 79 67.17 36.60 -14.19
C TYR A 79 67.05 35.13 -13.80
N ARG A 80 68.02 34.64 -13.01
CA ARG A 80 67.92 33.31 -12.37
C ARG A 80 67.23 33.43 -11.01
N VAL A 81 66.03 32.86 -10.91
CA VAL A 81 65.21 33.13 -9.73
C VAL A 81 64.63 31.86 -9.11
N SER A 82 64.55 31.88 -7.78
CA SER A 82 63.88 30.86 -6.99
C SER A 82 63.15 31.54 -5.84
N TYR A 83 62.74 30.73 -4.87
CA TYR A 83 62.18 31.23 -3.60
C TYR A 83 62.51 30.32 -2.40
N GLU A 84 62.68 30.90 -1.22
CA GLU A 84 62.70 30.20 0.07
C GLU A 84 61.59 30.91 0.85
N PRO A 85 60.47 30.23 1.14
CA PRO A 85 59.27 30.89 1.65
C PRO A 85 59.44 31.62 3.01
N TYR A 86 59.85 30.91 4.07
CA TYR A 86 59.96 31.52 5.40
C TYR A 86 61.43 31.63 5.81
N SER A 87 62.16 32.36 4.97
CA SER A 87 63.62 32.52 5.03
C SER A 87 64.12 33.35 6.24
N LYS A 88 65.39 33.20 6.64
CA LYS A 88 65.90 34.02 7.73
C LYS A 88 65.84 35.51 7.35
N VAL A 89 65.98 35.80 6.06
CA VAL A 89 65.97 37.17 5.55
C VAL A 89 64.63 37.85 5.67
N SER A 90 63.59 37.13 5.25
CA SER A 90 62.23 37.63 5.29
C SER A 90 61.81 37.92 6.71
N ARG A 91 62.25 37.03 7.58
CA ARG A 91 62.08 37.20 9.01
C ARG A 91 62.86 38.39 9.51
N ILE A 92 64.17 38.42 9.24
CA ILE A 92 65.01 39.54 9.64
C ILE A 92 64.39 40.86 9.17
N PHE A 93 63.78 40.78 7.99
CA PHE A 93 63.08 41.93 7.44
C PHE A 93 61.94 42.47 8.27
N ARG A 94 61.04 41.61 8.73
CA ARG A 94 59.89 42.07 9.51
C ARG A 94 60.12 42.37 10.97
N GLU A 95 61.17 41.78 11.52
CA GLU A 95 61.56 42.01 12.89
C GLU A 95 61.85 43.50 13.02
N SER A 96 62.22 44.11 11.91
CA SER A 96 62.60 45.52 11.89
C SER A 96 61.53 46.39 11.23
N LEU A 97 60.30 45.89 11.13
CA LEU A 97 59.24 46.68 10.52
C LEU A 97 58.71 47.83 11.34
N PRO A 98 58.82 47.75 12.67
CA PRO A 98 58.54 49.01 13.32
C PRO A 98 59.45 50.09 12.76
N LYS A 99 60.74 49.75 12.59
CA LYS A 99 61.75 50.71 12.16
C LYS A 99 61.91 50.94 10.67
N VAL A 100 62.27 49.89 9.92
CA VAL A 100 62.77 50.10 8.57
C VAL A 100 61.79 50.78 7.62
N ALA A 101 60.60 51.09 8.11
CA ALA A 101 59.73 51.94 7.31
C ALA A 101 60.33 53.33 7.30
N ILE A 102 60.83 53.77 8.45
CA ILE A 102 61.41 55.09 8.57
C ILE A 102 62.79 55.05 7.90
N ASP A 103 63.53 53.97 8.12
CA ASP A 103 64.91 53.86 7.63
C ASP A 103 65.04 54.01 6.11
N ILE A 104 64.11 53.44 5.34
CA ILE A 104 64.15 53.58 3.88
C ILE A 104 63.30 54.78 3.45
N LYS A 105 62.93 55.57 4.44
CA LYS A 105 62.16 56.81 4.27
C LYS A 105 60.89 56.56 3.45
N PHE A 106 60.01 55.73 4.02
CA PHE A 106 58.64 55.53 3.55
C PHE A 106 57.67 56.42 4.33
N ALA A 107 57.99 56.62 5.60
CA ALA A 107 57.27 57.57 6.42
C ALA A 107 58.23 58.24 7.38
N SER A 108 57.86 59.44 7.84
CA SER A 108 58.72 60.25 8.70
C SER A 108 58.90 59.55 10.04
N ASN A 109 57.77 59.11 10.62
CA ASN A 109 57.82 58.49 11.92
C ASN A 109 56.97 57.25 12.00
N GLU A 110 57.06 56.56 13.14
CA GLU A 110 56.27 55.35 13.41
C GLU A 110 54.78 55.72 13.47
N GLU A 111 54.49 56.90 14.03
CA GLU A 111 53.15 57.52 14.18
C GLU A 111 52.20 57.40 12.97
N ASP A 112 52.63 57.78 11.77
CA ASP A 112 51.72 57.73 10.63
C ASP A 112 52.11 56.71 9.54
N TYR A 113 53.01 55.79 9.87
CA TYR A 113 53.13 54.58 9.07
C TYR A 113 51.94 53.67 9.30
N TYR A 114 51.56 53.50 10.56
CA TYR A 114 50.39 52.71 10.89
C TYR A 114 49.10 53.46 10.55
N ASN A 115 49.11 54.80 10.67
CA ASN A 115 47.95 55.58 10.23
C ASN A 115 47.56 55.22 8.81
N PHE A 116 48.58 55.04 7.96
CA PHE A 116 48.44 54.64 6.55
C PHE A 116 48.20 53.16 6.37
N LEU A 117 49.08 52.33 6.96
CA LEU A 117 49.00 50.86 6.81
C LEU A 117 47.64 50.36 7.20
N HIS A 118 47.02 51.05 8.15
CA HIS A 118 45.64 50.82 8.53
C HIS A 118 44.70 51.09 7.37
N GLU A 119 44.89 52.24 6.72
CA GLU A 119 43.95 52.73 5.71
C GLU A 119 44.06 51.90 4.44
N LEU A 120 45.28 51.44 4.16
CA LEU A 120 45.53 50.43 3.13
C LEU A 120 44.87 49.13 3.49
N SER A 121 45.08 48.67 4.73
CA SER A 121 44.45 47.45 5.21
C SER A 121 42.93 47.57 5.11
N LEU A 122 42.38 48.72 5.52
CA LEU A 122 40.97 48.98 5.32
C LEU A 122 40.55 48.83 3.85
N GLU A 123 41.25 49.54 2.97
CA GLU A 123 40.94 49.59 1.54
C GLU A 123 41.34 48.36 0.71
N TYR A 124 42.41 47.66 1.09
CA TYR A 124 42.83 46.47 0.33
C TYR A 124 41.78 45.39 0.43
N THR A 125 41.17 45.28 1.60
CA THR A 125 40.20 44.22 1.82
C THR A 125 38.84 44.63 1.34
N ARG A 126 38.49 45.90 1.56
CA ARG A 126 37.26 46.45 1.02
C ARG A 126 37.11 46.11 -0.44
N ARG A 127 38.24 46.08 -1.13
CA ARG A 127 38.31 45.79 -2.55
C ARG A 127 37.96 44.29 -2.78
N LYS A 128 38.56 43.43 -1.96
CA LYS A 128 38.34 41.99 -2.07
C LYS A 128 36.92 41.64 -1.69
N LEU A 129 36.36 42.34 -0.70
CA LEU A 129 34.95 42.16 -0.26
C LEU A 129 34.00 42.32 -1.40
N ARG A 130 34.41 43.17 -2.31
CA ARG A 130 33.63 43.53 -3.47
C ARG A 130 33.76 42.48 -4.56
N SER A 131 34.97 41.99 -4.79
CA SER A 131 35.20 41.02 -5.86
C SER A 131 34.46 39.75 -5.53
N ALA A 132 34.25 39.53 -4.25
CA ALA A 132 33.61 38.34 -3.74
C ALA A 132 32.10 38.36 -3.92
N ALA A 133 31.50 39.53 -3.64
CA ALA A 133 30.07 39.79 -3.74
C ALA A 133 29.69 39.80 -5.20
N GLN A 134 30.72 39.97 -6.00
CA GLN A 134 30.57 40.14 -7.43
C GLN A 134 30.48 38.78 -8.10
N LYS A 135 30.74 37.70 -7.36
CA LYS A 135 30.66 36.37 -7.96
C LYS A 135 29.27 36.08 -8.46
N ARG A 136 29.24 35.37 -9.56
CA ARG A 136 28.04 35.13 -10.31
C ARG A 136 27.20 34.10 -9.53
N ASP A 137 27.86 33.11 -8.94
CA ASP A 137 27.12 32.00 -8.33
C ASP A 137 26.34 32.37 -7.05
N LEU A 138 26.64 33.52 -6.44
CA LEU A 138 25.95 33.86 -5.20
C LEU A 138 24.48 34.09 -5.49
N LEU A 139 24.17 34.65 -6.66
CA LEU A 139 22.80 34.97 -7.04
C LEU A 139 22.03 33.71 -7.37
N ALA A 140 22.75 32.75 -7.93
CA ALA A 140 22.20 31.43 -8.19
C ALA A 140 21.75 30.76 -6.89
N ILE A 141 22.61 30.83 -5.87
CA ILE A 141 22.35 30.27 -4.55
C ILE A 141 21.23 30.98 -3.77
N GLN A 142 21.33 32.30 -3.65
CA GLN A 142 20.32 33.09 -2.95
C GLN A 142 18.98 32.95 -3.64
N ALA A 143 18.97 32.83 -4.97
CA ALA A 143 17.70 32.74 -5.71
C ALA A 143 16.93 31.48 -5.33
N VAL A 144 17.57 30.31 -5.45
CA VAL A 144 16.94 29.01 -5.18
C VAL A 144 16.70 28.71 -3.71
N ARG A 145 17.50 29.30 -2.82
CA ARG A 145 17.22 29.17 -1.39
C ARG A 145 15.86 29.84 -1.18
N ALA A 146 15.70 31.01 -1.80
CA ALA A 146 14.46 31.78 -1.72
C ALA A 146 13.25 31.11 -2.38
N MET A 147 13.52 30.44 -3.48
CA MET A 147 12.49 29.71 -4.14
C MET A 147 12.03 28.64 -3.15
N ASP A 148 12.96 27.95 -2.50
CA ASP A 148 12.59 26.88 -1.56
C ASP A 148 11.91 27.42 -0.34
N ASP A 149 12.25 28.67 0.01
CA ASP A 149 11.55 29.30 1.10
C ASP A 149 10.08 29.45 0.66
N ILE A 150 9.82 29.80 -0.61
CA ILE A 150 8.43 29.96 -1.12
C ILE A 150 7.64 28.64 -1.21
N ASP A 151 8.29 27.59 -1.69
CA ASP A 151 7.77 26.21 -1.72
C ASP A 151 7.15 25.79 -0.41
N LYS A 152 7.91 25.99 0.67
CA LYS A 152 7.51 25.64 2.02
C LYS A 152 6.25 26.42 2.37
N THR A 153 6.27 27.72 2.01
CA THR A 153 5.24 28.65 2.45
C THR A 153 3.91 28.35 1.81
N ILE A 154 3.95 28.15 0.50
CA ILE A 154 2.78 27.78 -0.28
C ILE A 154 2.13 26.56 0.36
N ASN A 155 2.93 25.52 0.65
CA ASN A 155 2.39 24.32 1.28
C ASN A 155 1.73 24.54 2.62
N LEU A 156 2.33 25.39 3.45
CA LEU A 156 1.79 25.70 4.77
C LEU A 156 0.44 26.41 4.74
N PHE A 157 0.34 27.44 3.89
CA PHE A 157 -0.86 28.23 3.83
C PHE A 157 -1.97 27.38 3.24
N SER A 158 -1.59 26.53 2.30
CA SER A 158 -2.56 25.68 1.65
C SER A 158 -3.19 24.74 2.67
N GLU A 159 -2.39 24.14 3.54
CA GLU A 159 -2.95 23.31 4.59
C GLU A 159 -3.76 24.17 5.58
N ARG A 160 -3.37 25.41 5.84
CA ARG A 160 -4.20 26.28 6.70
C ARG A 160 -5.53 26.55 6.01
N LEU A 161 -5.44 27.03 4.78
CA LEU A 161 -6.60 27.40 4.03
C LEU A 161 -7.58 26.21 3.87
N ARG A 162 -7.07 25.01 3.65
CA ARG A 162 -7.97 23.86 3.58
C ARG A 162 -8.66 23.64 4.90
N GLU A 163 -7.88 23.74 5.97
CA GLU A 163 -8.46 23.51 7.29
C GLU A 163 -9.49 24.57 7.61
N TRP A 164 -9.17 25.80 7.23
CA TRP A 164 -9.99 26.99 7.51
C TRP A 164 -11.26 27.12 6.71
N TYR A 165 -11.17 26.93 5.40
CA TYR A 165 -12.32 27.02 4.49
C TYR A 165 -13.31 25.91 4.71
N SER A 166 -12.80 24.80 5.23
CA SER A 166 -13.64 23.63 5.42
C SER A 166 -14.61 23.81 6.58
N ILE A 167 -14.48 24.90 7.34
CA ILE A 167 -15.48 25.18 8.37
C ILE A 167 -16.79 25.45 7.64
N HIS A 168 -16.65 26.06 6.46
CA HIS A 168 -17.79 26.45 5.64
C HIS A 168 -18.16 25.39 4.60
N PHE A 169 -17.16 24.68 4.05
CA PHE A 169 -17.34 23.78 2.91
C PHE A 169 -16.33 22.63 2.97
N PRO A 170 -16.61 21.61 3.79
CA PRO A 170 -15.68 20.52 4.09
C PRO A 170 -15.38 19.60 2.93
N GLU A 171 -16.40 19.34 2.11
CA GLU A 171 -16.31 18.33 1.08
C GLU A 171 -15.40 18.76 -0.05
N LEU A 172 -15.15 20.06 -0.12
CA LEU A 172 -14.36 20.56 -1.19
C LEU A 172 -12.92 20.09 -1.03
N ASP A 173 -12.48 19.97 0.21
CA ASP A 173 -11.12 19.59 0.54
C ASP A 173 -10.77 18.29 -0.15
N LYS A 174 -11.57 17.25 0.05
CA LYS A 174 -11.26 15.97 -0.57
C LYS A 174 -11.60 15.94 -2.05
N LEU A 175 -12.09 17.05 -2.60
CA LEU A 175 -12.43 17.01 -4.00
C LEU A 175 -11.32 17.56 -4.89
N ILE A 176 -10.44 18.40 -4.35
CA ILE A 176 -9.35 18.91 -5.19
C ILE A 176 -7.92 18.58 -4.67
N GLU A 177 -7.24 17.68 -5.35
CA GLU A 177 -5.91 17.31 -4.93
C GLU A 177 -5.02 18.50 -5.04
N ASP A 178 -5.25 19.32 -6.05
CA ASP A 178 -4.23 20.31 -6.25
C ASP A 178 -4.46 21.53 -5.32
N HIS A 179 -3.41 21.97 -4.63
CA HIS A 179 -3.55 23.11 -3.74
C HIS A 179 -3.89 24.34 -4.56
N GLU A 180 -3.15 24.56 -5.66
CA GLU A 180 -3.38 25.74 -6.49
C GLU A 180 -4.80 25.77 -7.03
N GLU A 181 -5.32 24.63 -7.50
CA GLU A 181 -6.70 24.60 -7.99
C GLU A 181 -7.66 25.06 -6.88
N TYR A 182 -7.60 24.40 -5.73
CA TYR A 182 -8.40 24.70 -4.53
C TYR A 182 -8.36 26.15 -4.07
N ALA A 183 -7.20 26.73 -3.83
CA ALA A 183 -7.12 28.14 -3.39
C ALA A 183 -7.80 29.00 -4.45
N THR A 184 -7.62 28.62 -5.72
CA THR A 184 -8.25 29.32 -6.85
C THR A 184 -9.77 29.26 -6.80
N ILE A 185 -10.30 28.17 -6.30
CA ILE A 185 -11.75 28.09 -6.17
C ILE A 185 -12.18 29.09 -5.12
N VAL A 186 -11.60 29.01 -3.93
CA VAL A 186 -11.90 29.94 -2.83
C VAL A 186 -11.60 31.40 -3.19
N SER A 187 -10.60 31.65 -4.01
CA SER A 187 -10.33 33.03 -4.36
C SER A 187 -11.47 33.61 -5.14
N ARG A 188 -11.95 32.88 -6.15
CA ARG A 188 -12.88 33.42 -7.13
C ARG A 188 -14.28 33.51 -6.63
N PHE A 189 -14.68 32.53 -5.85
CA PHE A 189 -16.07 32.39 -5.51
C PHE A 189 -16.41 32.97 -4.14
N GLY A 190 -15.78 32.51 -3.06
CA GLY A 190 -16.18 32.94 -1.73
C GLY A 190 -17.17 31.98 -1.13
N ASP A 191 -18.41 32.41 -1.08
CA ASP A 191 -19.45 31.56 -0.54
C ASP A 191 -19.45 30.35 -1.44
N ARG A 192 -19.82 29.21 -0.90
CA ARG A 192 -19.91 27.99 -1.68
C ARG A 192 -21.06 28.05 -2.69
N GLY A 193 -22.00 28.97 -2.41
CA GLY A 193 -23.16 29.14 -3.26
C GLY A 193 -22.97 30.10 -4.42
N PHE A 194 -21.74 30.45 -4.77
CA PHE A 194 -21.55 31.39 -5.87
C PHE A 194 -20.87 30.68 -7.03
N LEU A 195 -20.69 29.38 -6.85
CA LEU A 195 -20.04 28.57 -7.85
C LEU A 195 -20.91 28.64 -9.10
N THR A 196 -20.29 28.90 -10.24
CA THR A 196 -20.95 28.92 -11.54
C THR A 196 -20.08 28.15 -12.55
N ILE A 197 -20.72 27.46 -13.50
CA ILE A 197 -20.02 26.54 -14.42
C ILE A 197 -18.85 27.18 -15.20
N ASP A 198 -18.96 28.45 -15.57
CA ASP A 198 -17.95 29.05 -16.44
C ASP A 198 -16.64 29.31 -15.73
N SER A 199 -16.67 29.75 -14.47
CA SER A 199 -15.43 29.89 -13.72
C SER A 199 -14.79 28.50 -13.59
N LEU A 200 -15.61 27.46 -13.57
CA LEU A 200 -15.09 26.11 -13.40
C LEU A 200 -14.57 25.55 -14.72
N LYS A 201 -15.25 25.80 -15.84
CA LYS A 201 -14.64 25.39 -17.10
C LYS A 201 -13.39 26.19 -17.45
N GLU A 202 -13.20 27.34 -16.83
CA GLU A 202 -12.04 28.16 -17.08
C GLU A 202 -10.75 27.63 -16.43
N LEU A 203 -10.91 26.84 -15.37
CA LEU A 203 -9.79 26.25 -14.65
C LEU A 203 -9.12 25.10 -15.36
N GLY A 204 -9.91 24.41 -16.16
CA GLY A 204 -9.42 23.27 -16.89
C GLY A 204 -10.24 22.10 -16.43
N PHE A 205 -11.18 22.39 -15.52
CA PHE A 205 -11.98 21.31 -14.97
C PHE A 205 -12.87 20.68 -16.02
N ASN A 206 -12.70 19.37 -16.16
CA ASN A 206 -13.52 18.55 -17.06
C ASN A 206 -14.95 18.50 -16.51
N GLU A 207 -15.92 18.42 -17.41
CA GLU A 207 -17.33 18.57 -17.01
C GLU A 207 -17.79 17.57 -15.95
N GLN A 208 -17.25 16.36 -15.99
CA GLN A 208 -17.65 15.37 -15.01
C GLN A 208 -17.32 15.87 -13.61
N ARG A 209 -16.14 16.47 -13.42
CA ARG A 209 -15.78 16.89 -12.07
C ARG A 209 -16.75 18.02 -11.75
N ILE A 210 -17.07 18.84 -12.75
CA ILE A 210 -17.85 20.05 -12.52
C ILE A 210 -19.17 19.85 -11.78
N ASN A 211 -19.93 18.83 -12.13
CA ASN A 211 -21.16 18.53 -11.42
C ASN A 211 -20.93 17.96 -10.04
N ARG A 212 -19.86 17.18 -9.88
CA ARG A 212 -19.56 16.58 -8.58
C ARG A 212 -19.30 17.72 -7.60
N ILE A 213 -18.60 18.77 -8.05
CA ILE A 213 -18.32 19.95 -7.25
C ILE A 213 -19.60 20.75 -6.91
N LEU A 214 -20.40 21.09 -7.93
CA LEU A 214 -21.69 21.81 -7.71
C LEU A 214 -22.70 21.03 -6.87
N ASP A 215 -22.74 19.70 -6.99
CA ASP A 215 -23.59 18.98 -6.07
C ASP A 215 -23.09 19.02 -4.66
N ALA A 216 -21.77 18.94 -4.52
CA ALA A 216 -21.13 18.88 -3.23
C ALA A 216 -21.44 20.11 -2.40
N ALA A 217 -21.47 21.25 -3.08
CA ALA A 217 -21.72 22.53 -2.48
C ALA A 217 -23.15 22.63 -2.04
N LYS A 218 -24.00 22.02 -2.83
CA LYS A 218 -25.43 22.04 -2.56
C LYS A 218 -25.77 21.30 -1.27
N LYS A 219 -25.37 20.05 -1.20
CA LYS A 219 -25.74 19.19 -0.08
C LYS A 219 -24.77 19.36 1.09
N SER A 220 -24.00 20.43 1.08
CA SER A 220 -22.96 20.59 2.09
C SER A 220 -23.54 20.74 3.49
N ILE A 221 -22.95 20.02 4.44
CA ILE A 221 -23.28 20.15 5.86
C ILE A 221 -22.33 21.16 6.48
N GLY A 222 -21.90 22.14 5.69
CA GLY A 222 -20.95 23.12 6.17
C GLY A 222 -21.59 24.22 7.01
N ALA A 223 -20.79 25.18 7.44
CA ALA A 223 -21.31 26.24 8.29
C ALA A 223 -21.57 27.49 7.48
N ASP A 224 -22.71 28.12 7.74
CA ASP A 224 -23.04 29.39 7.09
C ASP A 224 -22.40 30.55 7.82
N ILE A 225 -21.76 31.42 7.05
CA ILE A 225 -20.78 32.34 7.58
C ILE A 225 -20.83 33.70 6.89
N SER A 226 -20.39 34.76 7.59
CA SER A 226 -20.45 36.15 7.08
C SER A 226 -19.41 36.43 5.97
N GLU A 227 -19.57 37.54 5.27
CA GLU A 227 -18.64 37.85 4.20
C GLU A 227 -17.32 38.29 4.81
N ASP A 228 -17.39 38.81 6.03
CA ASP A 228 -16.18 39.21 6.74
C ASP A 228 -15.32 37.97 6.95
N ASP A 229 -15.96 36.87 7.34
CA ASP A 229 -15.32 35.56 7.47
C ASP A 229 -14.78 35.02 6.17
N LEU A 230 -15.53 35.24 5.09
CA LEU A 230 -15.08 34.71 3.81
C LEU A 230 -13.90 35.51 3.33
N SER A 231 -13.91 36.81 3.59
CA SER A 231 -12.83 37.64 3.09
C SER A 231 -11.51 37.29 3.76
N ALA A 232 -11.61 36.90 5.04
CA ALA A 232 -10.45 36.49 5.80
C ALA A 232 -9.73 35.32 5.13
N MET A 233 -10.50 34.28 4.83
CA MET A 233 -10.01 33.11 4.17
C MET A 233 -9.38 33.47 2.83
N ARG A 234 -10.06 34.36 2.11
CA ARG A 234 -9.67 34.69 0.76
C ARG A 234 -8.39 35.49 0.70
N MET A 235 -8.04 36.16 1.79
CA MET A 235 -6.76 36.88 1.82
C MET A 235 -5.70 35.83 1.79
N ILE A 236 -5.88 34.79 2.60
CA ILE A 236 -4.95 33.66 2.63
C ILE A 236 -4.96 32.96 1.27
N ALA A 237 -6.14 32.77 0.68
CA ALA A 237 -6.23 32.14 -0.64
C ALA A 237 -5.47 32.89 -1.74
N ASN A 238 -5.62 34.19 -1.76
CA ASN A 238 -5.03 35.02 -2.79
C ASN A 238 -3.51 35.04 -2.67
N THR A 239 -2.99 34.96 -1.45
CA THR A 239 -1.55 35.00 -1.26
C THR A 239 -0.94 33.73 -1.89
N ILE A 240 -1.61 32.59 -1.69
CA ILE A 240 -1.21 31.31 -2.25
C ILE A 240 -1.05 31.40 -3.76
N LEU A 241 -1.98 32.08 -4.41
CA LEU A 241 -1.89 32.24 -5.84
C LEU A 241 -0.73 33.12 -6.29
N ASP A 242 -0.57 34.25 -5.62
CA ASP A 242 0.55 35.15 -5.83
C ASP A 242 1.81 34.36 -5.79
N LEU A 243 1.91 33.56 -4.73
CA LEU A 243 3.12 32.85 -4.44
C LEU A 243 3.40 31.87 -5.58
N TYR A 244 2.37 31.23 -6.14
CA TYR A 244 2.61 30.30 -7.24
C TYR A 244 3.26 30.98 -8.42
N ASN A 245 2.86 32.23 -8.71
CA ASN A 245 3.43 32.97 -9.83
C ASN A 245 4.90 33.29 -9.64
N ILE A 246 5.23 33.78 -8.45
CA ILE A 246 6.57 34.24 -8.20
C ILE A 246 7.57 33.09 -8.35
N ARG A 247 7.13 31.89 -7.97
CA ARG A 247 7.97 30.72 -8.08
C ARG A 247 8.45 30.54 -9.51
N ARG A 248 7.51 30.70 -10.44
CA ARG A 248 7.80 30.52 -11.87
C ARG A 248 8.66 31.59 -12.46
N ASN A 249 8.54 32.78 -11.90
CA ASN A 249 9.39 33.87 -12.30
C ASN A 249 10.81 33.65 -11.86
N LEU A 250 10.93 33.18 -10.62
CA LEU A 250 12.20 32.85 -10.00
C LEU A 250 12.82 31.65 -10.72
N ASN A 251 11.95 30.71 -11.06
CA ASN A 251 12.32 29.51 -11.77
C ASN A 251 12.98 29.86 -13.10
N ASN A 252 12.44 30.85 -13.77
CA ASN A 252 13.03 31.34 -15.00
C ASN A 252 14.30 32.10 -14.77
N TYR A 253 14.28 32.91 -13.73
CA TYR A 253 15.46 33.65 -13.36
C TYR A 253 16.60 32.67 -13.08
N LEU A 254 16.30 31.63 -12.29
CA LEU A 254 17.25 30.59 -11.91
C LEU A 254 17.79 29.83 -13.12
N GLU A 255 16.88 29.49 -14.04
CA GLU A 255 17.26 28.81 -15.27
C GLU A 255 18.34 29.50 -16.08
N GLY A 256 18.24 30.81 -16.19
CA GLY A 256 19.25 31.58 -16.89
C GLY A 256 20.58 31.52 -16.17
N VAL A 257 20.52 31.78 -14.87
CA VAL A 257 21.73 31.89 -14.10
C VAL A 257 22.45 30.58 -14.12
N MET A 258 21.65 29.52 -14.01
CA MET A 258 22.19 28.18 -13.87
C MET A 258 22.72 27.70 -15.20
N LYS A 259 22.25 28.26 -16.29
CA LYS A 259 22.91 28.04 -17.58
C LYS A 259 24.13 28.96 -17.78
N GLU A 260 24.09 30.16 -17.21
CA GLU A 260 25.25 31.05 -17.29
C GLU A 260 26.49 30.58 -16.50
N VAL A 261 26.36 30.33 -15.20
CA VAL A 261 27.51 30.08 -14.36
C VAL A 261 27.88 28.62 -14.34
N ALA A 262 26.89 27.78 -14.59
CA ALA A 262 27.11 26.35 -14.46
C ALA A 262 26.29 25.51 -15.41
N PRO A 263 26.63 25.59 -16.73
CA PRO A 263 25.88 24.92 -17.82
C PRO A 263 25.88 23.40 -17.76
N ASN A 264 27.04 22.82 -17.47
CA ASN A 264 27.19 21.37 -17.47
C ASN A 264 26.43 20.68 -16.35
N VAL A 265 26.52 21.24 -15.15
CA VAL A 265 25.79 20.71 -13.99
C VAL A 265 24.30 20.79 -14.20
N THR A 266 23.87 21.92 -14.77
CA THR A 266 22.47 22.19 -15.11
C THR A 266 21.94 21.18 -16.11
N ALA A 267 22.77 20.86 -17.10
CA ALA A 267 22.44 19.83 -18.09
C ALA A 267 22.12 18.48 -17.46
N LEU A 268 22.79 18.11 -16.38
CA LEU A 268 22.59 16.78 -15.82
C LEU A 268 21.30 16.69 -15.03
N VAL A 269 21.06 17.62 -14.10
CA VAL A 269 19.97 17.46 -13.12
C VAL A 269 18.94 18.56 -13.16
N GLY A 270 19.11 19.51 -14.06
CA GLY A 270 18.20 20.62 -14.18
C GLY A 270 18.64 21.76 -13.29
N PRO A 271 18.08 22.96 -13.50
CA PRO A 271 18.53 24.18 -12.82
C PRO A 271 18.40 24.19 -11.30
N ALA A 272 17.24 23.93 -10.71
CA ALA A 272 17.10 24.00 -9.23
C ALA A 272 18.04 23.06 -8.46
N LEU A 273 18.01 21.79 -8.82
CA LEU A 273 18.78 20.86 -8.06
C LEU A 273 20.26 21.20 -8.20
N GLY A 274 20.64 21.69 -9.37
CA GLY A 274 21.99 22.18 -9.56
C GLY A 274 22.22 23.39 -8.65
N ALA A 275 21.22 24.25 -8.62
CA ALA A 275 21.19 25.38 -7.71
C ALA A 275 21.23 24.94 -6.26
N ARG A 276 20.46 23.91 -5.95
CA ARG A 276 20.43 23.37 -4.60
C ARG A 276 21.76 22.90 -4.07
N LEU A 277 22.49 22.19 -4.91
CA LEU A 277 23.81 21.69 -4.59
C LEU A 277 24.78 22.85 -4.50
N LEU A 278 24.56 23.87 -5.31
CA LEU A 278 25.35 25.07 -5.12
C LEU A 278 25.09 25.72 -3.75
N SER A 279 23.87 25.68 -3.25
CA SER A 279 23.60 26.24 -1.92
C SER A 279 24.22 25.44 -0.80
N ILE A 280 24.24 24.12 -0.92
CA ILE A 280 24.82 23.34 0.15
C ILE A 280 26.34 23.43 0.15
N ALA A 281 26.96 23.34 -1.01
CA ALA A 281 28.40 23.43 -1.04
C ALA A 281 28.81 24.85 -0.63
N GLY A 282 28.03 25.85 -1.05
CA GLY A 282 28.34 27.22 -0.71
C GLY A 282 28.73 27.97 -1.95
N SER A 283 29.41 27.28 -2.86
CA SER A 283 29.78 27.89 -4.12
C SER A 283 29.99 26.84 -5.18
N LEU A 284 30.28 27.29 -6.39
CA LEU A 284 30.50 26.35 -7.47
C LEU A 284 31.88 25.75 -7.30
N ASP A 285 32.84 26.62 -7.00
CA ASP A 285 34.22 26.19 -6.85
C ASP A 285 34.40 25.28 -5.67
N GLU A 286 33.55 25.40 -4.66
CA GLU A 286 33.67 24.50 -3.53
C GLU A 286 33.00 23.16 -3.86
N LEU A 287 31.96 23.25 -4.69
CA LEU A 287 31.29 22.08 -5.24
C LEU A 287 32.18 21.26 -6.15
N ALA A 288 32.97 21.96 -6.94
CA ALA A 288 33.88 21.34 -7.89
C ALA A 288 34.97 20.47 -7.26
N LYS A 289 35.51 20.91 -6.11
CA LYS A 289 36.60 20.21 -5.45
C LYS A 289 36.07 18.98 -4.69
N MET A 290 34.76 18.74 -4.71
CA MET A 290 34.19 17.68 -3.87
C MET A 290 34.35 16.31 -4.50
N PRO A 291 34.57 15.27 -3.68
CA PRO A 291 34.56 13.91 -4.21
C PRO A 291 33.14 13.53 -4.58
N ALA A 292 32.93 12.50 -5.40
CA ALA A 292 31.56 12.14 -5.70
C ALA A 292 30.87 11.59 -4.48
N SER A 293 31.60 10.85 -3.65
CA SER A 293 31.02 10.19 -2.49
C SER A 293 30.42 11.16 -1.48
N THR A 294 30.82 12.42 -1.58
CA THR A 294 30.26 13.50 -0.79
C THR A 294 29.06 14.15 -1.48
N ILE A 295 29.22 14.52 -2.74
CA ILE A 295 28.14 15.09 -3.55
C ILE A 295 26.91 14.19 -3.55
N GLN A 296 27.16 12.90 -3.44
CA GLN A 296 26.09 11.92 -3.45
C GLN A 296 25.15 12.04 -2.24
N VAL A 297 25.70 12.48 -1.11
CA VAL A 297 24.95 12.51 0.13
C VAL A 297 24.71 13.91 0.65
N LEU A 298 25.11 14.92 -0.14
CA LEU A 298 24.96 16.30 0.29
C LEU A 298 23.52 16.54 0.67
N GLY A 299 23.30 17.02 1.89
CA GLY A 299 21.94 17.29 2.29
C GLY A 299 21.26 16.24 3.11
N ALA A 300 22.02 15.24 3.54
CA ALA A 300 21.50 14.20 4.43
C ALA A 300 22.34 14.12 5.67
N GLU A 301 22.79 15.29 6.10
CA GLU A 301 23.77 15.40 7.16
C GLU A 301 23.31 14.71 8.44
N LYS A 302 22.01 14.68 8.71
CA LYS A 302 21.56 14.01 9.91
C LYS A 302 21.84 12.51 9.86
N ALA A 303 21.49 11.87 8.77
CA ALA A 303 21.67 10.44 8.56
C ALA A 303 23.15 10.08 8.45
N LEU A 304 23.93 10.96 7.83
CA LEU A 304 25.35 10.73 7.59
C LEU A 304 26.08 10.67 8.92
N PHE A 305 25.98 11.74 9.68
CA PHE A 305 26.71 11.78 10.90
C PHE A 305 26.15 10.80 11.94
N ARG A 306 24.92 10.33 11.74
CA ARG A 306 24.37 9.25 12.57
C ARG A 306 25.10 7.96 12.33
N ALA A 307 25.36 7.65 11.07
CA ALA A 307 26.08 6.43 10.75
C ALA A 307 27.54 6.51 11.16
N LEU A 308 28.15 7.66 10.86
CA LEU A 308 29.56 7.87 11.17
C LEU A 308 29.81 7.95 12.69
N ARG A 309 28.82 8.38 13.47
CA ARG A 309 29.01 8.40 14.90
C ARG A 309 28.84 7.02 15.47
N SER A 310 27.92 6.27 14.88
CA SER A 310 27.42 5.06 15.52
C SER A 310 27.93 3.81 14.85
N GLY A 311 28.49 3.98 13.67
CA GLY A 311 28.96 2.84 12.93
C GLY A 311 27.84 2.05 12.29
N GLY A 312 26.66 2.66 12.17
CA GLY A 312 25.50 2.04 11.55
C GLY A 312 25.53 2.28 10.06
N ARG A 313 24.35 2.15 9.43
CA ARG A 313 24.17 2.35 7.99
C ARG A 313 24.01 3.78 7.55
N PRO A 314 24.70 4.13 6.45
CA PRO A 314 24.71 5.43 5.79
C PRO A 314 23.56 5.58 4.82
N PRO A 315 23.18 6.83 4.52
CA PRO A 315 22.20 7.29 3.51
C PRO A 315 22.63 7.09 2.05
N LYS A 316 21.71 6.67 1.20
CA LYS A 316 22.04 6.47 -0.21
C LYS A 316 22.11 7.79 -0.94
N HIS A 317 21.35 8.77 -0.50
CA HIS A 317 21.20 9.95 -1.31
C HIS A 317 20.79 11.12 -0.44
N GLY A 318 21.24 12.31 -0.81
CA GLY A 318 20.90 13.49 -0.04
C GLY A 318 19.85 14.29 -0.76
N ILE A 319 20.21 15.46 -1.26
CA ILE A 319 19.30 16.21 -2.11
C ILE A 319 19.26 15.60 -3.52
N ILE A 320 20.25 14.76 -3.82
CA ILE A 320 20.38 14.06 -5.10
C ILE A 320 19.13 13.19 -5.30
N PHE A 321 18.45 12.88 -4.21
CA PHE A 321 17.20 12.11 -4.20
C PHE A 321 16.13 12.69 -5.09
N GLN A 322 16.20 13.99 -5.31
CA GLN A 322 15.13 14.62 -6.07
C GLN A 322 15.18 14.22 -7.55
N TYR A 323 16.33 13.73 -8.02
CA TYR A 323 16.45 13.31 -9.41
C TYR A 323 15.40 12.26 -9.67
N PRO A 324 14.51 12.57 -10.63
CA PRO A 324 13.33 11.82 -11.09
C PRO A 324 13.58 10.32 -11.13
N ALA A 325 14.68 9.93 -11.75
CA ALA A 325 15.03 8.51 -11.86
C ALA A 325 15.17 7.85 -10.49
N ILE A 326 15.63 8.59 -9.51
CA ILE A 326 15.98 8.00 -8.23
C ILE A 326 14.76 7.68 -7.43
N HIS A 327 13.91 8.68 -7.22
CA HIS A 327 12.75 8.48 -6.35
C HIS A 327 11.62 7.70 -7.01
N THR A 328 11.68 7.52 -8.33
CA THR A 328 10.72 6.67 -9.00
C THR A 328 11.14 5.21 -8.85
N SER A 329 12.44 5.00 -8.95
CA SER A 329 13.04 3.67 -8.83
C SER A 329 13.06 3.13 -7.39
N PRO A 330 12.96 1.79 -7.24
CA PRO A 330 13.04 0.95 -6.02
C PRO A 330 14.34 1.13 -5.21
N ARG A 331 14.36 0.67 -3.96
CA ARG A 331 15.45 0.98 -3.03
C ARG A 331 16.86 0.55 -3.49
N TRP A 332 16.95 -0.63 -4.13
CA TRP A 332 18.24 -1.19 -4.50
C TRP A 332 18.82 -0.51 -5.73
N GLN A 333 17.99 0.19 -6.47
CA GLN A 333 18.48 0.86 -7.66
C GLN A 333 18.97 2.25 -7.36
N ARG A 334 18.40 2.83 -6.31
CA ARG A 334 18.70 4.19 -5.96
C ARG A 334 20.16 4.41 -5.69
N GLY A 335 20.73 3.51 -4.88
CA GLY A 335 22.12 3.58 -4.54
C GLY A 335 23.02 3.60 -5.76
N LYS A 336 22.77 2.70 -6.69
CA LYS A 336 23.58 2.63 -7.90
C LYS A 336 23.36 3.82 -8.81
N ILE A 337 22.14 4.35 -8.83
CA ILE A 337 21.85 5.56 -9.56
C ILE A 337 22.49 6.83 -8.93
N ALA A 338 22.45 6.93 -7.61
CA ALA A 338 23.07 8.04 -6.91
C ALA A 338 24.57 8.03 -7.11
N ARG A 339 25.16 6.88 -6.85
CA ARG A 339 26.60 6.74 -6.96
C ARG A 339 27.06 7.14 -8.36
N ALA A 340 26.28 6.73 -9.35
CA ALA A 340 26.63 7.02 -10.72
C ALA A 340 26.43 8.49 -11.02
N LEU A 341 25.33 9.03 -10.53
CA LEU A 341 25.00 10.41 -10.75
C LEU A 341 26.02 11.36 -10.14
N ALA A 342 26.28 11.18 -8.85
CA ALA A 342 27.26 12.02 -8.15
C ALA A 342 28.57 12.06 -8.91
N ALA A 343 28.96 10.89 -9.42
CA ALA A 343 30.18 10.74 -10.19
C ALA A 343 30.21 11.67 -11.39
N LYS A 344 29.10 11.67 -12.13
CA LYS A 344 28.94 12.49 -13.32
C LYS A 344 28.89 13.96 -12.90
N LEU A 345 28.33 14.19 -11.72
CA LEU A 345 28.20 15.53 -11.17
C LEU A 345 29.57 16.19 -10.91
N ALA A 346 30.50 15.49 -10.26
CA ALA A 346 31.81 16.08 -10.00
C ALA A 346 32.48 16.39 -11.33
N ILE A 347 32.30 15.50 -12.32
CA ILE A 347 32.78 15.76 -13.67
C ILE A 347 32.07 17.00 -14.26
N ALA A 348 30.76 17.08 -14.07
CA ALA A 348 30.01 18.24 -14.53
C ALA A 348 30.48 19.51 -13.86
N ALA A 349 30.67 19.44 -12.55
CA ALA A 349 31.09 20.59 -11.79
C ALA A 349 32.47 21.12 -12.12
N ARG A 350 33.40 20.19 -12.27
CA ARG A 350 34.80 20.49 -12.47
C ARG A 350 35.12 21.19 -13.79
N VAL A 351 34.37 20.82 -14.83
CA VAL A 351 34.53 21.49 -16.12
C VAL A 351 34.00 22.92 -16.00
N ASP A 352 33.01 23.09 -15.16
CA ASP A 352 32.39 24.38 -14.96
C ASP A 352 33.24 25.38 -14.22
N ALA A 353 33.79 24.94 -13.10
CA ALA A 353 34.54 25.83 -12.27
C ALA A 353 35.88 26.11 -12.95
N PHE A 354 36.53 25.04 -13.43
CA PHE A 354 37.85 25.16 -14.05
C PHE A 354 37.69 25.53 -15.52
N SER A 355 36.54 26.16 -15.76
CA SER A 355 36.32 27.09 -16.87
C SER A 355 36.16 26.37 -18.21
N GLY A 356 36.06 25.06 -18.14
CA GLY A 356 35.82 24.27 -19.32
C GLY A 356 34.57 24.74 -20.03
N ARG A 357 34.58 24.56 -21.34
CA ARG A 357 33.46 24.77 -22.24
C ARG A 357 32.41 23.66 -22.05
N PHE A 358 31.18 23.85 -22.53
CA PHE A 358 30.11 22.86 -22.38
C PHE A 358 30.47 21.47 -22.92
N ILE A 359 30.25 20.43 -22.10
CA ILE A 359 30.45 19.02 -22.42
C ILE A 359 29.33 18.13 -21.87
N GLY A 360 28.19 18.76 -21.55
CA GLY A 360 27.05 18.15 -20.88
C GLY A 360 26.30 17.02 -21.55
N ASP A 361 26.42 16.97 -22.88
CA ASP A 361 25.74 15.98 -23.72
C ASP A 361 26.21 14.54 -23.56
N GLN A 362 27.52 14.33 -23.71
CA GLN A 362 28.09 13.00 -23.63
C GLN A 362 28.03 12.53 -22.17
N LEU A 363 28.12 13.46 -21.23
CA LEU A 363 27.96 13.16 -19.80
C LEU A 363 26.60 12.57 -19.50
N ASN A 364 25.58 13.16 -20.09
CA ASN A 364 24.22 12.66 -20.02
C ASN A 364 24.05 11.31 -20.64
N GLU A 365 24.67 11.18 -21.81
CA GLU A 365 24.65 9.96 -22.55
C GLU A 365 25.26 8.87 -21.68
N GLN A 366 26.46 9.19 -21.17
CA GLN A 366 27.20 8.32 -20.27
C GLN A 366 26.36 7.96 -19.06
N LEU A 367 25.61 8.93 -18.54
CA LEU A 367 24.76 8.73 -17.37
C LEU A 367 23.57 7.82 -17.58
N LYS A 368 22.85 8.09 -18.65
CA LYS A 368 21.65 7.35 -18.99
C LYS A 368 21.99 5.92 -19.40
N LYS A 369 23.19 5.73 -19.94
CA LYS A 369 23.72 4.40 -20.27
C LYS A 369 23.80 3.56 -19.00
N ARG A 370 24.57 4.07 -18.02
CA ARG A 370 24.78 3.39 -16.76
C ARG A 370 23.43 3.15 -16.05
N ILE A 371 22.46 4.04 -16.27
CA ILE A 371 21.13 3.87 -15.70
C ILE A 371 20.46 2.66 -16.32
N ASP A 372 20.63 2.53 -17.62
CA ASP A 372 20.14 1.36 -18.35
C ASP A 372 20.84 0.05 -17.97
N GLU A 373 22.16 0.06 -17.76
CA GLU A 373 22.81 -1.20 -17.42
C GLU A 373 22.18 -1.64 -16.09
N ILE A 374 22.07 -0.68 -15.19
CA ILE A 374 21.49 -0.88 -13.85
C ILE A 374 20.07 -1.42 -13.84
N LYS A 375 19.20 -0.84 -14.67
CA LYS A 375 17.79 -1.24 -14.65
C LYS A 375 17.51 -2.59 -15.29
N GLU A 376 18.47 -3.06 -16.06
CA GLU A 376 18.37 -4.34 -16.76
C GLU A 376 18.94 -5.44 -15.89
N LYS A 377 18.29 -5.68 -14.77
CA LYS A 377 18.69 -6.75 -13.88
C LYS A 377 17.55 -7.14 -12.95
N ALA B 7 48.51 19.86 -22.20
CA ALA B 7 47.58 20.07 -21.10
C ALA B 7 48.09 21.25 -20.27
N SER B 8 47.17 21.92 -19.54
CA SER B 8 47.45 23.18 -18.84
C SER B 8 47.48 23.09 -17.30
N TYR B 9 46.92 22.01 -16.74
CA TYR B 9 46.89 21.85 -15.28
C TYR B 9 48.22 21.29 -14.72
N VAL B 10 49.13 20.97 -15.63
CA VAL B 10 50.49 20.57 -15.26
C VAL B 10 51.40 21.81 -15.13
N LYS B 11 51.79 22.16 -13.91
CA LYS B 11 52.49 23.42 -13.69
C LYS B 11 53.91 23.29 -14.23
N PHE B 12 54.54 22.15 -13.98
CA PHE B 12 55.92 21.98 -14.42
C PHE B 12 56.16 20.70 -15.21
N GLU B 13 57.38 20.57 -15.72
CA GLU B 13 57.78 19.53 -16.65
C GLU B 13 58.57 18.39 -16.03
N VAL B 14 58.14 17.14 -16.24
CA VAL B 14 58.86 16.03 -15.61
C VAL B 14 59.79 15.26 -16.54
N PRO B 15 61.10 15.34 -16.27
CA PRO B 15 61.96 14.51 -17.10
C PRO B 15 61.71 13.05 -16.82
N GLN B 16 61.75 12.28 -17.88
CA GLN B 16 61.35 10.89 -17.84
C GLN B 16 62.25 10.05 -16.98
N ASP B 17 63.47 10.52 -16.68
CA ASP B 17 64.24 9.79 -15.69
C ASP B 17 63.49 9.93 -14.34
N LEU B 18 62.94 11.13 -14.02
CA LEU B 18 62.08 11.36 -12.82
C LEU B 18 60.67 10.71 -12.94
N ALA B 19 60.00 10.83 -14.09
CA ALA B 19 58.67 10.20 -14.28
C ALA B 19 58.65 8.70 -14.00
N ASP B 20 59.72 8.01 -14.37
CA ASP B 20 59.81 6.56 -14.23
C ASP B 20 60.18 6.18 -12.81
N LYS B 21 61.13 6.93 -12.22
CA LYS B 21 61.51 6.70 -10.83
C LYS B 21 60.28 6.95 -9.96
N VAL B 22 59.32 7.70 -10.49
CA VAL B 22 58.04 7.88 -9.84
C VAL B 22 57.26 6.59 -9.78
N LEU B 23 56.96 6.05 -10.95
CA LEU B 23 56.17 4.83 -11.09
C LEU B 23 56.68 3.70 -10.24
N GLU B 24 58.01 3.54 -10.20
CA GLU B 24 58.66 2.54 -9.34
C GLU B 24 58.39 2.80 -7.85
N ALA B 25 58.48 4.06 -7.39
CA ALA B 25 58.14 4.42 -5.99
C ALA B 25 56.69 4.07 -5.63
N VAL B 26 55.79 4.11 -6.62
CA VAL B 26 54.39 3.75 -6.41
C VAL B 26 54.32 2.28 -6.05
N ARG B 27 54.97 1.47 -6.88
CA ARG B 27 54.93 0.01 -6.81
C ARG B 27 55.42 -0.56 -5.48
N LYS B 28 56.58 -0.12 -5.05
CA LYS B 28 57.17 -0.59 -3.80
C LYS B 28 56.19 -0.26 -2.66
N ALA B 29 55.35 0.77 -2.84
CA ALA B 29 54.36 1.22 -1.84
C ALA B 29 53.06 0.41 -1.78
N LYS B 30 52.74 -0.30 -2.84
CA LYS B 30 51.69 -1.31 -2.79
C LYS B 30 52.13 -2.48 -1.94
N GLU B 31 53.37 -2.89 -2.15
CA GLU B 31 53.91 -4.03 -1.40
C GLU B 31 54.17 -3.69 0.07
N SER B 32 55.02 -2.69 0.32
CA SER B 32 55.53 -2.46 1.68
C SER B 32 54.75 -1.38 2.39
N GLY B 33 54.00 -0.59 1.65
CA GLY B 33 53.24 0.44 2.29
C GLY B 33 51.76 0.38 1.99
N LYS B 34 51.18 1.56 2.00
CA LYS B 34 49.77 1.72 1.77
C LYS B 34 49.45 2.83 0.76
N ILE B 35 48.80 2.47 -0.35
CA ILE B 35 48.37 3.48 -1.34
C ILE B 35 46.88 3.50 -1.62
N LYS B 36 46.45 4.57 -2.30
CA LYS B 36 45.08 4.85 -2.77
C LYS B 36 44.92 5.17 -4.27
N LYS B 37 43.93 4.58 -4.94
CA LYS B 37 43.81 4.74 -6.39
C LYS B 37 42.46 5.26 -6.92
N GLY B 38 42.49 6.19 -7.85
CA GLY B 38 41.28 6.79 -8.37
C GLY B 38 41.18 8.26 -7.94
N THR B 39 40.43 9.07 -8.68
CA THR B 39 40.38 10.51 -8.40
C THR B 39 39.64 10.93 -7.13
N ASN B 40 38.53 10.28 -6.88
CA ASN B 40 37.71 10.63 -5.73
C ASN B 40 38.40 10.25 -4.42
N GLU B 41 39.11 9.12 -4.42
CA GLU B 41 39.86 8.68 -3.24
C GLU B 41 41.12 9.54 -3.00
N THR B 42 41.76 10.00 -4.07
CA THR B 42 42.93 10.90 -3.93
C THR B 42 42.50 12.18 -3.30
N THR B 43 41.33 12.62 -3.75
CA THR B 43 40.71 13.82 -3.27
C THR B 43 40.54 13.72 -1.75
N LYS B 44 40.03 12.58 -1.26
CA LYS B 44 39.91 12.36 0.19
C LYS B 44 41.24 12.19 0.93
N ALA B 45 42.21 11.55 0.28
CA ALA B 45 43.50 11.32 0.89
C ALA B 45 44.26 12.65 1.00
N VAL B 46 43.92 13.60 0.12
CA VAL B 46 44.45 14.97 0.15
C VAL B 46 43.70 15.80 1.18
N GLU B 47 42.38 15.72 1.16
CA GLU B 47 41.53 16.34 2.17
C GLU B 47 41.86 15.97 3.61
N ARG B 48 42.24 14.72 3.83
CA ARG B 48 42.50 14.16 5.15
C ARG B 48 43.94 14.26 5.68
N GLY B 49 44.85 14.70 4.82
CA GLY B 49 46.27 14.78 5.13
C GLY B 49 46.95 13.43 5.22
N GLN B 50 46.41 12.45 4.51
CA GLN B 50 47.00 11.10 4.49
C GLN B 50 48.06 10.86 3.42
N ALA B 51 47.90 11.50 2.28
CA ALA B 51 48.84 11.31 1.20
C ALA B 51 50.12 12.10 1.44
N LYS B 52 51.28 11.46 1.23
CA LYS B 52 52.57 12.13 1.41
C LYS B 52 53.02 12.58 0.06
N LEU B 53 52.57 11.83 -0.94
CA LEU B 53 52.88 12.08 -2.34
C LEU B 53 51.63 11.75 -3.14
N VAL B 54 51.20 12.69 -3.98
CA VAL B 54 49.98 12.54 -4.82
C VAL B 54 50.32 12.54 -6.28
N ILE B 55 49.94 11.48 -6.97
CA ILE B 55 50.36 11.30 -8.36
C ILE B 55 49.19 11.49 -9.31
N ILE B 56 49.33 12.44 -10.23
CA ILE B 56 48.29 12.87 -11.16
C ILE B 56 48.72 12.66 -12.59
N ALA B 57 47.86 12.12 -13.45
CA ALA B 57 48.27 11.84 -14.83
C ALA B 57 48.30 13.13 -15.69
N GLU B 58 49.09 13.15 -16.78
CA GLU B 58 49.18 14.32 -17.69
C GLU B 58 48.32 14.13 -18.95
N ASP B 59 47.84 12.90 -19.16
CA ASP B 59 47.19 12.54 -20.41
C ASP B 59 45.72 12.27 -20.16
N VAL B 60 45.19 12.99 -19.20
CA VAL B 60 43.82 12.78 -18.77
C VAL B 60 42.88 13.46 -19.75
N GLN B 61 41.70 12.87 -19.97
CA GLN B 61 40.71 13.47 -20.87
C GLN B 61 39.30 13.34 -20.35
N PRO B 62 38.63 14.46 -20.08
CA PRO B 62 38.98 15.87 -20.22
C PRO B 62 39.73 16.47 -19.03
N GLU B 63 40.54 17.46 -19.35
CA GLU B 63 41.55 18.04 -18.49
C GLU B 63 40.99 18.34 -17.09
N GLU B 64 39.75 18.81 -17.05
CA GLU B 64 39.12 19.33 -15.84
C GLU B 64 38.88 18.34 -14.71
N ILE B 65 38.88 17.04 -14.99
CA ILE B 65 38.59 16.01 -13.99
C ILE B 65 39.52 16.06 -12.76
N VAL B 66 40.80 16.31 -13.00
CA VAL B 66 41.78 16.24 -11.95
C VAL B 66 42.30 17.63 -11.58
N ALA B 67 41.68 18.66 -12.19
CA ALA B 67 42.16 20.04 -12.05
C ALA B 67 42.18 20.63 -10.63
N HIS B 68 41.29 20.12 -9.78
CA HIS B 68 41.15 20.63 -8.43
C HIS B 68 42.28 20.17 -7.52
N LEU B 69 42.94 19.09 -7.90
CA LEU B 69 43.99 18.52 -7.08
C LEU B 69 45.18 19.46 -6.84
N PRO B 70 45.66 20.17 -7.89
CA PRO B 70 46.72 21.13 -7.58
C PRO B 70 46.34 22.17 -6.53
N LEU B 71 45.14 22.70 -6.63
CA LEU B 71 44.67 23.70 -5.69
C LEU B 71 44.63 23.11 -4.30
N LEU B 72 44.03 21.93 -4.22
CA LEU B 72 43.81 21.26 -2.96
C LEU B 72 45.11 20.97 -2.25
N CYS B 73 46.03 20.43 -3.04
CA CYS B 73 47.27 19.93 -2.54
C CYS B 73 48.10 21.08 -1.99
N ASP B 74 47.90 22.26 -2.57
CA ASP B 74 48.67 23.41 -2.14
C ASP B 74 48.05 23.88 -0.86
N GLU B 75 46.75 23.66 -0.70
CA GLU B 75 46.07 24.01 0.56
C GLU B 75 46.55 23.18 1.72
N LYS B 76 46.71 21.89 1.48
CA LYS B 76 47.15 21.01 2.54
C LYS B 76 48.67 20.81 2.49
N LYS B 77 49.33 21.56 1.60
CA LYS B 77 50.79 21.55 1.41
C LYS B 77 51.25 20.11 1.13
N ILE B 78 50.50 19.38 0.33
CA ILE B 78 50.89 18.05 -0.05
C ILE B 78 51.51 18.02 -1.43
N PRO B 79 52.76 17.54 -1.54
CA PRO B 79 53.39 17.61 -2.85
C PRO B 79 52.66 16.75 -3.87
N TYR B 80 52.68 17.16 -5.14
CA TYR B 80 52.06 16.42 -6.23
C TYR B 80 53.03 16.31 -7.41
N VAL B 81 52.94 15.23 -8.19
CA VAL B 81 53.91 14.89 -9.28
C VAL B 81 53.12 14.43 -10.49
N TYR B 82 53.68 14.53 -11.69
CA TYR B 82 52.98 14.06 -12.89
C TYR B 82 53.62 12.84 -13.52
N VAL B 83 52.82 11.96 -14.11
CA VAL B 83 53.38 10.91 -14.95
C VAL B 83 52.80 11.15 -16.31
N SER B 84 53.46 10.63 -17.34
CA SER B 84 53.13 10.96 -18.71
C SER B 84 51.96 10.10 -19.19
N SER B 85 51.95 8.83 -18.81
CA SER B 85 50.92 7.90 -19.27
C SER B 85 49.99 7.49 -18.16
N LYS B 86 48.68 7.53 -18.47
CA LYS B 86 47.63 7.16 -17.52
C LYS B 86 47.43 5.68 -17.38
N LYS B 87 47.62 4.96 -18.48
CA LYS B 87 47.49 3.52 -18.42
C LYS B 87 48.53 2.96 -17.47
N ALA B 88 49.74 3.49 -17.60
CA ALA B 88 50.90 3.04 -16.84
C ALA B 88 50.73 3.28 -15.35
N LEU B 89 50.13 4.40 -14.97
CA LEU B 89 49.98 4.71 -13.56
C LEU B 89 48.95 3.76 -12.97
N GLY B 90 47.90 3.48 -13.72
CA GLY B 90 46.92 2.53 -13.25
C GLY B 90 47.49 1.14 -13.19
N GLU B 91 48.22 0.75 -14.22
CA GLU B 91 48.78 -0.60 -14.28
C GLU B 91 49.94 -0.76 -13.29
N ALA B 92 50.50 0.37 -12.91
CA ALA B 92 51.44 0.42 -11.80
C ALA B 92 50.76 0.06 -10.49
N CYS B 93 49.55 0.60 -10.28
CA CYS B 93 48.81 0.44 -9.03
C CYS B 93 48.41 -1.01 -8.68
N GLY B 94 48.55 -1.90 -9.66
CA GLY B 94 48.11 -3.28 -9.51
C GLY B 94 46.73 -3.46 -10.11
N LEU B 95 46.37 -2.52 -10.97
CA LEU B 95 45.12 -2.60 -11.70
C LEU B 95 45.48 -2.95 -13.11
N GLN B 96 44.52 -3.42 -13.89
CA GLN B 96 44.82 -3.59 -15.29
C GLN B 96 44.13 -2.51 -16.10
N VAL B 97 43.64 -1.49 -15.40
CA VAL B 97 43.07 -0.33 -16.05
C VAL B 97 43.80 0.95 -15.67
N ALA B 98 43.46 2.03 -16.38
CA ALA B 98 44.06 3.35 -16.16
C ALA B 98 43.62 4.01 -14.87
N THR B 99 44.35 5.06 -14.48
CA THR B 99 43.95 5.87 -13.34
C THR B 99 44.39 7.34 -13.56
N ALA B 100 43.53 8.29 -13.16
CA ALA B 100 43.79 9.70 -13.40
C ALA B 100 44.64 10.35 -12.32
N SER B 101 44.54 9.79 -11.11
CA SER B 101 45.31 10.26 -9.98
C SER B 101 45.42 9.20 -8.92
N ALA B 102 46.49 9.24 -8.12
CA ALA B 102 46.66 8.29 -7.02
C ALA B 102 47.41 8.92 -5.84
N ALA B 103 47.45 8.23 -4.72
CA ALA B 103 48.13 8.75 -3.54
C ALA B 103 48.91 7.68 -2.79
N ILE B 104 50.12 8.00 -2.37
CA ILE B 104 50.86 7.09 -1.52
C ILE B 104 50.60 7.58 -0.11
N LEU B 105 50.11 6.69 0.74
CA LEU B 105 49.86 7.09 2.12
C LEU B 105 51.02 6.78 3.03
N GLU B 106 51.59 5.60 2.79
CA GLU B 106 52.77 5.16 3.48
C GLU B 106 53.71 4.63 2.43
N PRO B 107 54.91 5.19 2.39
CA PRO B 107 55.87 4.76 1.38
C PRO B 107 56.32 3.31 1.55
N GLY B 108 56.45 2.83 2.78
CA GLY B 108 56.99 1.50 2.99
C GLY B 108 58.40 1.56 2.44
N GLU B 109 58.76 0.65 1.54
CA GLU B 109 60.10 0.65 0.93
C GLU B 109 60.19 1.55 -0.31
N ALA B 110 59.71 2.77 -0.13
CA ALA B 110 59.88 3.80 -1.13
C ALA B 110 60.17 5.11 -0.41
N LYS B 111 60.36 5.01 0.90
CA LYS B 111 60.69 6.15 1.76
C LYS B 111 61.85 6.95 1.21
N ASP B 112 62.99 6.28 1.09
CA ASP B 112 64.20 6.91 0.58
C ASP B 112 63.93 7.31 -0.86
N LEU B 113 63.21 6.44 -1.57
CA LEU B 113 62.84 6.67 -2.97
C LEU B 113 61.89 7.84 -3.20
N VAL B 114 60.88 7.97 -2.35
CA VAL B 114 59.93 9.06 -2.40
C VAL B 114 60.59 10.36 -1.99
N ASP B 115 61.23 10.32 -0.82
CA ASP B 115 61.88 11.48 -0.23
C ASP B 115 62.82 12.15 -1.21
N GLU B 116 63.36 11.35 -2.12
CA GLU B 116 64.21 11.84 -3.20
C GLU B 116 63.39 12.54 -4.30
N ILE B 117 62.21 11.99 -4.60
CA ILE B 117 61.34 12.57 -5.64
C ILE B 117 60.76 13.91 -5.23
N ILE B 118 60.18 13.92 -4.04
CA ILE B 118 59.53 15.13 -3.55
C ILE B 118 60.60 16.22 -3.42
N LYS B 119 61.87 15.82 -3.36
CA LYS B 119 62.99 16.78 -3.22
C LYS B 119 63.54 17.13 -4.59
N ARG B 120 63.37 16.26 -5.59
CA ARG B 120 63.75 16.67 -6.93
C ARG B 120 62.69 17.53 -7.57
N VAL B 121 61.43 17.23 -7.28
CA VAL B 121 60.34 18.03 -7.83
C VAL B 121 60.31 19.41 -7.17
N ASN B 122 60.97 19.51 -6.03
CA ASN B 122 61.19 20.78 -5.35
C ASN B 122 62.25 21.63 -6.07
N GLU B 123 63.36 21.01 -6.49
CA GLU B 123 64.44 21.74 -7.17
C GLU B 123 63.87 22.32 -8.46
N ILE B 124 63.03 21.52 -9.12
CA ILE B 124 62.37 21.94 -10.38
C ILE B 124 61.24 22.94 -10.16
N LYS B 125 60.93 23.19 -8.90
CA LYS B 125 59.96 24.20 -8.55
C LYS B 125 60.60 25.52 -8.05
N GLY B 126 61.92 25.57 -7.99
CA GLY B 126 62.64 26.75 -7.51
C GLY B 126 62.65 27.01 -6.02
N LYS B 127 62.85 25.95 -5.25
CA LYS B 127 62.84 25.99 -3.79
C LYS B 127 64.25 25.85 -3.15
N THR B 128 64.58 26.71 -2.18
CA THR B 128 65.84 26.67 -1.42
C THR B 128 65.70 26.15 0.04
N ILE C 5 28.78 48.78 42.95
CA ILE C 5 29.68 48.78 41.81
C ILE C 5 31.04 49.30 42.20
N THR C 6 32.04 48.66 41.65
CA THR C 6 33.43 49.01 41.83
C THR C 6 34.14 48.37 40.64
N VAL C 7 35.17 49.01 40.12
CA VAL C 7 35.98 48.40 39.07
C VAL C 7 37.42 48.38 39.54
N LYS C 8 38.10 47.27 39.31
CA LYS C 8 39.49 47.18 39.72
C LYS C 8 40.30 46.30 38.79
N GLN C 9 41.58 46.65 38.66
CA GLN C 9 42.56 45.93 37.86
C GLN C 9 42.55 44.46 38.25
N THR C 10 43.01 43.58 37.37
CA THR C 10 43.24 42.19 37.70
C THR C 10 44.72 41.91 37.55
N ASN C 11 45.14 40.67 37.75
CA ASN C 11 46.55 40.39 37.55
C ASN C 11 47.04 40.72 36.14
N MET C 12 46.14 40.80 35.18
CA MET C 12 46.57 41.01 33.81
C MET C 12 46.29 42.46 33.29
N GLU C 13 47.28 43.03 32.57
CA GLU C 13 47.24 44.41 32.06
C GLU C 13 46.00 44.74 31.29
N ASN C 14 45.48 45.95 31.49
CA ASN C 14 44.28 46.41 30.82
C ASN C 14 43.15 45.36 30.80
N ILE C 15 43.04 44.55 31.84
CA ILE C 15 41.88 43.67 31.98
C ILE C 15 41.31 43.83 33.38
N TYR C 16 40.00 44.09 33.45
CA TYR C 16 39.38 44.46 34.73
C TYR C 16 38.21 43.60 35.17
N GLU C 17 37.95 43.68 36.49
CA GLU C 17 36.80 43.09 37.17
C GLU C 17 35.84 44.12 37.75
N CYS C 18 34.58 43.72 37.85
CA CYS C 18 33.54 44.53 38.46
C CYS C 18 32.82 43.99 39.68
N GLU C 19 32.82 44.77 40.76
CA GLU C 19 31.87 44.54 41.85
C GLU C 19 30.56 45.08 41.30
N PHE C 20 29.45 44.36 41.39
CA PHE C 20 28.27 44.89 40.72
C PHE C 20 27.12 45.24 41.65
N ASN C 21 26.10 45.85 41.06
CA ASN C 21 24.89 46.22 41.78
C ASN C 21 24.43 45.09 42.74
N ASP C 22 24.62 43.83 42.34
CA ASP C 22 24.17 42.69 43.13
C ASP C 22 25.27 41.86 43.78
N GLY C 23 26.43 41.84 43.15
CA GLY C 23 27.50 41.00 43.65
C GLY C 23 27.84 39.87 42.70
N SER C 24 27.72 40.15 41.41
CA SER C 24 28.22 39.22 40.43
C SER C 24 29.51 39.86 39.94
N PHE C 25 30.43 39.05 39.48
CA PHE C 25 31.74 39.54 39.09
C PHE C 25 31.92 39.24 37.60
N ARG C 26 32.04 40.29 36.80
CA ARG C 26 32.25 40.11 35.37
C ARG C 26 33.45 40.80 34.76
N LEU C 27 34.17 40.10 33.89
CA LEU C 27 35.35 40.65 33.22
C LEU C 27 35.02 41.83 32.29
N CYS C 28 35.98 42.73 32.10
CA CYS C 28 35.82 43.82 31.14
C CYS C 28 37.18 44.43 30.76
N THR C 29 37.19 45.24 29.69
CA THR C 29 38.41 45.92 29.20
C THR C 29 38.20 47.43 29.06
N ARG C 30 39.30 48.20 29.05
CA ARG C 30 39.18 49.66 28.99
C ARG C 30 38.83 50.07 27.57
N ASN C 31 37.65 50.68 27.42
CA ASN C 31 37.16 50.90 26.06
C ASN C 31 37.97 51.93 25.31
N LEU C 32 38.59 51.41 24.26
CA LEU C 32 39.36 52.19 23.32
C LEU C 32 38.49 53.16 22.53
N VAL C 33 37.23 52.85 22.28
CA VAL C 33 36.35 53.76 21.53
C VAL C 33 35.06 54.11 22.26
N PRO C 34 35.17 55.02 23.24
CA PRO C 34 34.03 55.27 24.12
C PRO C 34 32.72 55.63 23.43
N ASN C 35 31.64 55.17 24.07
CA ASN C 35 30.24 55.23 23.61
C ASN C 35 29.90 54.23 22.51
N PHE C 36 30.81 53.32 22.19
CA PHE C 36 30.61 52.44 21.06
C PHE C 36 30.85 50.94 21.39
N ASN C 37 29.88 50.09 21.04
CA ASN C 37 29.85 48.66 21.38
C ASN C 37 29.80 47.75 20.15
N VAL C 38 30.67 46.73 20.11
CA VAL C 38 30.82 45.89 18.92
C VAL C 38 29.85 44.72 18.80
N TYR C 39 29.51 44.07 19.92
CA TYR C 39 28.34 43.18 19.97
C TYR C 39 27.35 43.93 20.84
N GLY C 40 26.57 43.26 21.67
CA GLY C 40 25.66 44.05 22.46
C GLY C 40 26.17 44.50 23.83
N GLU C 41 27.47 44.35 24.07
CA GLU C 41 27.99 44.42 25.44
C GLU C 41 27.62 45.71 26.23
N ARG C 42 27.47 45.55 27.55
CA ARG C 42 27.18 46.62 28.50
C ARG C 42 28.36 47.58 28.54
N LEU C 43 28.07 48.87 28.59
CA LEU C 43 29.13 49.82 28.83
C LEU C 43 29.03 50.30 30.25
N ILE C 44 30.16 50.29 30.97
CA ILE C 44 30.13 50.68 32.38
C ILE C 44 31.19 51.73 32.69
N LYS C 45 30.71 52.84 33.28
CA LYS C 45 31.52 53.96 33.75
C LYS C 45 31.84 53.88 35.25
N TYR C 46 33.10 54.10 35.61
CA TYR C 46 33.48 54.16 37.03
C TYR C 46 34.62 55.16 37.23
N GLU C 47 34.40 56.10 38.16
CA GLU C 47 35.30 57.25 38.35
C GLU C 47 35.63 57.86 37.00
N GLY C 48 34.58 58.00 36.19
CA GLY C 48 34.65 58.66 34.92
C GLY C 48 35.51 57.99 33.87
N VAL C 49 35.69 56.69 33.99
CA VAL C 49 36.35 55.97 32.89
C VAL C 49 35.43 54.82 32.42
N GLU C 50 35.40 54.58 31.11
CA GLU C 50 34.52 53.58 30.49
C GLU C 50 35.21 52.28 30.12
N TYR C 51 34.59 51.16 30.49
CA TYR C 51 35.12 49.83 30.25
C TYR C 51 34.12 49.00 29.41
N ARG C 52 34.59 48.01 28.65
CA ARG C 52 33.63 47.14 27.95
C ARG C 52 33.43 45.77 28.54
N GLU C 53 32.18 45.42 28.81
CA GLU C 53 31.93 44.14 29.45
C GLU C 53 32.21 42.97 28.51
N TRP C 54 33.06 42.09 29.01
CA TRP C 54 33.66 41.02 28.24
C TRP C 54 33.03 39.68 28.53
N ASN C 55 31.94 39.37 27.81
CA ASN C 55 31.24 38.12 28.08
C ASN C 55 32.03 36.84 27.75
N ALA C 56 32.37 36.02 28.74
CA ALA C 56 33.20 34.83 28.46
C ALA C 56 32.50 33.84 27.54
N PHE C 57 31.17 33.82 27.61
CA PHE C 57 30.39 32.89 26.83
C PHE C 57 30.49 33.09 25.35
N ARG C 58 30.85 34.31 24.94
CA ARG C 58 31.04 34.61 23.53
C ARG C 58 32.53 34.54 23.19
N SER C 59 33.35 35.10 24.08
CA SER C 59 34.78 35.19 23.82
C SER C 59 35.63 34.16 24.54
N LYS C 60 36.35 33.40 23.74
CA LYS C 60 37.15 32.32 24.22
C LYS C 60 38.25 32.81 25.11
N LEU C 61 38.76 34.00 24.87
CA LEU C 61 39.87 34.48 25.67
C LEU C 61 39.47 34.69 27.11
N ALA C 62 38.32 35.30 27.28
CA ALA C 62 37.79 35.54 28.61
C ALA C 62 37.51 34.21 29.29
N GLY C 63 37.13 33.20 28.51
CA GLY C 63 36.99 31.89 29.11
C GLY C 63 38.29 31.39 29.72
N ALA C 64 39.33 31.34 28.90
CA ALA C 64 40.60 30.85 29.37
C ALA C 64 41.06 31.66 30.59
N ILE C 65 40.78 32.97 30.56
CA ILE C 65 41.12 33.81 31.70
C ILE C 65 40.33 33.34 32.89
N LEU C 66 39.01 33.21 32.73
CA LEU C 66 38.15 32.74 33.80
C LEU C 66 38.40 31.28 34.18
N LYS C 67 39.24 30.58 33.44
CA LYS C 67 39.56 29.20 33.77
C LYS C 67 40.98 29.05 34.29
N GLY C 68 41.64 30.17 34.59
CA GLY C 68 42.93 30.10 35.25
C GLY C 68 44.14 30.18 34.37
N LEU C 69 44.05 30.93 33.27
CA LEU C 69 45.19 31.16 32.39
C LEU C 69 46.35 31.76 33.16
N LYS C 70 47.45 31.00 33.24
CA LYS C 70 48.56 31.38 34.09
C LYS C 70 49.02 32.82 33.84
N THR C 71 49.40 33.09 32.60
CA THR C 71 49.95 34.38 32.21
C THR C 71 49.34 34.80 30.91
N ASN C 72 49.15 36.10 30.75
CA ASN C 72 48.55 36.57 29.54
C ASN C 72 49.55 37.30 28.70
N PRO C 73 49.90 36.73 27.54
CA PRO C 73 50.94 37.33 26.70
C PRO C 73 50.42 38.55 25.95
N ILE C 74 49.13 38.82 26.08
CA ILE C 74 48.55 40.02 25.50
C ILE C 74 48.35 41.17 26.51
N ARG C 75 49.11 42.25 26.30
CA ARG C 75 49.12 43.38 27.23
C ARG C 75 49.25 44.72 26.53
N LYS C 76 49.45 45.78 27.31
CA LYS C 76 49.64 47.11 26.77
C LYS C 76 50.70 47.07 25.66
N GLY C 77 50.26 47.42 24.46
CA GLY C 77 51.09 47.45 23.26
C GLY C 77 51.63 46.17 22.63
N THR C 78 50.96 45.05 22.80
CA THR C 78 51.45 43.82 22.21
C THR C 78 51.06 43.83 20.74
N LYS C 79 51.96 43.33 19.91
CA LYS C 79 51.69 43.17 18.51
C LYS C 79 51.21 41.73 18.29
N VAL C 80 49.93 41.54 17.91
CA VAL C 80 49.37 40.18 17.75
C VAL C 80 48.79 39.88 16.35
N LEU C 81 49.13 38.71 15.80
CA LEU C 81 48.48 38.16 14.58
C LEU C 81 47.43 37.17 14.97
N TYR C 82 46.20 37.49 14.59
CA TYR C 82 44.99 36.82 15.01
C TYR C 82 44.26 36.09 13.87
N LEU C 83 44.55 34.81 13.70
CA LEU C 83 43.95 34.05 12.60
C LEU C 83 42.53 33.59 12.88
N GLY C 84 41.60 33.89 11.98
CA GLY C 84 40.19 33.53 12.14
C GLY C 84 39.44 34.62 12.92
N ALA C 85 39.52 35.86 12.46
CA ALA C 85 39.04 37.00 13.22
C ALA C 85 37.56 37.03 13.35
N ALA C 86 36.87 36.46 12.37
CA ALA C 86 35.41 36.42 12.38
C ALA C 86 34.77 37.79 12.62
N SER C 87 33.69 37.82 13.38
CA SER C 87 32.92 39.04 13.50
C SER C 87 33.59 40.15 14.28
N GLY C 88 34.63 39.82 15.03
CA GLY C 88 35.42 40.81 15.75
C GLY C 88 35.13 40.92 17.22
N THR C 89 34.39 39.95 17.74
CA THR C 89 34.08 39.93 19.17
C THR C 89 35.32 39.88 20.02
N THR C 90 36.08 38.80 19.87
CA THR C 90 37.27 38.65 20.66
C THR C 90 38.29 39.71 20.26
N ILE C 91 38.53 39.89 18.95
CA ILE C 91 39.60 40.79 18.49
C ILE C 91 39.36 42.27 18.86
N SER C 92 38.11 42.60 19.13
CA SER C 92 37.78 43.94 19.55
C SER C 92 38.33 44.12 20.92
N HIS C 93 38.24 43.07 21.74
CA HIS C 93 38.71 43.15 23.10
C HIS C 93 40.25 43.12 23.17
N VAL C 94 40.91 42.41 22.25
CA VAL C 94 42.35 42.45 22.32
C VAL C 94 42.84 43.81 21.80
N SER C 95 42.01 44.53 21.06
CA SER C 95 42.31 45.91 20.74
C SER C 95 42.39 46.75 22.01
N ASP C 96 41.38 46.62 22.86
CA ASP C 96 41.34 47.34 24.12
C ASP C 96 42.54 47.09 25.00
N ILE C 97 43.03 45.86 24.92
CA ILE C 97 44.17 45.43 25.70
C ILE C 97 45.45 46.00 25.13
N ILE C 98 45.66 45.92 23.82
CA ILE C 98 46.91 46.40 23.28
C ILE C 98 47.05 47.96 23.20
N GLU C 99 45.96 48.68 22.99
CA GLU C 99 45.87 50.15 23.30
C GLU C 99 46.66 51.17 22.43
N LEU C 100 46.47 51.08 21.11
CA LEU C 100 46.95 52.04 20.10
C LEU C 100 48.43 51.86 19.84
N ASN C 101 49.21 51.71 20.90
CA ASN C 101 50.62 51.44 20.71
C ASN C 101 50.76 50.07 20.14
N GLY C 102 50.00 49.13 20.67
CA GLY C 102 50.11 47.78 20.18
C GLY C 102 49.30 47.55 18.93
N LYS C 103 49.64 46.51 18.19
CA LYS C 103 48.99 46.27 16.92
C LYS C 103 48.51 44.82 16.76
N ALA C 104 47.34 44.68 16.13
CA ALA C 104 46.67 43.40 15.94
C ALA C 104 46.25 43.14 14.52
N TYR C 105 46.84 42.13 13.91
CA TYR C 105 46.52 41.85 12.53
C TYR C 105 45.47 40.76 12.42
N GLY C 106 44.28 41.08 11.94
CA GLY C 106 43.21 40.09 11.88
C GLY C 106 42.83 39.32 10.60
N VAL C 107 43.22 38.04 10.48
CA VAL C 107 42.84 37.25 9.30
C VAL C 107 41.47 36.52 9.38
N GLU C 108 40.71 36.58 8.30
CA GLU C 108 39.40 35.97 8.20
C GLU C 108 38.98 35.86 6.74
N PHE C 109 38.66 34.65 6.28
CA PHE C 109 38.43 34.45 4.83
C PHE C 109 36.96 34.26 4.39
N SER C 110 36.01 34.45 5.29
CA SER C 110 34.57 34.38 4.98
C SER C 110 34.05 35.80 4.80
N PRO C 111 33.72 36.18 3.55
CA PRO C 111 33.35 37.55 3.20
C PRO C 111 32.11 37.97 3.98
N ARG C 112 31.21 37.02 4.17
CA ARG C 112 29.93 37.26 4.84
C ARG C 112 30.09 37.86 6.23
N VAL C 113 31.25 37.57 6.82
CA VAL C 113 31.57 37.87 8.22
C VAL C 113 32.59 39.03 8.32
N VAL C 114 33.55 39.11 7.39
CA VAL C 114 34.48 40.25 7.31
C VAL C 114 33.72 41.56 7.13
N ARG C 115 32.55 41.43 6.54
CA ARG C 115 31.59 42.49 6.39
C ARG C 115 31.31 43.26 7.69
N GLU C 116 31.15 42.57 8.81
CA GLU C 116 31.00 43.25 10.09
C GLU C 116 32.36 43.51 10.77
N LEU C 117 33.37 42.75 10.37
CA LEU C 117 34.70 42.95 10.90
C LEU C 117 35.16 44.33 10.43
N LEU C 118 34.80 44.65 9.20
CA LEU C 118 35.01 45.98 8.63
C LEU C 118 34.56 47.10 9.57
N LEU C 119 33.32 47.03 10.03
CA LEU C 119 32.77 48.08 10.89
C LEU C 119 33.63 48.27 12.11
N VAL C 120 34.00 47.15 12.74
CA VAL C 120 34.85 47.13 13.92
C VAL C 120 36.26 47.63 13.64
N ALA C 121 36.74 47.37 12.43
CA ALA C 121 38.09 47.72 12.11
C ALA C 121 38.19 49.20 11.75
N GLN C 122 37.04 49.80 11.40
CA GLN C 122 37.04 51.22 11.10
C GLN C 122 37.27 52.11 12.29
N ARG C 123 36.47 51.99 13.35
CA ARG C 123 36.68 52.85 14.52
C ARG C 123 38.03 52.58 15.21
N ARG C 124 38.67 51.45 14.93
CA ARG C 124 39.83 51.04 15.74
C ARG C 124 41.14 50.88 14.96
N PRO C 125 42.01 51.91 15.06
CA PRO C 125 43.36 51.91 14.47
C PRO C 125 44.23 50.80 15.02
N ASN C 126 43.83 50.22 16.14
CA ASN C 126 44.47 49.01 16.62
C ASN C 126 44.40 47.88 15.61
N ILE C 127 43.33 47.84 14.82
CA ILE C 127 43.01 46.63 14.07
C ILE C 127 43.27 46.69 12.56
N PHE C 128 44.01 45.72 12.02
CA PHE C 128 44.32 45.74 10.57
C PHE C 128 43.68 44.52 9.89
N PRO C 129 42.45 44.69 9.39
CA PRO C 129 41.61 43.66 8.79
C PRO C 129 42.21 43.05 7.53
N LEU C 130 42.07 41.74 7.36
CA LEU C 130 42.54 41.04 6.18
C LEU C 130 41.65 39.90 5.78
N LEU C 131 40.94 40.07 4.69
CA LEU C 131 40.15 39.01 4.11
C LEU C 131 41.10 38.08 3.42
N ALA C 132 41.55 37.05 4.13
CA ALA C 132 42.45 36.10 3.52
C ALA C 132 42.38 34.71 4.11
N ASP C 133 42.96 33.75 3.41
CA ASP C 133 43.02 32.37 3.88
C ASP C 133 44.27 32.11 4.72
N ALA C 134 44.11 31.83 6.01
CA ALA C 134 45.27 31.63 6.84
C ALA C 134 46.16 30.47 6.35
N ARG C 135 45.68 29.68 5.41
CA ARG C 135 46.52 28.65 4.84
C ARG C 135 47.59 29.16 3.89
N PHE C 136 47.42 30.37 3.38
CA PHE C 136 48.44 31.00 2.55
C PHE C 136 48.91 32.33 3.06
N PRO C 137 49.86 32.33 4.00
CA PRO C 137 50.41 33.59 4.51
C PRO C 137 51.19 34.42 3.47
N GLN C 138 51.47 33.85 2.31
CA GLN C 138 52.08 34.59 1.19
C GLN C 138 51.20 35.73 0.79
N SER C 139 49.92 35.61 1.10
CA SER C 139 48.96 36.60 0.68
C SER C 139 48.94 37.83 1.56
N TYR C 140 49.18 37.64 2.85
CA TYR C 140 49.24 38.76 3.80
C TYR C 140 50.67 39.06 4.25
N LYS C 141 51.64 38.35 3.69
CA LYS C 141 53.05 38.71 3.85
C LYS C 141 53.28 40.20 3.64
N SER C 142 52.60 40.80 2.66
CA SER C 142 52.99 42.14 2.26
C SER C 142 52.28 43.29 3.01
N VAL C 143 51.66 42.98 4.15
CA VAL C 143 50.93 44.00 4.91
C VAL C 143 51.37 43.92 6.37
N VAL C 144 51.75 42.72 6.83
CA VAL C 144 52.05 42.53 8.24
C VAL C 144 53.57 42.56 8.66
N GLU C 145 53.80 42.61 9.97
CA GLU C 145 55.15 42.48 10.52
C GLU C 145 55.24 41.21 11.33
N ASN C 146 56.34 41.02 12.05
CA ASN C 146 56.41 39.90 12.98
C ASN C 146 55.75 40.24 14.30
N VAL C 147 55.30 39.20 15.01
CA VAL C 147 54.37 39.43 16.09
C VAL C 147 54.76 38.74 17.37
N ASP C 148 54.26 39.28 18.47
CA ASP C 148 54.61 38.76 19.79
C ASP C 148 53.70 37.59 20.13
N VAL C 149 52.42 37.77 19.81
CA VAL C 149 51.40 36.75 20.10
C VAL C 149 50.67 36.28 18.81
N LEU C 150 50.58 34.97 18.64
CA LEU C 150 49.83 34.37 17.52
C LEU C 150 48.55 33.71 18.05
N TYR C 151 47.45 34.45 18.01
CA TYR C 151 46.19 33.94 18.49
C TYR C 151 45.49 33.28 17.32
N VAL C 152 45.27 31.98 17.44
CA VAL C 152 44.73 31.18 16.36
C VAL C 152 43.43 30.59 16.82
N ASP C 153 42.34 31.09 16.25
CA ASP C 153 41.01 30.55 16.53
C ASP C 153 40.30 30.17 15.24
N ILE C 154 40.80 29.16 14.57
CA ILE C 154 40.17 28.85 13.30
C ILE C 154 39.59 27.47 13.33
N ALA C 155 38.38 27.35 12.78
CA ALA C 155 37.71 26.07 12.63
C ALA C 155 38.18 25.40 11.36
N GLN C 156 39.15 24.51 11.53
CA GLN C 156 39.80 23.80 10.43
C GLN C 156 40.38 22.52 10.95
N PRO C 157 40.30 21.45 10.16
CA PRO C 157 40.90 20.15 10.53
C PRO C 157 42.41 20.21 10.63
N ASP C 158 43.04 21.02 9.80
CA ASP C 158 44.48 21.21 9.90
C ASP C 158 44.81 22.52 10.60
N GLN C 159 43.91 22.96 11.49
CA GLN C 159 44.07 24.23 12.17
C GLN C 159 45.42 24.35 12.87
N THR C 160 45.90 23.24 13.40
CA THR C 160 47.20 23.23 14.07
C THR C 160 48.35 23.45 13.11
N ASP C 161 48.31 22.74 11.99
CA ASP C 161 49.30 22.96 10.96
C ASP C 161 49.30 24.42 10.44
N ILE C 162 48.13 24.99 10.19
CA ILE C 162 47.97 26.40 9.83
C ILE C 162 48.61 27.29 10.84
N ALA C 163 48.36 27.03 12.11
CA ALA C 163 48.98 27.83 13.14
C ALA C 163 50.48 27.74 12.98
N ILE C 164 50.98 26.52 12.85
CA ILE C 164 52.42 26.33 12.76
C ILE C 164 53.06 27.05 11.59
N TYR C 165 52.47 26.89 10.41
CA TYR C 165 52.97 27.56 9.21
C TYR C 165 52.98 29.07 9.45
N ASN C 166 51.91 29.58 10.03
CA ASN C 166 51.83 30.98 10.32
C ASN C 166 52.91 31.42 11.32
N ALA C 167 53.26 30.54 12.25
CA ALA C 167 54.23 30.93 13.28
C ALA C 167 55.63 31.19 12.69
N LYS C 168 56.14 30.22 11.91
CA LYS C 168 57.48 30.30 11.34
C LYS C 168 57.61 31.38 10.31
N PHE C 169 56.51 32.05 10.00
CA PHE C 169 56.52 33.32 9.28
C PHE C 169 56.60 34.55 10.18
N PHE C 170 55.71 34.61 11.15
CA PHE C 170 55.42 35.82 11.89
C PHE C 170 55.69 35.69 13.40
N LEU C 171 55.96 34.49 13.87
CA LEU C 171 56.21 34.36 15.30
C LEU C 171 57.68 34.61 15.67
N LYS C 172 57.91 35.68 16.43
CA LYS C 172 59.22 35.97 17.01
C LYS C 172 59.69 34.75 17.82
N VAL C 173 60.99 34.49 17.90
CA VAL C 173 61.45 33.44 18.83
C VAL C 173 61.20 33.92 20.27
N ASN C 174 60.79 32.98 21.15
CA ASN C 174 60.39 33.26 22.53
C ASN C 174 59.10 34.06 22.55
N GLY C 175 58.40 34.08 21.41
CA GLY C 175 57.07 34.66 21.33
C GLY C 175 56.02 33.64 21.65
N ASP C 176 54.77 34.06 21.85
CA ASP C 176 53.74 33.10 22.24
C ASP C 176 52.61 32.79 21.21
N MET C 177 52.13 31.55 21.23
CA MET C 177 50.94 31.19 20.48
C MET C 177 49.81 30.69 21.37
N LEU C 178 48.66 31.37 21.27
CA LEU C 178 47.41 30.90 21.86
C LEU C 178 46.59 30.18 20.79
N LEU C 179 46.52 28.86 20.89
CA LEU C 179 45.81 28.10 19.88
C LEU C 179 44.56 27.48 20.47
N VAL C 180 43.42 27.83 19.90
CA VAL C 180 42.14 27.23 20.25
C VAL C 180 41.98 25.90 19.52
N ILE C 181 41.81 24.83 20.27
CA ILE C 181 41.58 23.53 19.62
C ILE C 181 40.08 23.30 19.61
N LYS C 182 39.47 23.34 18.43
CA LYS C 182 38.04 23.09 18.32
C LYS C 182 37.77 21.67 17.94
N ALA C 183 37.60 20.80 18.93
CA ALA C 183 37.55 19.34 18.74
C ALA C 183 36.57 18.83 17.70
N ARG C 184 35.33 19.28 17.78
CA ARG C 184 34.27 18.74 16.94
C ARG C 184 34.38 19.20 15.52
N SER C 185 35.29 20.13 15.31
CA SER C 185 35.50 20.66 14.00
C SER C 185 36.78 20.06 13.47
N ILE C 186 37.45 19.29 14.32
CA ILE C 186 38.65 18.60 13.90
C ILE C 186 38.26 17.18 13.47
N ASP C 187 37.39 16.53 14.23
CA ASP C 187 36.91 15.17 13.92
C ASP C 187 35.71 14.88 14.78
N VAL C 188 34.52 14.74 14.22
CA VAL C 188 33.39 14.54 15.13
C VAL C 188 33.30 13.18 15.84
N THR C 189 34.07 12.19 15.38
CA THR C 189 34.02 10.87 15.99
C THR C 189 34.89 10.71 17.23
N LYS C 190 36.16 11.11 17.14
CA LYS C 190 37.09 10.98 18.28
C LYS C 190 36.62 11.71 19.54
N ASP C 191 37.19 11.26 20.66
CA ASP C 191 36.98 11.86 21.95
C ASP C 191 37.70 13.19 21.89
N PRO C 192 37.04 14.28 22.31
CA PRO C 192 37.74 15.56 22.34
C PRO C 192 39.09 15.52 23.05
N LYS C 193 39.17 14.74 24.11
CA LYS C 193 40.33 14.71 24.96
C LYS C 193 41.50 13.98 24.26
N GLU C 194 41.19 13.02 23.39
CA GLU C 194 42.23 12.43 22.57
C GLU C 194 42.75 13.47 21.60
N ILE C 195 41.87 14.31 21.07
CA ILE C 195 42.31 15.29 20.10
C ILE C 195 43.40 16.17 20.72
N TYR C 196 43.16 16.67 21.92
CA TYR C 196 44.12 17.55 22.56
C TYR C 196 45.55 16.94 22.71
N LYS C 197 45.67 15.65 23.02
CA LYS C 197 47.01 15.10 23.24
C LYS C 197 47.79 15.14 21.92
N THR C 198 47.09 14.84 20.83
CA THR C 198 47.74 14.76 19.52
C THR C 198 48.19 16.11 18.93
N GLU C 199 47.41 17.13 19.20
CA GLU C 199 47.68 18.46 18.72
C GLU C 199 48.83 19.10 19.51
N VAL C 200 48.87 18.90 20.83
CA VAL C 200 49.94 19.49 21.63
C VAL C 200 51.28 18.85 21.23
N GLU C 201 51.27 17.55 20.92
CA GLU C 201 52.49 16.90 20.47
C GLU C 201 53.00 17.54 19.21
N LYS C 202 52.05 17.87 18.32
CA LYS C 202 52.36 18.64 17.12
C LYS C 202 53.06 19.92 17.51
N LEU C 203 52.58 20.60 18.54
CA LEU C 203 53.22 21.84 18.91
C LEU C 203 54.63 21.51 19.39
N GLU C 204 54.75 20.41 20.15
CA GLU C 204 56.00 20.10 20.83
C GLU C 204 57.07 19.59 19.84
N ASN C 205 56.67 18.99 18.71
CA ASN C 205 57.63 18.69 17.63
C ASN C 205 58.20 19.86 16.81
N SER C 206 57.50 20.98 16.77
CA SER C 206 57.98 22.19 16.10
C SER C 206 58.62 23.20 17.03
N ASN C 207 59.26 22.67 18.08
CA ASN C 207 59.93 23.40 19.14
C ASN C 207 59.00 24.55 19.61
N PHE C 208 57.77 24.13 19.93
CA PHE C 208 56.88 24.87 20.83
C PHE C 208 56.93 24.26 22.26
N GLU C 209 56.98 25.12 23.27
CA GLU C 209 57.10 24.68 24.65
C GLU C 209 55.72 24.87 25.29
N THR C 210 54.95 23.79 25.35
CA THR C 210 53.62 23.81 25.97
C THR C 210 53.71 24.43 27.36
N ILE C 211 53.05 25.57 27.56
CA ILE C 211 53.11 26.30 28.84
C ILE C 211 51.88 25.98 29.71
N GLN C 212 50.70 25.92 29.11
CA GLN C 212 49.46 25.69 29.86
C GLN C 212 48.38 25.07 28.99
N ILE C 213 47.61 24.12 29.52
CA ILE C 213 46.48 23.56 28.73
C ILE C 213 45.12 23.72 29.41
N ILE C 214 44.31 24.59 28.84
CA ILE C 214 43.01 24.88 29.44
C ILE C 214 41.86 24.30 28.62
N ASN C 215 40.86 23.83 29.34
CA ASN C 215 39.59 23.41 28.82
C ASN C 215 38.56 24.54 28.97
N LEU C 216 37.93 24.93 27.89
CA LEU C 216 36.99 26.02 27.96
C LEU C 216 35.60 25.62 28.44
N ASP C 217 35.27 24.34 28.48
CA ASP C 217 33.97 23.97 29.03
C ASP C 217 33.85 24.54 30.43
N PRO C 218 32.69 25.11 30.81
CA PRO C 218 31.37 25.09 30.17
C PRO C 218 31.10 26.20 29.18
N TYR C 219 31.99 27.17 29.09
CA TYR C 219 31.81 28.29 28.20
C TYR C 219 31.83 27.84 26.72
N ASP C 220 32.71 26.89 26.35
CA ASP C 220 32.69 26.33 24.99
C ASP C 220 32.87 24.81 25.00
N LYS C 221 31.89 24.09 24.48
CA LYS C 221 31.87 22.66 24.60
C LYS C 221 32.92 21.99 23.72
N ASP C 222 33.58 20.95 24.25
CA ASP C 222 34.61 20.24 23.47
C ASP C 222 35.61 21.22 22.92
N HIS C 223 36.04 22.16 23.74
CA HIS C 223 37.02 23.12 23.30
C HIS C 223 38.15 23.24 24.29
N ALA C 224 39.34 23.48 23.76
CA ALA C 224 40.53 23.71 24.58
C ALA C 224 41.38 24.82 23.98
N ILE C 225 42.13 25.53 24.83
CA ILE C 225 43.08 26.52 24.35
C ILE C 225 44.48 26.21 24.87
N VAL C 226 45.45 26.25 23.96
CA VAL C 226 46.83 26.00 24.33
C VAL C 226 47.63 27.32 24.30
N LEU C 227 48.37 27.60 25.38
CA LEU C 227 49.32 28.70 25.40
C LEU C 227 50.67 28.06 25.38
N SER C 228 51.47 28.36 24.36
CA SER C 228 52.82 27.80 24.26
C SER C 228 53.78 28.78 23.62
N LYS C 229 55.08 28.57 23.85
CA LYS C 229 56.12 29.50 23.39
C LYS C 229 56.88 28.87 22.23
N TYR C 230 57.05 29.64 21.17
CA TYR C 230 57.80 29.21 20.00
C TYR C 230 59.30 29.46 20.19
N LYS C 231 60.13 28.46 19.86
CA LYS C 231 61.57 28.57 20.07
C LYS C 231 62.32 28.73 18.75
N LYS D 3 -45.36 -0.03 38.43
CA LYS D 3 -44.04 0.33 37.92
C LYS D 3 -43.86 -0.06 36.44
N ILE D 4 -43.63 0.92 35.57
CA ILE D 4 -43.31 0.66 34.15
C ILE D 4 -41.95 1.24 33.71
N TYR D 5 -41.08 0.37 33.21
CA TYR D 5 -39.79 0.78 32.70
C TYR D 5 -39.96 1.27 31.26
N LEU D 6 -39.51 2.49 30.99
CA LEU D 6 -39.75 3.11 29.70
C LEU D 6 -38.49 3.15 28.85
N ILE D 7 -38.65 2.62 27.64
CA ILE D 7 -37.58 2.48 26.66
C ILE D 7 -37.80 3.51 25.57
N GLU D 8 -36.74 4.11 25.04
CA GLU D 8 -36.91 5.01 23.90
C GLU D 8 -35.89 4.70 22.81
N HIS D 9 -36.36 4.50 21.58
CA HIS D 9 -35.48 4.03 20.52
C HIS D 9 -35.96 4.65 19.24
N VAL D 10 -35.14 4.54 18.21
CA VAL D 10 -35.49 4.93 16.88
C VAL D 10 -36.76 4.19 16.52
N ILE D 11 -36.85 2.96 17.02
CA ILE D 11 -37.93 2.02 16.76
C ILE D 11 -39.29 2.56 17.23
N GLY D 12 -39.31 3.55 18.12
CA GLY D 12 -40.56 4.01 18.72
C GLY D 12 -40.47 4.28 20.22
N ALA D 13 -41.56 4.11 20.96
CA ALA D 13 -41.56 4.19 22.43
C ALA D 13 -42.19 2.97 23.13
N VAL D 14 -41.43 2.30 24.00
CA VAL D 14 -41.89 1.03 24.60
C VAL D 14 -42.05 1.07 26.13
N ALA D 15 -43.07 0.38 26.63
CA ALA D 15 -43.25 0.20 28.07
C ALA D 15 -42.99 -1.26 28.45
N TYR D 16 -42.37 -1.50 29.60
CA TYR D 16 -42.13 -2.87 30.03
C TYR D 16 -42.61 -3.08 31.51
N ASP D 17 -43.00 -4.31 31.88
CA ASP D 17 -43.23 -4.64 33.30
C ASP D 17 -41.87 -4.99 33.87
N GLU D 18 -41.74 -5.29 35.15
CA GLU D 18 -40.40 -5.49 35.69
C GLU D 18 -39.70 -6.75 35.18
N ASN D 19 -40.45 -7.70 34.64
CA ASN D 19 -39.89 -8.98 34.17
C ASN D 19 -39.18 -8.81 32.83
N GLY D 20 -39.67 -7.86 32.03
CA GLY D 20 -39.20 -7.64 30.67
C GLY D 20 -40.21 -8.11 29.64
N ASN D 21 -41.50 -8.03 29.99
CA ASN D 21 -42.50 -8.43 29.02
C ASN D 21 -43.21 -7.18 28.51
N ILE D 22 -43.33 -7.09 27.18
CA ILE D 22 -43.83 -5.89 26.50
C ILE D 22 -45.24 -5.56 26.95
N VAL D 23 -45.38 -4.52 27.79
CA VAL D 23 -46.69 -4.06 28.27
C VAL D 23 -47.53 -3.30 27.24
N ASP D 24 -46.92 -2.31 26.59
CA ASP D 24 -47.54 -1.54 25.49
C ASP D 24 -46.55 -0.73 24.62
N TYR D 25 -46.92 -0.45 23.36
CA TYR D 25 -46.03 0.28 22.45
C TYR D 25 -46.71 1.33 21.58
N ILE D 26 -45.95 2.37 21.20
CA ILE D 26 -46.40 3.30 20.17
C ILE D 26 -45.33 3.57 19.08
N THR D 27 -45.43 2.89 17.93
CA THR D 27 -44.32 2.93 16.98
C THR D 27 -44.20 4.30 16.37
N ASN D 28 -42.97 4.71 16.16
CA ASN D 28 -42.62 5.95 15.49
C ASN D 28 -42.98 5.82 14.02
N PRO D 29 -43.21 6.94 13.36
CA PRO D 29 -43.41 6.86 11.91
C PRO D 29 -42.10 6.63 11.19
N ARG D 30 -42.08 5.77 10.18
CA ARG D 30 -40.83 5.46 9.49
C ARG D 30 -40.49 6.70 8.64
N ASP D 31 -40.09 7.76 9.35
CA ASP D 31 -39.73 9.06 8.78
C ASP D 31 -38.42 9.63 9.34
N LEU D 32 -37.36 9.64 8.52
CA LEU D 32 -36.05 10.20 8.93
C LEU D 32 -36.21 11.57 9.60
N GLY D 33 -36.91 12.47 8.92
CA GLY D 33 -37.10 13.83 9.37
C GLY D 33 -37.45 14.10 10.83
N LYS D 34 -38.43 13.38 11.34
CA LYS D 34 -38.92 13.60 12.70
C LYS D 34 -38.05 12.92 13.75
N ILE D 35 -37.56 11.73 13.43
CA ILE D 35 -36.71 10.98 14.33
C ILE D 35 -35.42 11.77 14.57
N THR D 36 -34.79 12.27 13.50
CA THR D 36 -33.56 13.06 13.65
C THR D 36 -33.72 14.26 14.61
N GLU D 37 -34.84 14.97 14.53
CA GLU D 37 -35.07 16.11 15.40
C GLU D 37 -35.30 15.68 16.85
N GLU D 38 -36.00 14.56 17.02
CA GLU D 38 -36.34 14.05 18.35
C GLU D 38 -35.18 13.37 19.06
N LEU D 39 -34.25 12.83 18.30
CA LEU D 39 -33.05 12.29 18.90
C LEU D 39 -32.21 13.45 19.40
N LEU D 40 -32.11 14.53 18.61
CA LEU D 40 -31.47 15.79 19.06
C LEU D 40 -32.18 16.44 20.27
N ASN D 41 -33.51 16.39 20.31
CA ASN D 41 -34.28 16.97 21.43
C ASN D 41 -34.13 16.20 22.72
N ASN D 42 -34.09 14.87 22.60
CA ASN D 42 -33.98 14.00 23.76
C ASN D 42 -32.62 14.26 24.44
N GLU D 43 -31.63 14.73 23.67
CA GLU D 43 -30.33 15.12 24.25
C GLU D 43 -30.58 16.22 25.30
N LYS D 44 -31.52 17.13 25.05
CA LYS D 44 -31.79 18.16 26.04
C LYS D 44 -32.81 17.78 27.11
N GLY D 45 -33.31 16.55 27.03
CA GLY D 45 -34.24 15.99 28.00
C GLY D 45 -35.68 15.89 27.53
N ILE D 46 -36.00 16.58 26.43
CA ILE D 46 -37.35 16.61 25.87
C ILE D 46 -37.83 15.22 25.52
N PRO D 47 -38.99 14.79 26.06
CA PRO D 47 -39.51 13.46 25.72
C PRO D 47 -39.97 13.29 24.27
N PHE D 48 -39.82 12.08 23.72
CA PHE D 48 -40.35 11.75 22.42
C PHE D 48 -41.81 12.12 22.42
N SER D 49 -42.36 12.46 21.25
CA SER D 49 -43.78 12.77 21.18
C SER D 49 -44.53 11.47 21.26
N ALA D 50 -43.93 10.44 20.71
CA ALA D 50 -44.52 9.12 20.78
C ALA D 50 -44.43 8.61 22.22
N THR D 51 -43.46 9.07 22.98
CA THR D 51 -43.32 8.61 24.36
C THR D 51 -44.44 9.26 25.15
N VAL D 52 -44.79 10.49 24.78
CA VAL D 52 -45.87 11.24 25.44
C VAL D 52 -47.21 10.52 25.33
N GLU D 53 -47.52 10.00 24.13
CA GLU D 53 -48.74 9.22 23.95
C GLU D 53 -48.76 7.95 24.79
N LEU D 54 -47.62 7.26 24.87
CA LEU D 54 -47.57 5.94 25.51
C LEU D 54 -47.83 6.07 27.01
N LEU D 55 -47.41 7.19 27.57
CA LEU D 55 -47.67 7.52 28.97
C LEU D 55 -49.13 7.93 29.20
N LYS D 56 -49.91 8.07 28.14
CA LYS D 56 -51.33 8.38 28.27
C LYS D 56 -52.15 7.09 28.27
N LYS D 57 -51.91 6.23 27.28
CA LYS D 57 -52.59 4.94 27.17
C LYS D 57 -52.43 4.16 28.45
N VAL D 58 -51.22 3.69 28.70
CA VAL D 58 -50.94 3.07 29.98
C VAL D 58 -50.91 4.28 30.88
N ASN D 59 -51.39 4.10 32.10
CA ASN D 59 -51.45 5.22 33.01
C ASN D 59 -50.73 4.88 34.32
N PRO D 60 -49.40 5.02 34.33
CA PRO D 60 -48.50 4.41 35.32
C PRO D 60 -48.25 5.17 36.61
N GLN D 61 -48.17 4.41 37.70
CA GLN D 61 -47.87 5.00 38.99
C GLN D 61 -46.40 5.45 39.03
N GLU D 62 -45.52 4.53 38.64
CA GLU D 62 -44.09 4.76 38.61
C GLU D 62 -43.46 4.59 37.23
N VAL D 63 -42.81 5.63 36.74
CA VAL D 63 -42.04 5.50 35.52
C VAL D 63 -40.53 5.67 35.77
N VAL D 64 -39.72 4.96 34.99
CA VAL D 64 -38.27 5.01 35.15
C VAL D 64 -37.67 5.15 33.75
N VAL D 65 -36.77 6.09 33.57
CA VAL D 65 -36.24 6.28 32.24
C VAL D 65 -34.76 5.94 32.13
N GLU D 66 -34.28 5.92 30.89
CA GLU D 66 -32.93 5.54 30.56
C GLU D 66 -32.05 6.75 30.82
N ASN D 67 -32.64 7.93 30.66
CA ASN D 67 -31.90 9.18 30.81
C ASN D 67 -32.35 9.94 32.03
N GLU D 68 -31.37 10.46 32.77
CA GLU D 68 -31.59 11.21 34.02
C GLU D 68 -31.97 12.62 33.65
N ALA D 69 -31.72 12.97 32.39
CA ALA D 69 -32.06 14.29 31.91
C ALA D 69 -33.54 14.35 31.56
N GLU D 70 -34.12 13.20 31.23
CA GLU D 70 -35.54 13.12 30.89
C GLU D 70 -36.43 13.23 32.10
N VAL D 71 -35.93 12.71 33.22
CA VAL D 71 -36.70 12.58 34.46
C VAL D 71 -37.47 13.82 34.89
N PRO D 72 -36.83 15.01 34.89
CA PRO D 72 -37.63 16.18 35.30
C PRO D 72 -38.73 16.61 34.29
N LYS D 73 -38.54 16.32 33.02
CA LYS D 73 -39.51 16.70 32.00
C LYS D 73 -40.82 15.95 32.18
N LEU D 74 -40.73 14.67 32.45
CA LEU D 74 -41.92 13.88 32.60
C LEU D 74 -42.55 14.18 33.95
N GLN D 75 -41.79 14.71 34.91
CA GLN D 75 -42.41 15.11 36.19
C GLN D 75 -43.24 16.37 36.01
N ALA D 76 -42.71 17.30 35.22
CA ALA D 76 -43.39 18.56 34.90
C ALA D 76 -44.67 18.23 34.13
N LEU D 77 -44.73 17.00 33.65
CA LEU D 77 -45.87 16.53 32.90
C LEU D 77 -46.86 15.82 33.82
N GLY D 78 -46.44 15.53 35.05
CA GLY D 78 -47.32 15.03 36.09
C GLY D 78 -47.08 13.70 36.80
N TYR D 79 -46.19 12.87 36.25
CA TYR D 79 -45.94 11.52 36.77
C TYR D 79 -44.74 11.52 37.74
N ARG D 80 -44.63 10.47 38.55
CA ARG D 80 -43.44 10.26 39.36
C ARG D 80 -42.37 9.47 38.61
N VAL D 81 -41.19 10.06 38.49
CA VAL D 81 -40.17 9.55 37.59
C VAL D 81 -38.81 9.40 38.28
N SER D 82 -38.07 8.35 37.88
CA SER D 82 -36.68 8.19 38.28
C SER D 82 -35.86 7.68 37.09
N TYR D 83 -34.62 7.27 37.34
CA TYR D 83 -33.85 6.64 36.28
C TYR D 83 -33.00 5.53 36.85
N GLU D 84 -32.76 4.50 36.05
CA GLU D 84 -31.73 3.55 36.35
C GLU D 84 -30.89 3.46 35.10
N PRO D 85 -29.60 3.77 35.20
CA PRO D 85 -28.74 3.97 34.03
C PRO D 85 -28.68 2.73 33.13
N TYR D 86 -28.28 1.58 33.68
CA TYR D 86 -28.08 0.37 32.91
C TYR D 86 -29.04 -0.71 33.39
N SER D 87 -30.34 -0.44 33.26
CA SER D 87 -31.37 -1.29 33.87
C SER D 87 -31.41 -2.64 33.19
N LYS D 88 -31.91 -3.66 33.91
CA LYS D 88 -32.13 -4.97 33.30
C LYS D 88 -33.21 -4.98 32.18
N VAL D 89 -34.13 -4.03 32.25
CA VAL D 89 -35.18 -3.89 31.24
C VAL D 89 -34.66 -3.31 29.93
N SER D 90 -33.82 -2.28 30.05
CA SER D 90 -33.20 -1.67 28.90
C SER D 90 -32.35 -2.67 28.12
N ARG D 91 -31.62 -3.53 28.84
CA ARG D 91 -30.81 -4.57 28.19
C ARG D 91 -31.75 -5.56 27.47
N ILE D 92 -32.76 -6.04 28.18
CA ILE D 92 -33.76 -6.96 27.62
C ILE D 92 -34.39 -6.48 26.33
N PHE D 93 -34.68 -5.20 26.31
CA PHE D 93 -35.24 -4.59 25.13
C PHE D 93 -34.30 -4.76 23.94
N ARG D 94 -33.06 -4.35 24.16
CA ARG D 94 -32.05 -4.36 23.12
C ARG D 94 -31.49 -5.76 22.80
N GLU D 95 -31.58 -6.69 23.75
CA GLU D 95 -31.25 -8.09 23.49
C GLU D 95 -32.20 -8.59 22.40
N SER D 96 -33.39 -7.99 22.35
CA SER D 96 -34.42 -8.42 21.43
C SER D 96 -34.58 -7.42 20.31
N LEU D 97 -33.60 -6.58 20.09
CA LEU D 97 -33.76 -5.59 19.04
C LEU D 97 -33.55 -6.09 17.59
N PRO D 98 -32.73 -7.14 17.36
CA PRO D 98 -32.76 -7.62 15.96
C PRO D 98 -34.18 -7.94 15.50
N LYS D 99 -34.91 -8.51 16.46
CA LYS D 99 -36.28 -8.99 16.30
C LYS D 99 -37.43 -7.94 16.53
N VAL D 100 -37.54 -7.35 17.73
CA VAL D 100 -38.74 -6.55 18.11
C VAL D 100 -38.96 -5.33 17.23
N ALA D 101 -38.00 -5.09 16.32
CA ALA D 101 -38.14 -4.07 15.32
C ALA D 101 -39.24 -4.56 14.38
N ILE D 102 -39.16 -5.85 14.05
CA ILE D 102 -40.14 -6.51 13.18
C ILE D 102 -41.49 -6.71 13.93
N ASP D 103 -41.43 -7.07 15.22
CA ASP D 103 -42.65 -7.36 16.03
C ASP D 103 -43.65 -6.22 16.14
N ILE D 104 -43.14 -5.01 16.35
CA ILE D 104 -44.02 -3.86 16.53
C ILE D 104 -44.32 -3.18 15.20
N LYS D 105 -43.85 -3.81 14.13
CA LYS D 105 -44.06 -3.32 12.77
C LYS D 105 -43.63 -1.84 12.60
N PHE D 106 -42.31 -1.66 12.64
CA PHE D 106 -41.56 -0.47 12.26
C PHE D 106 -41.04 -0.67 10.84
N ALA D 107 -40.77 -1.95 10.53
CA ALA D 107 -40.37 -2.47 9.22
C ALA D 107 -40.90 -3.91 9.00
N SER D 108 -40.91 -4.36 7.75
CA SER D 108 -41.31 -5.73 7.44
C SER D 108 -40.25 -6.74 7.88
N ASN D 109 -38.99 -6.47 7.53
CA ASN D 109 -37.94 -7.40 7.89
C ASN D 109 -36.63 -6.78 8.34
N GLU D 110 -35.71 -7.68 8.68
CA GLU D 110 -34.39 -7.29 9.10
C GLU D 110 -33.69 -6.58 7.95
N GLU D 111 -33.90 -7.06 6.72
CA GLU D 111 -33.28 -6.46 5.53
C GLU D 111 -33.33 -4.94 5.55
N ASP D 112 -34.49 -4.34 5.79
CA ASP D 112 -34.57 -2.88 5.69
C ASP D 112 -34.85 -2.10 6.98
N TYR D 113 -34.81 -2.76 8.13
CA TYR D 113 -34.71 -1.99 9.35
C TYR D 113 -33.26 -1.46 9.33
N TYR D 114 -32.32 -2.33 8.98
CA TYR D 114 -30.92 -1.95 8.89
C TYR D 114 -30.64 -0.98 7.74
N ASN D 115 -31.38 -1.07 6.64
CA ASN D 115 -31.28 -0.01 5.64
C ASN D 115 -31.64 1.34 6.21
N PHE D 116 -32.66 1.36 7.06
CA PHE D 116 -33.10 2.62 7.66
C PHE D 116 -32.19 3.20 8.74
N LEU D 117 -31.90 2.36 9.72
CA LEU D 117 -31.10 2.76 10.85
C LEU D 117 -29.74 3.25 10.31
N HIS D 118 -29.24 2.66 9.22
CA HIS D 118 -28.03 3.18 8.54
C HIS D 118 -28.23 4.59 8.00
N GLU D 119 -29.34 4.82 7.31
CA GLU D 119 -29.56 6.15 6.74
C GLU D 119 -30.10 7.13 7.75
N LEU D 120 -30.66 6.64 8.85
CA LEU D 120 -30.85 7.56 9.98
C LEU D 120 -29.51 7.99 10.52
N SER D 121 -28.66 7.02 10.80
CA SER D 121 -27.39 7.34 11.40
C SER D 121 -26.60 8.30 10.50
N LEU D 122 -26.55 8.04 9.19
CA LEU D 122 -25.92 8.99 8.27
C LEU D 122 -26.53 10.36 8.49
N GLU D 123 -27.85 10.45 8.52
CA GLU D 123 -28.54 11.74 8.68
C GLU D 123 -28.49 12.37 10.09
N TYR D 124 -28.53 11.55 11.12
CA TYR D 124 -28.49 12.04 12.48
C TYR D 124 -27.15 12.69 12.82
N THR D 125 -26.07 12.11 12.28
CA THR D 125 -24.72 12.62 12.48
C THR D 125 -24.36 13.69 11.44
N ARG D 126 -24.92 13.60 10.23
CA ARG D 126 -24.78 14.71 9.28
C ARG D 126 -25.15 16.04 9.95
N ARG D 127 -26.18 15.95 10.79
CA ARG D 127 -26.74 17.06 11.53
C ARG D 127 -25.87 17.58 12.66
N LYS D 128 -25.36 16.64 13.44
CA LYS D 128 -24.48 16.95 14.55
C LYS D 128 -23.17 17.48 13.98
N LEU D 129 -22.70 16.91 12.88
CA LEU D 129 -21.50 17.45 12.23
C LEU D 129 -21.64 18.95 11.94
N ARG D 130 -22.87 19.40 11.69
CA ARG D 130 -23.10 20.79 11.28
C ARG D 130 -23.14 21.79 12.43
N SER D 131 -23.73 21.43 13.55
CA SER D 131 -23.75 22.31 14.71
C SER D 131 -22.35 22.56 15.28
N ALA D 132 -21.43 21.64 14.98
CA ALA D 132 -20.06 21.77 15.41
C ALA D 132 -19.39 22.81 14.56
N ALA D 133 -19.71 22.79 13.28
CA ALA D 133 -19.11 23.71 12.36
C ALA D 133 -19.58 25.11 12.64
N GLN D 134 -20.69 25.22 13.34
CA GLN D 134 -21.31 26.51 13.50
C GLN D 134 -20.70 27.29 14.68
N LYS D 135 -19.79 26.68 15.45
CA LYS D 135 -19.19 27.40 16.57
C LYS D 135 -18.32 28.58 16.07
N ARG D 136 -18.49 29.74 16.70
CA ARG D 136 -17.85 30.98 16.27
C ARG D 136 -16.37 31.03 16.66
N ASP D 137 -16.02 30.39 17.79
CA ASP D 137 -14.62 30.43 18.21
C ASP D 137 -13.73 29.69 17.21
N LEU D 138 -14.32 28.88 16.34
CA LEU D 138 -13.49 28.16 15.40
C LEU D 138 -12.84 29.12 14.46
N LEU D 139 -13.51 30.21 14.17
CA LEU D 139 -12.98 31.15 13.19
C LEU D 139 -11.81 31.90 13.78
N ALA D 140 -12.00 32.23 15.05
CA ALA D 140 -11.02 32.89 15.87
C ALA D 140 -9.76 32.07 15.93
N ILE D 141 -9.94 30.78 16.11
CA ILE D 141 -8.83 29.87 16.16
C ILE D 141 -8.09 29.74 14.85
N GLN D 142 -8.83 29.53 13.77
CA GLN D 142 -8.25 29.41 12.44
C GLN D 142 -7.53 30.68 11.97
N ALA D 143 -8.10 31.81 12.34
CA ALA D 143 -7.62 33.13 11.96
C ALA D 143 -6.28 33.38 12.56
N VAL D 144 -6.21 33.21 13.89
CA VAL D 144 -5.03 33.52 14.68
C VAL D 144 -3.97 32.49 14.39
N ARG D 145 -4.37 31.31 13.97
CA ARG D 145 -3.40 30.35 13.43
C ARG D 145 -2.80 30.85 12.14
N ALA D 146 -3.64 31.42 11.29
CA ALA D 146 -3.15 31.99 10.06
C ALA D 146 -2.25 33.21 10.28
N MET D 147 -2.50 34.01 11.30
CA MET D 147 -1.63 35.16 11.58
C MET D 147 -0.24 34.73 11.94
N ASP D 148 -0.17 33.73 12.80
CA ASP D 148 1.10 33.27 13.29
C ASP D 148 1.82 32.64 12.14
N ASP D 149 1.05 32.10 11.19
CA ASP D 149 1.61 31.63 9.96
C ASP D 149 2.18 32.76 9.11
N ILE D 150 1.51 33.91 9.08
CA ILE D 150 2.06 35.03 8.33
C ILE D 150 3.27 35.63 9.07
N ASP D 151 3.17 35.70 10.39
CA ASP D 151 4.26 36.14 11.29
C ASP D 151 5.57 35.41 10.95
N LYS D 152 5.47 34.08 10.89
CA LYS D 152 6.59 33.24 10.56
C LYS D 152 7.14 33.47 9.19
N THR D 153 6.25 33.62 8.22
CA THR D 153 6.63 33.74 6.81
C THR D 153 7.40 35.01 6.54
N ILE D 154 6.82 36.07 7.09
CA ILE D 154 7.38 37.38 7.04
C ILE D 154 8.77 37.30 7.58
N ASN D 155 8.92 36.72 8.77
CA ASN D 155 10.26 36.64 9.31
C ASN D 155 11.18 35.90 8.34
N LEU D 156 10.70 34.79 7.78
CA LEU D 156 11.52 34.02 6.87
C LEU D 156 11.86 34.82 5.61
N PHE D 157 10.86 35.42 4.98
CA PHE D 157 11.07 36.11 3.71
C PHE D 157 11.93 37.32 3.95
N SER D 158 11.74 37.95 5.11
CA SER D 158 12.52 39.11 5.46
C SER D 158 13.96 38.76 5.64
N GLU D 159 14.22 37.64 6.30
CA GLU D 159 15.60 37.21 6.54
C GLU D 159 16.29 36.88 5.21
N ARG D 160 15.56 36.29 4.28
CA ARG D 160 16.05 35.96 2.94
C ARG D 160 16.37 37.15 2.06
N LEU D 161 15.44 38.10 1.99
CA LEU D 161 15.65 39.30 1.20
C LEU D 161 16.93 40.00 1.62
N ARG D 162 17.10 40.23 2.91
CA ARG D 162 18.29 40.89 3.44
C ARG D 162 19.62 40.18 3.06
N GLU D 163 19.68 38.86 3.21
CA GLU D 163 20.91 38.14 2.89
C GLU D 163 21.15 38.23 1.41
N TRP D 164 20.04 38.22 0.66
CA TRP D 164 20.04 38.31 -0.80
C TRP D 164 20.35 39.70 -1.36
N TYR D 165 19.59 40.70 -0.92
CA TYR D 165 19.72 42.06 -1.40
C TYR D 165 21.09 42.66 -1.05
N SER D 166 21.75 42.09 -0.03
CA SER D 166 23.09 42.51 0.40
C SER D 166 24.24 42.06 -0.57
N ILE D 167 23.93 41.30 -1.62
CA ILE D 167 24.90 41.03 -2.69
C ILE D 167 25.25 42.34 -3.43
N HIS D 168 24.27 43.24 -3.49
CA HIS D 168 24.36 44.54 -4.15
C HIS D 168 24.67 45.67 -3.18
N PHE D 169 23.97 45.61 -2.05
CA PHE D 169 23.94 46.74 -1.15
C PHE D 169 23.88 46.22 0.27
N PRO D 170 25.02 45.73 0.76
CA PRO D 170 25.26 45.10 2.05
C PRO D 170 25.06 46.10 3.21
N GLU D 171 25.35 47.37 2.93
CA GLU D 171 25.28 48.42 3.94
C GLU D 171 23.87 48.80 4.37
N LEU D 172 22.84 48.39 3.61
CA LEU D 172 21.47 48.77 3.99
C LEU D 172 20.91 47.91 5.14
N ASP D 173 21.37 46.66 5.22
CA ASP D 173 20.92 45.67 6.20
C ASP D 173 21.01 46.13 7.64
N LYS D 174 22.21 46.49 8.12
CA LYS D 174 22.44 46.96 9.50
C LYS D 174 22.06 48.42 9.69
N LEU D 175 21.60 49.08 8.63
CA LEU D 175 21.24 50.49 8.73
C LEU D 175 19.76 50.67 8.95
N ILE D 176 18.99 49.67 8.57
CA ILE D 176 17.53 49.68 8.76
C ILE D 176 17.12 48.53 9.64
N GLU D 177 16.80 48.89 10.87
CA GLU D 177 16.51 47.90 11.88
C GLU D 177 15.24 47.17 11.46
N ASP D 178 14.20 47.92 11.05
CA ASP D 178 12.89 47.31 10.79
C ASP D 178 12.68 46.65 9.43
N HIS D 179 12.07 45.48 9.48
CA HIS D 179 11.85 44.72 8.27
C HIS D 179 10.98 45.32 7.21
N GLU D 180 9.81 45.83 7.57
CA GLU D 180 8.92 46.37 6.56
C GLU D 180 9.56 47.51 5.83
N GLU D 181 10.20 48.42 6.58
CA GLU D 181 10.90 49.57 6.03
C GLU D 181 11.91 49.10 4.98
N TYR D 182 12.77 48.14 5.35
CA TYR D 182 13.78 47.56 4.43
C TYR D 182 13.12 47.15 3.14
N ALA D 183 12.02 46.41 3.30
CA ALA D 183 11.23 45.88 2.20
C ALA D 183 10.73 46.94 1.19
N THR D 184 10.28 48.08 1.69
CA THR D 184 9.83 49.15 0.83
C THR D 184 10.96 49.74 0.04
N ILE D 185 12.10 49.91 0.67
CA ILE D 185 13.27 50.43 -0.02
C ILE D 185 13.70 49.49 -1.16
N VAL D 186 13.78 48.19 -0.93
CA VAL D 186 14.10 47.28 -2.03
C VAL D 186 13.04 47.40 -3.13
N SER D 187 11.77 47.45 -2.71
CA SER D 187 10.60 47.52 -3.62
C SER D 187 10.41 48.78 -4.50
N ARG D 188 10.75 49.96 -3.99
CA ARG D 188 10.60 51.19 -4.77
C ARG D 188 11.77 51.51 -5.69
N PHE D 189 12.96 51.11 -5.29
CA PHE D 189 14.17 51.53 -6.01
C PHE D 189 14.91 50.50 -6.91
N GLY D 190 15.36 49.37 -6.36
CA GLY D 190 16.19 48.46 -7.14
C GLY D 190 17.69 48.70 -6.97
N ASP D 191 18.33 49.23 -8.03
CA ASP D 191 19.77 49.56 -7.98
C ASP D 191 19.99 50.64 -6.94
N ARG D 192 21.09 50.59 -6.20
CA ARG D 192 21.29 51.49 -5.09
C ARG D 192 21.47 52.91 -5.61
N GLY D 193 21.82 52.98 -6.88
CA GLY D 193 22.15 54.24 -7.51
C GLY D 193 20.93 55.01 -7.98
N PHE D 194 19.75 54.65 -7.47
CA PHE D 194 18.52 55.37 -7.78
C PHE D 194 17.95 56.03 -6.53
N LEU D 195 18.67 55.89 -5.42
CA LEU D 195 18.21 56.48 -4.16
C LEU D 195 18.18 58.01 -4.22
N THR D 196 17.03 58.58 -3.86
CA THR D 196 16.84 60.03 -3.87
C THR D 196 16.18 60.58 -2.63
N ILE D 197 16.57 61.79 -2.27
CA ILE D 197 16.16 62.43 -1.03
C ILE D 197 14.62 62.45 -0.95
N ASP D 198 13.95 62.61 -2.10
CA ASP D 198 12.50 62.87 -2.15
C ASP D 198 11.56 61.68 -1.89
N SER D 199 11.80 60.59 -2.59
CA SER D 199 11.10 59.34 -2.33
C SER D 199 11.47 58.85 -0.92
N LEU D 200 12.67 59.19 -0.46
CA LEU D 200 13.14 58.82 0.88
C LEU D 200 12.61 59.76 1.99
N LYS D 201 12.47 61.05 1.71
CA LYS D 201 11.74 61.92 2.64
C LYS D 201 10.26 61.59 2.64
N GLU D 202 9.82 60.81 1.67
CA GLU D 202 8.43 60.41 1.63
C GLU D 202 8.07 59.32 2.65
N LEU D 203 9.05 58.50 3.04
CA LEU D 203 8.87 57.46 4.02
C LEU D 203 8.78 58.00 5.43
N GLY D 204 9.43 59.13 5.66
CA GLY D 204 9.36 59.71 6.98
C GLY D 204 10.74 59.73 7.59
N PHE D 205 11.71 59.29 6.82
CA PHE D 205 13.07 59.23 7.32
C PHE D 205 13.58 60.62 7.65
N ASN D 206 14.04 60.77 8.88
CA ASN D 206 14.57 62.05 9.31
C ASN D 206 15.82 62.35 8.46
N GLU D 207 15.99 63.63 8.15
CA GLU D 207 16.93 64.08 7.13
C GLU D 207 18.31 63.52 7.40
N GLN D 208 18.65 63.33 8.67
CA GLN D 208 19.94 62.76 9.03
C GLN D 208 20.12 61.29 8.56
N ARG D 209 19.09 60.47 8.71
CA ARG D 209 19.23 59.06 8.35
C ARG D 209 19.25 58.88 6.85
N ILE D 210 18.53 59.75 6.17
CA ILE D 210 18.48 59.76 4.73
C ILE D 210 19.84 59.94 4.09
N ASN D 211 20.62 60.87 4.63
CA ASN D 211 21.96 61.09 4.14
C ASN D 211 22.88 59.95 4.54
N ARG D 212 22.67 59.39 5.73
CA ARG D 212 23.49 58.26 6.17
C ARG D 212 23.24 57.12 5.20
N ILE D 213 21.99 57.00 4.78
CA ILE D 213 21.59 56.05 3.74
C ILE D 213 22.21 56.32 2.37
N LEU D 214 22.04 57.54 1.87
CA LEU D 214 22.55 57.95 0.57
C LEU D 214 24.08 57.92 0.47
N ASP D 215 24.76 58.25 1.57
CA ASP D 215 26.22 58.22 1.60
C ASP D 215 26.67 56.77 1.48
N ALA D 216 25.95 55.87 2.17
CA ALA D 216 26.25 54.43 2.18
C ALA D 216 26.02 53.82 0.79
N ALA D 217 25.03 54.35 0.08
CA ALA D 217 24.71 53.88 -1.25
C ALA D 217 25.79 54.28 -2.22
N LYS D 218 26.31 55.48 -2.03
CA LYS D 218 27.43 55.95 -2.82
C LYS D 218 28.61 55.05 -2.49
N LYS D 219 28.99 55.01 -1.21
CA LYS D 219 30.20 54.31 -0.83
C LYS D 219 30.11 52.76 -0.68
N SER D 220 29.06 52.14 -1.23
CA SER D 220 28.83 50.67 -1.09
C SER D 220 29.83 49.75 -1.80
N ILE D 221 30.43 48.80 -1.05
CA ILE D 221 31.39 47.86 -1.65
C ILE D 221 30.64 46.64 -2.14
N GLY D 222 29.37 46.87 -2.45
CA GLY D 222 28.50 45.83 -2.95
C GLY D 222 28.77 45.69 -4.43
N ALA D 223 28.03 44.83 -5.10
CA ALA D 223 28.29 44.54 -6.51
C ALA D 223 27.41 45.25 -7.50
N ASP D 224 28.00 45.64 -8.62
CA ASP D 224 27.20 46.18 -9.69
C ASP D 224 26.55 44.99 -10.35
N ILE D 225 25.22 45.00 -10.36
CA ILE D 225 24.39 43.82 -10.69
C ILE D 225 23.25 44.33 -11.55
N SER D 226 22.81 43.44 -12.44
CA SER D 226 21.85 43.72 -13.48
C SER D 226 20.46 43.97 -12.98
N GLU D 227 19.60 44.42 -13.87
CA GLU D 227 18.20 44.69 -13.53
C GLU D 227 17.29 43.48 -13.43
N ASP D 228 17.66 42.39 -14.07
CA ASP D 228 16.96 41.11 -13.91
C ASP D 228 17.13 40.53 -12.52
N ASP D 229 18.38 40.54 -12.06
CA ASP D 229 18.68 40.07 -10.72
C ASP D 229 17.87 40.89 -9.73
N LEU D 230 17.87 42.19 -9.94
CA LEU D 230 17.24 43.05 -8.96
C LEU D 230 15.74 42.88 -8.99
N SER D 231 15.14 42.79 -10.17
CA SER D 231 13.69 42.69 -10.20
C SER D 231 13.24 41.34 -9.63
N ALA D 232 14.07 40.32 -9.76
CA ALA D 232 13.86 39.02 -9.09
C ALA D 232 13.78 39.12 -7.56
N MET D 233 14.72 39.85 -6.94
CA MET D 233 14.72 40.07 -5.51
C MET D 233 13.44 40.76 -5.09
N ARG D 234 13.00 41.70 -5.92
CA ARG D 234 11.87 42.59 -5.62
C ARG D 234 10.55 41.86 -5.52
N MET D 235 10.50 40.66 -6.09
CA MET D 235 9.29 39.87 -6.02
C MET D 235 9.03 39.55 -4.57
N ILE D 236 10.12 39.14 -3.91
CA ILE D 236 10.14 38.86 -2.48
C ILE D 236 9.85 40.12 -1.61
N ALA D 237 10.45 41.26 -1.97
CA ALA D 237 10.24 42.47 -1.20
C ALA D 237 8.78 42.85 -1.20
N ASN D 238 8.15 42.69 -2.34
CA ASN D 238 6.74 43.08 -2.45
C ASN D 238 5.88 42.20 -1.63
N THR D 239 6.20 40.92 -1.64
CA THR D 239 5.41 39.95 -0.90
C THR D 239 5.52 40.22 0.59
N ILE D 240 6.72 40.56 1.04
CA ILE D 240 6.88 40.92 2.43
C ILE D 240 5.85 42.01 2.73
N LEU D 241 5.73 42.97 1.81
CA LEU D 241 4.79 44.08 1.96
C LEU D 241 3.28 43.66 1.91
N ASP D 242 2.90 42.80 0.98
CA ASP D 242 1.56 42.21 0.96
C ASP D 242 1.19 41.55 2.25
N LEU D 243 2.09 40.70 2.76
CA LEU D 243 1.84 39.93 3.99
C LEU D 243 1.70 40.84 5.22
N TYR D 244 2.50 41.91 5.34
CA TYR D 244 2.28 42.84 6.45
C TYR D 244 0.86 43.46 6.34
N ASN D 245 0.44 43.85 5.14
CA ASN D 245 -0.89 44.46 4.93
C ASN D 245 -1.95 43.43 5.28
N ILE D 246 -1.75 42.19 4.86
CA ILE D 246 -2.69 41.13 5.20
C ILE D 246 -2.71 40.84 6.71
N ARG D 247 -1.54 40.84 7.37
CA ARG D 247 -1.54 40.61 8.81
C ARG D 247 -2.36 41.66 9.48
N ARG D 248 -2.16 42.88 9.03
CA ARG D 248 -2.81 44.01 9.65
C ARG D 248 -4.31 43.94 9.49
N ASN D 249 -4.75 43.27 8.43
CA ASN D 249 -6.15 42.97 8.23
C ASN D 249 -6.63 41.85 9.14
N LEU D 250 -5.84 40.80 9.26
CA LEU D 250 -6.24 39.67 10.08
C LEU D 250 -6.28 40.05 11.59
N ASN D 251 -5.32 40.86 12.06
CA ASN D 251 -5.35 41.31 13.45
C ASN D 251 -6.68 42.05 13.65
N ASN D 252 -7.09 42.84 12.66
CA ASN D 252 -8.37 43.57 12.74
C ASN D 252 -9.62 42.73 12.65
N TYR D 253 -9.59 41.71 11.81
CA TYR D 253 -10.69 40.75 11.75
C TYR D 253 -10.84 39.99 13.07
N LEU D 254 -9.72 39.51 13.56
CA LEU D 254 -9.62 38.68 14.74
C LEU D 254 -10.24 39.39 15.96
N GLU D 255 -9.87 40.65 16.14
CA GLU D 255 -10.40 41.51 17.19
C GLU D 255 -11.88 41.51 17.19
N GLY D 256 -12.43 41.48 15.99
CA GLY D 256 -13.86 41.47 15.82
C GLY D 256 -14.45 40.22 16.39
N VAL D 257 -13.95 39.06 15.98
CA VAL D 257 -14.48 37.77 16.44
C VAL D 257 -14.17 37.60 17.93
N MET D 258 -13.03 38.11 18.35
CA MET D 258 -12.59 37.90 19.73
C MET D 258 -13.32 38.73 20.80
N LYS D 259 -13.82 39.91 20.47
CA LYS D 259 -14.64 40.71 21.39
C LYS D 259 -16.01 40.08 21.42
N GLU D 260 -16.34 39.47 20.31
CA GLU D 260 -17.60 38.74 20.17
C GLU D 260 -17.72 37.45 20.99
N VAL D 261 -16.76 36.54 20.83
CA VAL D 261 -16.91 35.20 21.40
C VAL D 261 -16.32 35.02 22.79
N ALA D 262 -15.32 35.85 23.11
CA ALA D 262 -14.63 35.77 24.40
C ALA D 262 -14.09 37.12 24.85
N PRO D 263 -15.01 38.03 25.24
CA PRO D 263 -14.74 39.42 25.62
C PRO D 263 -13.83 39.63 26.82
N ASN D 264 -14.03 38.87 27.88
CA ASN D 264 -13.23 38.98 29.10
C ASN D 264 -11.81 38.50 28.95
N VAL D 265 -11.64 37.44 28.20
CA VAL D 265 -10.32 36.96 27.96
C VAL D 265 -9.65 38.07 27.23
N THR D 266 -10.35 38.53 26.20
CA THR D 266 -9.84 39.59 25.34
C THR D 266 -9.54 40.81 26.12
N ALA D 267 -10.44 41.10 27.03
CA ALA D 267 -10.31 42.24 27.88
C ALA D 267 -8.97 42.21 28.59
N LEU D 268 -8.54 41.02 28.98
CA LEU D 268 -7.33 40.82 29.76
C LEU D 268 -6.07 40.80 28.91
N VAL D 269 -6.06 39.99 27.84
CA VAL D 269 -4.83 39.69 27.13
C VAL D 269 -4.85 40.07 25.66
N GLY D 270 -6.01 40.53 25.22
CA GLY D 270 -6.13 40.95 23.84
C GLY D 270 -6.50 39.77 22.97
N PRO D 271 -6.97 40.07 21.76
CA PRO D 271 -7.44 39.08 20.81
C PRO D 271 -6.35 38.09 20.36
N ALA D 272 -5.18 38.56 19.96
CA ALA D 272 -4.18 37.63 19.47
C ALA D 272 -3.90 36.55 20.50
N LEU D 273 -3.40 36.97 21.66
CA LEU D 273 -2.99 36.06 22.71
C LEU D 273 -4.11 35.20 23.25
N GLY D 274 -5.27 35.80 23.36
CA GLY D 274 -6.45 35.11 23.79
C GLY D 274 -6.87 34.09 22.75
N ALA D 275 -6.87 34.48 21.48
CA ALA D 275 -7.26 33.56 20.43
C ALA D 275 -6.35 32.40 20.58
N ARG D 276 -5.07 32.73 20.72
CA ARG D 276 -4.00 31.77 20.81
C ARG D 276 -4.23 30.67 21.87
N LEU D 277 -4.76 31.05 23.02
CA LEU D 277 -5.10 30.12 24.07
C LEU D 277 -6.30 29.27 23.69
N LEU D 278 -7.20 29.84 22.89
CA LEU D 278 -8.29 29.08 22.33
C LEU D 278 -7.79 28.03 21.36
N SER D 279 -6.76 28.37 20.59
CA SER D 279 -6.21 27.43 19.64
C SER D 279 -5.62 26.25 20.37
N ILE D 280 -4.95 26.55 21.48
CA ILE D 280 -4.25 25.53 22.25
C ILE D 280 -5.19 24.66 23.04
N ALA D 281 -6.18 25.26 23.68
CA ALA D 281 -7.14 24.52 24.47
C ALA D 281 -8.02 23.68 23.56
N GLY D 282 -8.25 24.17 22.34
CA GLY D 282 -9.04 23.44 21.35
C GLY D 282 -10.36 24.15 21.06
N SER D 283 -10.93 24.74 22.10
CA SER D 283 -12.16 25.49 22.00
C SER D 283 -12.31 26.44 23.17
N LEU D 284 -13.40 27.18 23.19
CA LEU D 284 -13.65 28.05 24.32
C LEU D 284 -14.10 27.22 25.50
N ASP D 285 -14.95 26.24 25.23
CA ASP D 285 -15.44 25.37 26.30
C ASP D 285 -14.38 24.46 26.90
N GLU D 286 -13.31 24.16 26.17
CA GLU D 286 -12.19 23.45 26.81
C GLU D 286 -11.32 24.38 27.66
N LEU D 287 -11.11 25.61 27.21
CA LEU D 287 -10.38 26.59 28.04
C LEU D 287 -11.14 26.89 29.32
N ALA D 288 -12.47 26.89 29.24
CA ALA D 288 -13.30 27.18 30.41
C ALA D 288 -13.10 26.19 31.50
N LYS D 289 -12.96 24.94 31.12
CA LYS D 289 -12.79 23.84 32.06
C LYS D 289 -11.37 23.66 32.62
N MET D 290 -10.43 24.53 32.25
CA MET D 290 -9.06 24.34 32.66
C MET D 290 -8.89 24.95 34.03
N PRO D 291 -8.09 24.32 34.88
CA PRO D 291 -7.62 25.01 36.09
C PRO D 291 -6.55 25.98 35.62
N ALA D 292 -6.23 27.01 36.39
CA ALA D 292 -5.24 27.99 35.98
C ALA D 292 -3.85 27.38 35.84
N SER D 293 -3.60 26.33 36.58
CA SER D 293 -2.29 25.69 36.53
C SER D 293 -1.96 25.18 35.11
N THR D 294 -2.98 25.02 34.27
CA THR D 294 -2.79 24.63 32.87
C THR D 294 -2.62 25.82 31.92
N ILE D 295 -3.58 26.74 32.04
CA ILE D 295 -3.55 27.92 31.26
C ILE D 295 -2.18 28.54 31.40
N GLN D 296 -1.63 28.47 32.60
CA GLN D 296 -0.33 29.08 32.88
C GLN D 296 0.78 28.39 32.11
N VAL D 297 0.61 27.10 31.81
CA VAL D 297 1.65 26.39 31.14
C VAL D 297 1.24 25.99 29.74
N LEU D 298 0.05 26.36 29.28
CA LEU D 298 -0.30 26.03 27.89
C LEU D 298 0.75 26.58 26.92
N GLY D 299 1.30 25.73 26.06
CA GLY D 299 2.33 26.22 25.17
C GLY D 299 3.75 25.99 25.63
N ALA D 300 3.93 25.24 26.72
CA ALA D 300 5.27 24.86 27.17
C ALA D 300 5.42 23.32 27.34
N GLU D 301 4.69 22.58 26.52
CA GLU D 301 4.57 21.15 26.64
C GLU D 301 5.91 20.43 26.58
N LYS D 302 6.88 20.90 25.78
CA LYS D 302 8.21 20.31 25.85
C LYS D 302 8.69 20.55 27.25
N ALA D 303 8.60 21.79 27.70
CA ALA D 303 9.16 22.15 28.98
C ALA D 303 8.44 21.48 30.11
N LEU D 304 7.14 21.36 29.98
CA LEU D 304 6.31 20.89 31.08
C LEU D 304 6.62 19.47 31.41
N PHE D 305 6.37 18.59 30.46
CA PHE D 305 6.50 17.19 30.74
C PHE D 305 7.93 16.80 31.05
N ARG D 306 8.90 17.60 30.60
CA ARG D 306 10.29 17.34 30.93
C ARG D 306 10.43 17.38 32.44
N ALA D 307 9.82 18.40 33.04
CA ALA D 307 9.84 18.58 34.47
C ALA D 307 8.98 17.51 35.15
N LEU D 308 7.86 17.15 34.53
CA LEU D 308 6.95 16.14 35.09
C LEU D 308 7.43 14.71 35.09
N ARG D 309 8.21 14.36 34.06
CA ARG D 309 8.73 13.02 33.95
C ARG D 309 9.84 12.85 34.95
N SER D 310 10.60 13.91 35.21
CA SER D 310 11.85 13.81 35.95
C SER D 310 11.91 14.40 37.38
N GLY D 311 10.85 15.11 37.79
CA GLY D 311 10.87 15.78 39.08
C GLY D 311 11.68 17.05 39.03
N GLY D 312 11.85 17.59 37.82
CA GLY D 312 12.66 18.76 37.62
C GLY D 312 11.87 20.03 37.87
N ARG D 313 12.40 21.13 37.37
CA ARG D 313 11.85 22.47 37.51
C ARG D 313 10.79 22.71 36.43
N PRO D 314 9.58 23.19 36.79
CA PRO D 314 8.54 23.46 35.77
C PRO D 314 8.68 24.77 34.96
N PRO D 315 7.99 24.90 33.80
CA PRO D 315 7.96 26.19 33.07
C PRO D 315 7.15 27.20 33.91
N LYS D 316 7.58 28.47 33.98
CA LYS D 316 6.84 29.44 34.78
C LYS D 316 5.57 29.90 34.04
N HIS D 317 5.64 29.85 32.72
CA HIS D 317 4.70 30.44 31.81
C HIS D 317 4.73 29.78 30.44
N GLY D 318 3.60 29.76 29.74
CA GLY D 318 3.58 29.20 28.39
C GLY D 318 3.45 30.17 27.23
N ILE D 319 2.32 30.16 26.55
CA ILE D 319 2.13 31.18 25.51
C ILE D 319 1.82 32.49 26.21
N ILE D 320 1.50 32.37 27.49
CA ILE D 320 1.23 33.50 28.36
C ILE D 320 2.48 34.38 28.40
N PHE D 321 3.65 33.85 28.03
CA PHE D 321 4.90 34.63 28.00
C PHE D 321 4.70 35.92 27.22
N GLN D 322 3.76 35.93 26.29
CA GLN D 322 3.56 37.07 25.43
C GLN D 322 2.97 38.35 26.09
N TYR D 323 2.29 38.21 27.22
CA TYR D 323 1.73 39.36 27.95
C TYR D 323 2.80 40.37 28.32
N PRO D 324 2.64 41.65 27.91
CA PRO D 324 3.67 42.65 28.20
C PRO D 324 4.28 42.57 29.60
N ALA D 325 3.46 42.46 30.65
CA ALA D 325 3.99 42.47 32.01
C ALA D 325 5.03 41.37 32.25
N ILE D 326 4.84 40.26 31.55
CA ILE D 326 5.64 39.07 31.79
C ILE D 326 7.00 39.14 31.11
N HIS D 327 7.07 39.37 29.81
CA HIS D 327 8.41 39.32 29.21
C HIS D 327 9.27 40.54 29.47
N THR D 328 8.66 41.63 29.91
CA THR D 328 9.44 42.80 30.32
C THR D 328 9.92 42.81 31.76
N SER D 329 9.13 42.28 32.67
CA SER D 329 9.54 42.35 34.06
C SER D 329 10.72 41.42 34.25
N PRO D 330 11.65 41.76 35.15
CA PRO D 330 12.83 40.94 35.41
C PRO D 330 12.49 39.51 35.75
N ARG D 331 13.48 38.63 35.70
CA ARG D 331 13.25 37.19 35.77
C ARG D 331 12.47 36.74 36.99
N TRP D 332 12.72 37.32 38.15
CA TRP D 332 12.12 36.77 39.36
C TRP D 332 10.64 37.10 39.50
N GLN D 333 10.17 38.10 38.75
CA GLN D 333 8.78 38.52 38.79
C GLN D 333 7.85 37.79 37.84
N ARG D 334 8.41 37.20 36.80
CA ARG D 334 7.60 36.58 35.78
C ARG D 334 6.73 35.51 36.43
N GLY D 335 7.35 34.64 37.22
CA GLY D 335 6.66 33.49 37.79
C GLY D 335 5.37 33.84 38.47
N LYS D 336 5.39 34.86 39.31
CA LYS D 336 4.20 35.34 40.03
C LYS D 336 3.17 36.05 39.19
N ILE D 337 3.62 36.85 38.23
CA ILE D 337 2.71 37.60 37.37
C ILE D 337 1.89 36.62 36.60
N ALA D 338 2.59 35.63 36.08
CA ALA D 338 2.00 34.57 35.29
C ALA D 338 0.95 33.84 36.08
N ARG D 339 1.32 33.44 37.28
CA ARG D 339 0.41 32.71 38.16
C ARG D 339 -0.87 33.50 38.42
N ALA D 340 -0.72 34.81 38.54
CA ALA D 340 -1.84 35.73 38.78
C ALA D 340 -2.71 35.93 37.54
N LEU D 341 -2.08 36.04 36.37
CA LEU D 341 -2.77 36.20 35.11
C LEU D 341 -3.62 34.99 34.82
N ALA D 342 -2.95 33.84 34.83
CA ALA D 342 -3.61 32.57 34.58
C ALA D 342 -4.85 32.38 35.46
N ALA D 343 -4.76 32.77 36.72
CA ALA D 343 -5.88 32.69 37.65
C ALA D 343 -7.10 33.46 37.16
N LYS D 344 -6.85 34.70 36.75
CA LYS D 344 -7.85 35.60 36.20
C LYS D 344 -8.31 35.13 34.86
N LEU D 345 -7.36 34.62 34.07
CA LEU D 345 -7.72 34.14 32.75
C LEU D 345 -8.74 33.02 32.89
N ALA D 346 -8.49 32.11 33.79
CA ALA D 346 -9.41 31.02 33.97
C ALA D 346 -10.78 31.52 34.45
N ILE D 347 -10.83 32.48 35.37
CA ILE D 347 -12.11 33.07 35.72
C ILE D 347 -12.74 33.72 34.52
N ALA D 348 -11.93 34.50 33.80
CA ALA D 348 -12.39 35.19 32.59
C ALA D 348 -12.91 34.24 31.52
N ALA D 349 -12.18 33.16 31.27
CA ALA D 349 -12.58 32.19 30.27
C ALA D 349 -13.91 31.61 30.70
N ARG D 350 -14.02 31.35 31.98
CA ARG D 350 -15.22 30.76 32.53
C ARG D 350 -16.41 31.71 32.49
N VAL D 351 -16.19 32.99 32.77
CA VAL D 351 -17.34 33.88 32.70
C VAL D 351 -17.72 34.04 31.22
N ASP D 352 -16.74 33.99 30.30
CA ASP D 352 -17.08 34.14 28.87
C ASP D 352 -17.88 32.96 28.29
N ALA D 353 -17.45 31.74 28.57
CA ALA D 353 -18.06 30.56 27.95
C ALA D 353 -19.44 30.27 28.49
N PHE D 354 -19.57 30.39 29.80
CA PHE D 354 -20.82 30.06 30.46
C PHE D 354 -21.73 31.29 30.39
N SER D 355 -21.44 32.09 29.37
CA SER D 355 -22.34 33.04 28.70
C SER D 355 -22.48 34.36 29.46
N GLY D 356 -21.60 34.56 30.42
CA GLY D 356 -21.51 35.83 31.12
C GLY D 356 -21.28 37.05 30.22
N ARG D 357 -21.78 38.18 30.69
CA ARG D 357 -21.54 39.48 30.12
C ARG D 357 -20.14 39.97 30.55
N PHE D 358 -19.64 40.96 29.84
CA PHE D 358 -18.34 41.59 30.08
C PHE D 358 -18.16 42.00 31.54
N ILE D 359 -17.02 41.64 32.13
CA ILE D 359 -16.69 42.08 33.48
C ILE D 359 -15.22 42.43 33.54
N GLY D 360 -14.62 42.56 32.37
CA GLY D 360 -13.19 42.75 32.18
C GLY D 360 -12.52 43.94 32.85
N ASP D 361 -13.32 44.94 33.19
CA ASP D 361 -12.76 46.12 33.80
C ASP D 361 -12.16 45.78 35.18
N GLN D 362 -12.93 45.13 36.05
CA GLN D 362 -12.43 44.77 37.37
C GLN D 362 -11.40 43.64 37.29
N LEU D 363 -11.57 42.73 36.33
CA LEU D 363 -10.60 41.67 36.16
C LEU D 363 -9.23 42.29 35.84
N ASN D 364 -9.17 43.30 34.99
CA ASN D 364 -7.91 44.00 34.75
C ASN D 364 -7.43 44.74 36.01
N GLU D 365 -8.35 45.43 36.70
CA GLU D 365 -8.07 46.21 37.92
C GLU D 365 -7.47 45.39 39.05
N GLN D 366 -8.11 44.26 39.31
CA GLN D 366 -7.65 43.25 40.23
C GLN D 366 -6.26 42.78 39.84
N LEU D 367 -6.05 42.55 38.55
CA LEU D 367 -4.79 42.04 38.01
C LEU D 367 -3.64 43.03 38.14
N LYS D 368 -3.90 44.30 37.84
CA LYS D 368 -2.87 45.33 37.99
C LYS D 368 -2.57 45.54 39.45
N LYS D 369 -3.55 45.29 40.31
CA LYS D 369 -3.27 45.28 41.74
C LYS D 369 -2.23 44.23 42.08
N ARG D 370 -2.53 42.97 41.72
CA ARG D 370 -1.63 41.87 42.00
C ARG D 370 -0.28 42.13 41.37
N ILE D 371 -0.27 42.81 40.23
CA ILE D 371 0.99 43.20 39.59
C ILE D 371 1.75 44.31 40.33
N ASP D 372 1.06 45.36 40.74
CA ASP D 372 1.73 46.46 41.46
C ASP D 372 2.38 45.99 42.73
N GLU D 373 1.73 45.06 43.41
CA GLU D 373 2.26 44.51 44.63
C GLU D 373 3.55 43.75 44.37
N ILE D 374 3.52 42.92 43.34
CA ILE D 374 4.68 42.14 42.98
C ILE D 374 5.85 43.07 42.74
N LYS D 375 5.58 44.16 42.03
CA LYS D 375 6.68 44.99 41.61
C LYS D 375 7.32 45.77 42.74
N GLU D 376 6.63 45.91 43.86
CA GLU D 376 7.24 46.61 44.98
C GLU D 376 7.89 45.63 45.96
N LYS D 377 8.97 45.00 45.50
CA LYS D 377 9.85 44.15 46.30
C LYS D 377 11.22 43.96 45.63
N ALA E 7 -29.46 30.45 42.22
CA ALA E 7 -28.21 30.34 41.46
C ALA E 7 -28.34 29.25 40.39
N SER E 8 -27.59 29.38 39.30
CA SER E 8 -27.88 28.55 38.12
C SER E 8 -26.89 27.45 37.88
N TYR E 9 -25.75 27.50 38.56
CA TYR E 9 -24.82 26.40 38.44
C TYR E 9 -25.26 25.35 39.43
N VAL E 10 -26.30 25.69 40.20
CA VAL E 10 -26.89 24.78 41.17
C VAL E 10 -27.89 23.84 40.51
N LYS E 11 -27.51 22.60 40.29
CA LYS E 11 -28.36 21.68 39.55
C LYS E 11 -29.50 21.10 40.40
N PHE E 12 -29.21 20.68 41.63
CA PHE E 12 -30.26 20.05 42.45
C PHE E 12 -30.32 20.67 43.84
N GLU E 13 -31.26 20.21 44.66
CA GLU E 13 -31.53 20.86 45.93
C GLU E 13 -31.06 20.19 47.24
N VAL E 14 -30.26 20.92 48.04
CA VAL E 14 -29.71 20.41 49.30
C VAL E 14 -30.39 20.93 50.55
N PRO E 15 -31.00 20.02 51.32
CA PRO E 15 -31.63 20.20 52.65
C PRO E 15 -30.55 20.43 53.71
N GLN E 16 -30.74 21.30 54.71
CA GLN E 16 -29.61 21.61 55.60
C GLN E 16 -29.06 20.43 56.40
N ASP E 17 -29.84 19.37 56.60
CA ASP E 17 -29.29 18.15 57.18
C ASP E 17 -28.29 17.50 56.24
N LEU E 18 -28.62 17.51 54.94
CA LEU E 18 -27.70 16.97 53.95
C LEU E 18 -26.48 17.87 53.90
N ALA E 19 -26.72 19.18 53.87
CA ALA E 19 -25.63 20.15 53.86
C ALA E 19 -24.62 20.00 55.01
N ASP E 20 -25.14 19.69 56.20
CA ASP E 20 -24.29 19.63 57.39
C ASP E 20 -23.47 18.36 57.45
N LYS E 21 -24.05 17.25 57.01
CA LYS E 21 -23.32 16.00 57.05
C LYS E 21 -22.07 16.15 56.18
N VAL E 22 -22.17 17.02 55.19
CA VAL E 22 -21.05 17.38 54.33
C VAL E 22 -19.99 18.10 55.15
N LEU E 23 -20.36 19.24 55.69
CA LEU E 23 -19.42 20.03 56.46
C LEU E 23 -18.70 19.26 57.54
N GLU E 24 -19.37 18.33 58.19
CA GLU E 24 -18.65 17.46 59.12
C GLU E 24 -17.75 16.54 58.31
N ALA E 25 -18.30 15.99 57.24
CA ALA E 25 -17.60 15.02 56.40
C ALA E 25 -16.25 15.52 55.89
N VAL E 26 -16.21 16.80 55.56
CA VAL E 26 -14.99 17.44 55.10
C VAL E 26 -13.97 17.42 56.20
N ARG E 27 -14.40 17.84 57.39
CA ARG E 27 -13.50 17.98 58.52
C ARG E 27 -12.80 16.69 58.91
N LYS E 28 -13.56 15.61 58.99
CA LYS E 28 -12.96 14.33 59.34
C LYS E 28 -11.95 13.89 58.29
N ALA E 29 -12.15 14.34 57.05
CA ALA E 29 -11.24 13.98 55.98
C ALA E 29 -9.95 14.80 55.97
N LYS E 30 -9.92 15.96 56.60
CA LYS E 30 -8.63 16.62 56.85
C LYS E 30 -7.84 15.84 57.86
N GLU E 31 -8.54 15.41 58.90
CA GLU E 31 -7.96 14.67 59.99
C GLU E 31 -7.54 13.26 59.62
N SER E 32 -8.48 12.48 59.09
CA SER E 32 -8.28 11.05 58.90
C SER E 32 -7.96 10.67 57.47
N GLY E 33 -8.30 11.56 56.55
CA GLY E 33 -8.10 11.28 55.15
C GLY E 33 -7.30 12.31 54.38
N LYS E 34 -7.70 12.49 53.13
CA LYS E 34 -7.07 13.50 52.27
C LYS E 34 -8.09 14.34 51.53
N ILE E 35 -7.97 15.67 51.60
CA ILE E 35 -8.82 16.51 50.77
C ILE E 35 -8.05 17.53 49.92
N LYS E 36 -8.71 18.18 48.95
CA LYS E 36 -8.10 19.27 48.20
C LYS E 36 -9.02 20.49 48.29
N LYS E 37 -8.50 21.66 48.62
CA LYS E 37 -9.38 22.79 48.91
C LYS E 37 -9.10 23.94 47.97
N GLY E 38 -10.12 24.61 47.45
CA GLY E 38 -9.89 25.61 46.42
C GLY E 38 -10.55 25.12 45.14
N THR E 39 -10.87 26.04 44.22
CA THR E 39 -11.59 25.67 42.98
C THR E 39 -10.68 25.04 41.94
N ASN E 40 -9.47 25.58 41.82
CA ASN E 40 -8.50 25.09 40.85
C ASN E 40 -8.03 23.67 41.14
N GLU E 41 -7.84 23.38 42.44
CA GLU E 41 -7.45 22.05 42.88
C GLU E 41 -8.59 21.04 42.75
N THR E 42 -9.82 21.50 42.94
CA THR E 42 -11.00 20.64 42.81
C THR E 42 -11.22 20.22 41.34
N THR E 43 -10.93 21.14 40.43
CA THR E 43 -10.98 20.87 39.00
C THR E 43 -9.94 19.80 38.61
N LYS E 44 -8.70 19.97 39.09
CA LYS E 44 -7.63 19.01 38.83
C LYS E 44 -7.97 17.72 39.51
N ALA E 45 -8.68 17.81 40.63
CA ALA E 45 -8.99 16.60 41.37
C ALA E 45 -10.01 15.78 40.59
N VAL E 46 -10.87 16.45 39.84
CA VAL E 46 -11.85 15.76 39.03
C VAL E 46 -11.27 15.24 37.74
N GLU E 47 -10.52 16.05 37.02
CA GLU E 47 -9.89 15.60 35.80
C GLU E 47 -9.16 14.29 36.11
N ARG E 48 -8.58 14.24 37.29
CA ARG E 48 -7.76 13.13 37.69
C ARG E 48 -8.52 11.92 38.28
N GLY E 49 -9.82 12.06 38.54
CA GLY E 49 -10.58 10.93 39.06
C GLY E 49 -10.10 10.53 40.43
N GLN E 50 -9.51 11.50 41.12
CA GLN E 50 -9.06 11.27 42.47
C GLN E 50 -10.25 11.57 43.41
N ALA E 51 -11.08 12.50 43.00
CA ALA E 51 -12.16 12.91 43.89
C ALA E 51 -13.24 11.87 43.97
N LYS E 52 -13.68 11.61 45.20
CA LYS E 52 -14.74 10.64 45.44
C LYS E 52 -16.02 11.44 45.65
N LEU E 53 -15.87 12.65 46.20
CA LEU E 53 -17.00 13.57 46.41
C LEU E 53 -16.66 15.05 46.25
N VAL E 54 -17.41 15.75 45.40
CA VAL E 54 -17.15 17.19 45.14
C VAL E 54 -18.24 18.12 45.70
N ILE E 55 -17.81 19.07 46.52
CA ILE E 55 -18.70 19.99 47.23
C ILE E 55 -18.59 21.43 46.76
N ILE E 56 -19.70 22.03 46.34
CA ILE E 56 -19.67 23.38 45.75
C ILE E 56 -20.51 24.43 46.49
N ALA E 57 -19.93 25.58 46.76
CA ALA E 57 -20.61 26.59 47.56
C ALA E 57 -21.66 27.26 46.68
N GLU E 58 -22.69 27.86 47.27
CA GLU E 58 -23.81 28.46 46.52
C GLU E 58 -23.79 29.99 46.39
N ASP E 59 -22.85 30.64 47.07
CA ASP E 59 -22.83 32.10 47.11
C ASP E 59 -21.60 32.68 46.40
N VAL E 60 -21.13 31.99 45.37
CA VAL E 60 -19.93 32.39 44.68
C VAL E 60 -20.24 33.55 43.76
N GLN E 61 -19.30 34.50 43.63
CA GLN E 61 -19.48 35.65 42.73
C GLN E 61 -18.21 36.10 42.03
N PRO E 62 -18.18 35.98 40.69
CA PRO E 62 -19.34 35.52 39.92
C PRO E 62 -19.48 34.00 39.83
N GLU E 63 -20.72 33.58 39.62
CA GLU E 63 -21.08 32.20 39.62
C GLU E 63 -20.24 31.36 38.68
N GLU E 64 -19.94 31.90 37.52
CA GLU E 64 -19.36 31.13 36.43
C GLU E 64 -18.00 30.54 36.83
N ILE E 65 -17.44 31.01 37.94
CA ILE E 65 -16.17 30.52 38.44
C ILE E 65 -16.23 29.01 38.66
N VAL E 66 -17.35 28.53 39.22
CA VAL E 66 -17.54 27.13 39.59
C VAL E 66 -18.60 26.42 38.74
N ALA E 67 -19.07 27.10 37.71
CA ALA E 67 -20.13 26.59 36.83
C ALA E 67 -19.70 25.39 36.03
N HIS E 68 -18.39 25.26 35.85
CA HIS E 68 -17.80 24.15 35.10
C HIS E 68 -17.70 22.83 35.83
N LEU E 69 -17.82 22.86 37.15
CA LEU E 69 -17.67 21.63 37.94
C LEU E 69 -18.78 20.55 37.71
N PRO E 70 -20.06 20.95 37.59
CA PRO E 70 -21.12 19.98 37.27
C PRO E 70 -20.89 19.21 35.97
N LEU E 71 -20.42 19.90 34.94
CA LEU E 71 -20.12 19.29 33.66
C LEU E 71 -19.03 18.24 33.83
N LEU E 72 -17.94 18.65 34.45
CA LEU E 72 -16.74 17.84 34.61
C LEU E 72 -17.04 16.60 35.42
N CYS E 73 -17.82 16.77 36.49
CA CYS E 73 -18.11 15.70 37.41
C CYS E 73 -18.94 14.61 36.77
N ASP E 74 -19.67 14.92 35.70
CA ASP E 74 -20.47 13.89 35.04
C ASP E 74 -19.66 13.12 34.00
N GLU E 75 -18.75 13.83 33.33
CA GLU E 75 -17.86 13.22 32.35
C GLU E 75 -17.02 12.17 33.08
N LYS E 76 -16.54 12.53 34.28
CA LYS E 76 -15.74 11.62 35.08
C LYS E 76 -16.59 10.86 36.09
N LYS E 77 -17.91 11.05 36.01
CA LYS E 77 -18.89 10.34 36.84
C LYS E 77 -18.63 10.47 38.37
N ILE E 78 -18.23 11.68 38.77
CA ILE E 78 -18.03 11.98 40.17
C ILE E 78 -19.22 12.75 40.75
N PRO E 79 -19.80 12.28 41.87
CA PRO E 79 -20.98 12.90 42.48
C PRO E 79 -20.70 14.30 43.05
N TYR E 80 -21.63 15.25 42.91
CA TYR E 80 -21.42 16.60 43.46
C TYR E 80 -22.58 17.05 44.31
N VAL E 81 -22.30 17.92 45.27
CA VAL E 81 -23.23 18.31 46.33
C VAL E 81 -23.02 19.78 46.56
N TYR E 82 -24.02 20.47 47.08
CA TYR E 82 -23.90 21.89 47.41
C TYR E 82 -24.01 22.14 48.92
N VAL E 83 -23.33 23.19 49.39
CA VAL E 83 -23.48 23.72 50.74
C VAL E 83 -23.80 25.20 50.56
N SER E 84 -24.36 25.87 51.55
CA SER E 84 -24.89 27.21 51.23
C SER E 84 -23.90 28.38 51.27
N SER E 85 -22.92 28.36 52.17
CA SER E 85 -21.93 29.45 52.31
C SER E 85 -20.51 29.05 51.95
N LYS E 86 -19.81 29.90 51.23
CA LYS E 86 -18.44 29.59 50.87
C LYS E 86 -17.51 29.77 52.09
N LYS E 87 -17.77 30.75 52.97
CA LYS E 87 -16.94 30.93 54.17
C LYS E 87 -16.98 29.70 55.05
N ALA E 88 -18.16 29.11 55.13
CA ALA E 88 -18.44 27.95 55.94
C ALA E 88 -17.69 26.73 55.43
N LEU E 89 -17.58 26.61 54.11
CA LEU E 89 -16.88 25.47 53.53
C LEU E 89 -15.36 25.61 53.70
N GLY E 90 -14.87 26.85 53.70
CA GLY E 90 -13.46 27.12 53.96
C GLY E 90 -13.01 26.85 55.38
N GLU E 91 -13.84 27.24 56.33
CA GLU E 91 -13.52 27.06 57.74
C GLU E 91 -13.67 25.65 58.18
N ALA E 92 -14.42 24.89 57.40
CA ALA E 92 -14.35 23.47 57.53
C ALA E 92 -12.95 23.10 57.07
N CYS E 93 -12.57 23.61 55.91
CA CYS E 93 -11.34 23.18 55.24
C CYS E 93 -10.02 23.37 56.00
N GLY E 94 -10.04 24.09 57.11
CA GLY E 94 -8.83 24.33 57.86
C GLY E 94 -8.26 25.64 57.40
N LEU E 95 -9.12 26.40 56.72
CA LEU E 95 -8.76 27.75 56.28
C LEU E 95 -9.51 28.77 57.08
N GLN E 96 -8.97 29.99 57.13
CA GLN E 96 -9.63 31.09 57.81
C GLN E 96 -10.22 32.10 56.81
N VAL E 97 -10.22 31.73 55.53
CA VAL E 97 -10.88 32.49 54.45
C VAL E 97 -11.89 31.58 53.74
N ALA E 98 -12.70 32.12 52.83
CA ALA E 98 -13.69 31.30 52.08
C ALA E 98 -13.11 30.34 51.07
N THR E 99 -13.98 29.44 50.60
CA THR E 99 -13.63 28.57 49.49
C THR E 99 -14.93 28.26 48.70
N ALA E 100 -14.85 28.29 47.36
CA ALA E 100 -16.02 28.10 46.54
C ALA E 100 -16.29 26.62 46.24
N SER E 101 -15.25 25.81 46.30
CA SER E 101 -15.44 24.38 46.10
C SER E 101 -14.34 23.59 46.77
N ALA E 102 -14.65 22.36 47.16
CA ALA E 102 -13.69 21.50 47.81
C ALA E 102 -13.96 20.06 47.42
N ALA E 103 -13.01 19.16 47.69
CA ALA E 103 -13.16 17.78 47.27
C ALA E 103 -12.60 16.78 48.24
N ILE E 104 -13.26 15.66 48.41
CA ILE E 104 -12.65 14.60 49.20
C ILE E 104 -12.04 13.51 48.34
N LEU E 105 -10.73 13.31 48.45
CA LEU E 105 -10.09 12.25 47.69
C LEU E 105 -10.06 11.02 48.61
N GLU E 106 -9.76 11.24 49.87
CA GLU E 106 -9.75 10.14 50.83
C GLU E 106 -10.62 10.53 52.02
N PRO E 107 -11.70 9.77 52.21
CA PRO E 107 -12.78 9.98 53.19
C PRO E 107 -12.33 9.69 54.60
N GLY E 108 -11.51 8.64 54.70
CA GLY E 108 -10.98 8.17 55.96
C GLY E 108 -12.01 7.72 56.97
N GLU E 109 -11.92 8.30 58.15
CA GLU E 109 -12.84 7.99 59.24
C GLU E 109 -14.09 8.84 59.09
N ALA E 110 -14.53 8.91 57.84
CA ALA E 110 -15.77 9.54 57.42
C ALA E 110 -16.28 8.71 56.24
N LYS E 111 -15.68 7.56 56.01
CA LYS E 111 -16.10 6.67 54.92
C LYS E 111 -17.59 6.44 55.02
N ASP E 112 -18.03 6.00 56.20
CA ASP E 112 -19.44 5.69 56.44
C ASP E 112 -20.30 6.92 56.25
N LEU E 113 -19.80 8.08 56.70
CA LEU E 113 -20.53 9.35 56.56
C LEU E 113 -20.65 9.87 55.13
N VAL E 114 -19.59 9.76 54.36
CA VAL E 114 -19.63 10.19 52.99
C VAL E 114 -20.55 9.27 52.21
N ASP E 115 -20.36 7.95 52.37
CA ASP E 115 -21.19 6.96 51.66
C ASP E 115 -22.66 7.21 51.86
N GLU E 116 -23.02 7.82 52.99
CA GLU E 116 -24.40 8.20 53.22
C GLU E 116 -24.82 9.40 52.40
N ILE E 117 -23.96 10.39 52.30
CA ILE E 117 -24.30 11.57 51.51
C ILE E 117 -24.35 11.25 50.04
N ILE E 118 -23.29 10.60 49.53
CA ILE E 118 -23.18 10.33 48.10
C ILE E 118 -24.32 9.44 47.65
N LYS E 119 -24.94 8.77 48.60
CA LYS E 119 -26.00 7.84 48.27
C LYS E 119 -27.36 8.53 48.48
N ARG E 120 -27.37 9.61 49.25
CA ARG E 120 -28.57 10.43 49.42
C ARG E 120 -28.89 11.42 48.30
N VAL E 121 -27.87 12.06 47.75
CA VAL E 121 -28.10 13.03 46.65
C VAL E 121 -28.48 12.31 45.37
N ASN E 122 -28.25 11.00 45.35
CA ASN E 122 -28.72 10.15 44.26
C ASN E 122 -30.24 9.98 44.30
N GLU E 123 -30.79 9.83 45.51
CA GLU E 123 -32.24 9.67 45.65
C GLU E 123 -32.97 10.95 45.25
N ILE E 124 -32.42 12.10 45.61
CA ILE E 124 -33.00 13.40 45.25
C ILE E 124 -32.76 13.78 43.78
N LYS E 125 -31.98 12.95 43.10
CA LYS E 125 -31.62 13.03 41.68
C LYS E 125 -32.42 12.00 40.83
N GLY E 126 -33.29 11.21 41.47
CA GLY E 126 -34.10 10.18 40.82
C GLY E 126 -33.41 8.91 40.35
N LYS E 127 -32.55 8.33 41.18
CA LYS E 127 -31.78 7.14 40.77
C LYS E 127 -32.34 5.88 41.49
N THR E 128 -32.58 4.77 40.76
CA THR E 128 -33.00 3.51 41.40
C THR E 128 -31.86 2.48 41.42
N ILE F 5 2.56 -14.25 -6.85
CA ILE F 5 1.39 -14.11 -5.99
C ILE F 5 0.67 -15.44 -5.73
N THR F 6 0.15 -15.54 -4.52
CA THR F 6 -0.70 -16.64 -4.05
C THR F 6 -1.49 -16.09 -2.84
N VAL F 7 -2.78 -16.40 -2.76
CA VAL F 7 -3.60 -15.98 -1.61
C VAL F 7 -4.34 -17.15 -1.01
N LYS F 8 -4.31 -17.25 0.32
CA LYS F 8 -4.99 -18.35 1.00
C LYS F 8 -5.55 -17.93 2.36
N GLN F 9 -6.63 -18.59 2.77
CA GLN F 9 -7.29 -18.42 4.07
C GLN F 9 -6.37 -18.54 5.28
N THR F 10 -6.72 -17.91 6.40
CA THR F 10 -5.99 -18.20 7.64
C THR F 10 -6.90 -18.84 8.69
N ASN F 11 -6.30 -19.19 9.82
CA ASN F 11 -7.00 -19.86 10.91
C ASN F 11 -8.24 -19.10 11.37
N MET F 12 -8.29 -17.81 11.07
CA MET F 12 -9.40 -16.96 11.48
C MET F 12 -10.32 -16.59 10.32
N GLU F 13 -11.63 -16.59 10.60
CA GLU F 13 -12.63 -16.26 9.59
C GLU F 13 -12.45 -14.96 8.83
N ASN F 14 -12.64 -15.05 7.52
CA ASN F 14 -12.47 -13.91 6.63
C ASN F 14 -11.20 -13.13 6.77
N ILE F 15 -10.11 -13.84 7.04
CA ILE F 15 -8.81 -13.21 7.11
C ILE F 15 -7.73 -14.05 6.38
N TYR F 16 -6.94 -13.38 5.55
CA TYR F 16 -5.98 -14.05 4.68
C TYR F 16 -4.56 -13.54 4.75
N GLU F 17 -3.63 -14.37 4.30
CA GLU F 17 -2.26 -13.94 4.10
C GLU F 17 -1.98 -13.99 2.59
N CYS F 18 -1.02 -13.19 2.13
CA CYS F 18 -0.61 -13.26 0.73
C CYS F 18 0.86 -13.66 0.52
N GLU F 19 1.08 -14.68 -0.32
CA GLU F 19 2.41 -14.97 -0.89
C GLU F 19 2.57 -13.99 -2.06
N PHE F 20 3.71 -13.30 -2.18
CA PHE F 20 3.90 -12.27 -3.22
C PHE F 20 5.08 -12.53 -4.18
N ASN F 21 5.12 -11.71 -5.22
CA ASN F 21 6.10 -11.72 -6.28
C ASN F 21 7.56 -11.95 -5.80
N ASP F 22 7.87 -11.49 -4.60
CA ASP F 22 9.24 -11.52 -4.10
C ASP F 22 9.38 -12.63 -3.06
N GLY F 23 8.28 -12.92 -2.37
CA GLY F 23 8.31 -13.91 -1.32
C GLY F 23 8.09 -13.21 -0.01
N SER F 24 7.20 -12.21 -0.02
CA SER F 24 6.75 -11.46 1.15
C SER F 24 5.33 -11.86 1.61
N PHE F 25 4.99 -11.65 2.89
CA PHE F 25 3.66 -12.03 3.45
C PHE F 25 2.83 -10.94 4.16
N ARG F 26 1.70 -10.51 3.59
CA ARG F 26 0.89 -9.46 4.25
C ARG F 26 -0.60 -9.85 4.45
N LEU F 27 -1.17 -9.51 5.61
CA LEU F 27 -2.61 -9.80 5.90
C LEU F 27 -3.53 -9.03 4.97
N CYS F 28 -4.75 -9.54 4.83
CA CYS F 28 -5.81 -8.88 4.06
C CYS F 28 -7.25 -9.36 4.35
N THR F 29 -8.24 -8.52 4.06
CA THR F 29 -9.63 -8.95 4.27
C THR F 29 -10.38 -8.83 2.98
N ARG F 30 -11.46 -9.60 2.91
CA ARG F 30 -12.19 -9.72 1.68
C ARG F 30 -13.03 -8.51 1.42
N ASN F 31 -12.74 -7.86 0.29
CA ASN F 31 -13.24 -6.55 -0.02
C ASN F 31 -14.75 -6.58 -0.30
N LEU F 32 -15.48 -5.95 0.62
CA LEU F 32 -16.92 -5.83 0.60
C LEU F 32 -17.44 -4.86 -0.47
N VAL F 33 -16.65 -3.83 -0.74
CA VAL F 33 -17.01 -2.87 -1.77
C VAL F 33 -15.87 -2.77 -2.76
N PRO F 34 -15.82 -3.70 -3.73
CA PRO F 34 -14.69 -3.80 -4.67
C PRO F 34 -14.44 -2.50 -5.43
N ASN F 35 -13.18 -2.27 -5.77
CA ASN F 35 -12.66 -1.06 -6.41
C ASN F 35 -12.55 0.16 -5.48
N PHE F 36 -12.80 -0.05 -4.17
CA PHE F 36 -12.80 1.04 -3.19
C PHE F 36 -12.05 0.84 -1.87
N ASN F 37 -11.13 1.76 -1.61
CA ASN F 37 -10.21 1.70 -0.48
C ASN F 37 -10.37 2.93 0.42
N VAL F 38 -10.46 2.74 1.73
CA VAL F 38 -10.67 3.90 2.61
C VAL F 38 -9.35 4.60 2.93
N TYR F 39 -8.24 3.86 3.05
CA TYR F 39 -6.97 4.56 3.05
C TYR F 39 -6.22 4.22 1.72
N GLY F 40 -4.90 4.15 1.72
CA GLY F 40 -4.17 3.95 0.48
C GLY F 40 -3.83 2.52 0.05
N GLU F 41 -4.45 1.55 0.72
CA GLU F 41 -4.04 0.14 0.63
C GLU F 41 -4.11 -0.52 -0.74
N ARG F 42 -3.23 -1.50 -0.94
CA ARG F 42 -3.21 -2.28 -2.15
C ARG F 42 -4.56 -2.99 -2.26
N LEU F 43 -5.09 -3.00 -3.47
CA LEU F 43 -6.16 -3.90 -3.83
C LEU F 43 -5.60 -5.03 -4.65
N ILE F 44 -5.94 -6.26 -4.29
CA ILE F 44 -5.38 -7.41 -4.95
C ILE F 44 -6.45 -8.39 -5.38
N LYS F 45 -6.40 -8.82 -6.65
CA LYS F 45 -7.25 -9.89 -7.16
C LYS F 45 -6.58 -11.25 -7.18
N TYR F 46 -7.27 -12.26 -6.66
CA TYR F 46 -6.72 -13.61 -6.68
C TYR F 46 -7.85 -14.57 -6.97
N GLU F 47 -7.74 -15.28 -8.09
CA GLU F 47 -8.86 -16.04 -8.64
C GLU F 47 -10.07 -15.11 -8.66
N GLY F 48 -9.87 -13.93 -9.23
CA GLY F 48 -10.96 -13.02 -9.55
C GLY F 48 -11.77 -12.53 -8.38
N VAL F 49 -11.16 -12.47 -7.21
CA VAL F 49 -11.85 -11.91 -6.04
C VAL F 49 -11.00 -10.77 -5.49
N GLU F 50 -11.62 -9.71 -5.01
CA GLU F 50 -10.80 -8.60 -4.58
C GLU F 50 -10.70 -8.55 -3.07
N TYR F 51 -9.47 -8.40 -2.55
CA TYR F 51 -9.19 -8.36 -1.13
C TYR F 51 -8.52 -7.02 -0.83
N ARG F 52 -8.63 -6.56 0.41
CA ARG F 52 -7.99 -5.30 0.80
C ARG F 52 -6.74 -5.53 1.66
N GLU F 53 -5.59 -4.93 1.29
CA GLU F 53 -4.33 -5.15 2.06
C GLU F 53 -4.55 -4.46 3.40
N TRP F 54 -4.31 -5.20 4.49
CA TRP F 54 -4.60 -4.74 5.85
C TRP F 54 -3.37 -4.30 6.64
N ASN F 55 -2.91 -3.05 6.51
CA ASN F 55 -1.62 -2.67 7.14
C ASN F 55 -1.70 -2.77 8.66
N ALA F 56 -0.92 -3.65 9.26
CA ALA F 56 -0.97 -3.84 10.70
C ALA F 56 -0.45 -2.63 11.45
N PHE F 57 0.48 -1.96 10.79
CA PHE F 57 1.15 -0.79 11.34
C PHE F 57 0.17 0.36 11.56
N ARG F 58 -0.97 0.30 10.87
CA ARG F 58 -2.03 1.31 10.95
C ARG F 58 -3.22 0.88 11.85
N SER F 59 -3.61 -0.39 11.74
CA SER F 59 -4.72 -0.97 12.49
C SER F 59 -4.33 -1.86 13.65
N LYS F 60 -4.85 -1.55 14.82
CA LYS F 60 -4.50 -2.27 16.02
C LYS F 60 -4.84 -3.76 16.00
N LEU F 61 -5.95 -4.10 15.34
CA LEU F 61 -6.43 -5.48 15.27
C LEU F 61 -5.54 -6.41 14.48
N ALA F 62 -5.05 -5.94 13.33
CA ALA F 62 -4.10 -6.70 12.51
C ALA F 62 -2.80 -6.90 13.28
N GLY F 63 -2.44 -5.90 14.06
CA GLY F 63 -1.27 -5.99 14.90
C GLY F 63 -1.44 -7.13 15.87
N ALA F 64 -2.57 -7.12 16.58
CA ALA F 64 -2.83 -8.11 17.62
C ALA F 64 -2.77 -9.52 17.04
N ILE F 65 -3.28 -9.67 15.82
CA ILE F 65 -3.25 -10.95 15.11
C ILE F 65 -1.82 -11.31 14.73
N LEU F 66 -1.13 -10.42 14.03
CA LEU F 66 0.24 -10.69 13.69
C LEU F 66 1.14 -10.73 14.95
N LYS F 67 0.62 -10.35 16.13
CA LYS F 67 1.37 -10.51 17.39
C LYS F 67 0.77 -11.64 18.19
N GLY F 68 -0.04 -12.45 17.51
CA GLY F 68 -0.54 -13.71 18.06
C GLY F 68 -1.92 -13.78 18.70
N LEU F 69 -2.89 -13.01 18.23
CA LEU F 69 -4.23 -13.13 18.81
C LEU F 69 -4.69 -14.57 18.63
N LYS F 70 -4.74 -15.27 19.75
CA LYS F 70 -4.94 -16.71 19.75
C LYS F 70 -6.23 -16.99 19.00
N THR F 71 -7.32 -16.36 19.45
CA THR F 71 -8.64 -16.51 18.84
C THR F 71 -9.32 -15.11 18.71
N ASN F 72 -10.08 -14.98 17.62
CA ASN F 72 -10.78 -13.75 17.23
C ASN F 72 -12.28 -13.82 17.27
N PRO F 73 -12.90 -13.02 18.16
CA PRO F 73 -14.33 -12.95 18.40
C PRO F 73 -15.10 -12.09 17.42
N ILE F 74 -14.37 -11.45 16.51
CA ILE F 74 -15.05 -10.70 15.48
C ILE F 74 -14.99 -11.48 14.17
N ARG F 75 -16.14 -11.95 13.69
CA ARG F 75 -16.13 -12.80 12.51
C ARG F 75 -17.34 -12.54 11.62
N LYS F 76 -17.52 -13.42 10.64
CA LYS F 76 -18.70 -13.41 9.77
C LYS F 76 -19.94 -13.31 10.61
N GLY F 77 -20.73 -12.30 10.31
CA GLY F 77 -22.03 -12.08 10.92
C GLY F 77 -22.10 -11.71 12.38
N THR F 78 -21.10 -10.98 12.89
CA THR F 78 -21.02 -10.53 14.28
C THR F 78 -21.57 -9.10 14.49
N LYS F 79 -22.25 -8.83 15.62
CA LYS F 79 -22.68 -7.44 15.97
C LYS F 79 -21.76 -6.73 16.95
N VAL F 80 -21.14 -5.61 16.55
CA VAL F 80 -20.11 -4.93 17.38
C VAL F 80 -20.37 -3.45 17.72
N LEU F 81 -20.03 -3.07 18.96
CA LEU F 81 -19.92 -1.67 19.36
C LEU F 81 -18.46 -1.27 19.29
N TYR F 82 -18.14 -0.27 18.47
CA TYR F 82 -16.76 0.15 18.21
C TYR F 82 -16.55 1.55 18.74
N LEU F 83 -16.03 1.66 19.96
CA LEU F 83 -15.79 2.97 20.54
C LEU F 83 -14.51 3.58 19.98
N GLY F 84 -14.66 4.78 19.43
CA GLY F 84 -13.54 5.49 18.83
C GLY F 84 -13.27 5.14 17.40
N ALA F 85 -14.26 5.31 16.53
CA ALA F 85 -14.21 4.85 15.15
C ALA F 85 -13.23 5.65 14.27
N ALA F 86 -13.01 6.90 14.67
CA ALA F 86 -12.10 7.82 13.98
C ALA F 86 -12.31 7.87 12.48
N SER F 87 -11.23 7.99 11.73
CA SER F 87 -11.36 8.21 10.31
C SER F 87 -11.90 6.99 9.62
N GLY F 88 -11.88 5.86 10.33
CA GLY F 88 -12.45 4.65 9.79
C GLY F 88 -11.48 3.62 9.26
N THR F 89 -10.21 3.71 9.59
CA THR F 89 -9.25 2.72 9.12
C THR F 89 -9.58 1.29 9.59
N THR F 90 -9.53 1.03 10.89
CA THR F 90 -9.80 -0.32 11.40
C THR F 90 -11.27 -0.72 11.20
N ILE F 91 -12.21 0.19 11.41
CA ILE F 91 -13.62 -0.22 11.27
C ILE F 91 -14.01 -0.54 9.82
N SER F 92 -13.23 -0.05 8.86
CA SER F 92 -13.52 -0.40 7.49
C SER F 92 -13.19 -1.85 7.25
N HIS F 93 -12.12 -2.32 7.89
CA HIS F 93 -11.70 -3.72 7.76
C HIS F 93 -12.58 -4.71 8.53
N VAL F 94 -13.18 -4.30 9.66
CA VAL F 94 -14.10 -5.17 10.38
C VAL F 94 -15.41 -5.25 9.67
N SER F 95 -15.67 -4.25 8.85
CA SER F 95 -16.79 -4.25 7.94
C SER F 95 -16.56 -5.40 6.95
N ASP F 96 -15.35 -5.51 6.40
CA ASP F 96 -15.01 -6.62 5.49
C ASP F 96 -15.21 -8.01 6.12
N ILE F 97 -14.90 -8.07 7.41
CA ILE F 97 -14.95 -9.29 8.19
C ILE F 97 -16.37 -9.69 8.57
N ILE F 98 -17.11 -8.80 9.23
CA ILE F 98 -18.47 -9.13 9.70
C ILE F 98 -19.48 -9.18 8.56
N GLU F 99 -19.21 -8.44 7.50
CA GLU F 99 -19.71 -8.83 6.19
C GLU F 99 -21.21 -8.86 5.97
N LEU F 100 -21.90 -7.74 6.20
CA LEU F 100 -23.31 -7.53 5.82
C LEU F 100 -24.32 -8.19 6.72
N ASN F 101 -24.01 -9.41 7.14
CA ASN F 101 -24.93 -10.15 7.97
C ASN F 101 -24.94 -9.35 9.25
N GLY F 102 -23.72 -9.13 9.74
CA GLY F 102 -23.43 -8.48 11.00
C GLY F 102 -23.34 -6.98 10.87
N LYS F 103 -23.38 -6.30 12.02
CA LYS F 103 -23.42 -4.85 12.08
C LYS F 103 -22.41 -4.22 13.05
N ALA F 104 -21.93 -3.02 12.69
CA ALA F 104 -20.94 -2.26 13.46
C ALA F 104 -21.35 -0.81 13.79
N TYR F 105 -21.41 -0.45 15.07
CA TYR F 105 -21.76 0.91 15.54
C TYR F 105 -20.53 1.80 15.90
N GLY F 106 -20.32 2.90 15.18
CA GLY F 106 -19.16 3.75 15.39
C GLY F 106 -19.40 5.00 16.23
N VAL F 107 -18.96 4.98 17.49
CA VAL F 107 -19.02 6.16 18.34
C VAL F 107 -17.69 6.95 18.18
N GLU F 108 -17.79 8.27 18.00
CA GLU F 108 -16.60 9.13 17.84
C GLU F 108 -16.99 10.57 18.11
N PHE F 109 -16.29 11.22 19.03
CA PHE F 109 -16.77 12.53 19.48
C PHE F 109 -15.97 13.65 18.82
N SER F 110 -15.07 13.25 17.92
CA SER F 110 -14.29 14.23 17.21
C SER F 110 -14.76 14.45 15.78
N PRO F 111 -15.45 15.57 15.54
CA PRO F 111 -16.07 15.91 14.26
C PRO F 111 -15.13 16.13 13.07
N ARG F 112 -13.95 16.69 13.27
CA ARG F 112 -12.98 16.89 12.17
C ARG F 112 -12.68 15.59 11.49
N VAL F 113 -12.86 14.54 12.26
CA VAL F 113 -12.44 13.20 11.90
C VAL F 113 -13.64 12.34 11.52
N VAL F 114 -14.79 12.57 12.15
CA VAL F 114 -16.03 11.96 11.67
C VAL F 114 -16.37 12.45 10.26
N ARG F 115 -15.92 13.66 9.94
CA ARG F 115 -16.02 14.20 8.59
C ARG F 115 -15.56 13.15 7.58
N GLU F 116 -14.41 12.49 7.79
CA GLU F 116 -14.01 11.46 6.84
C GLU F 116 -14.63 10.09 7.12
N LEU F 117 -15.14 9.90 8.33
CA LEU F 117 -15.85 8.67 8.71
C LEU F 117 -17.20 8.52 8.00
N LEU F 118 -17.89 9.64 7.80
CA LEU F 118 -19.08 9.70 6.95
C LEU F 118 -18.89 8.95 5.64
N LEU F 119 -17.79 9.25 4.95
CA LEU F 119 -17.50 8.63 3.66
C LEU F 119 -17.46 7.11 3.78
N VAL F 120 -16.64 6.64 4.72
CA VAL F 120 -16.45 5.21 4.91
C VAL F 120 -17.78 4.57 5.25
N ALA F 121 -18.63 5.33 5.94
CA ALA F 121 -19.94 4.86 6.40
C ALA F 121 -21.07 4.95 5.36
N GLN F 122 -20.89 5.76 4.32
CA GLN F 122 -21.85 5.72 3.21
C GLN F 122 -21.71 4.43 2.41
N ARG F 123 -20.50 4.16 1.96
CA ARG F 123 -20.19 3.03 1.08
C ARG F 123 -20.52 1.68 1.73
N ARG F 124 -20.62 1.67 3.05
CA ARG F 124 -20.72 0.43 3.82
C ARG F 124 -21.91 0.41 4.77
N PRO F 125 -22.99 -0.29 4.43
CA PRO F 125 -24.11 -0.55 5.34
C PRO F 125 -23.75 -1.32 6.64
N ASN F 126 -22.57 -1.92 6.70
CA ASN F 126 -22.09 -2.44 7.97
C ASN F 126 -22.00 -1.42 9.09
N ILE F 127 -21.63 -0.20 8.73
CA ILE F 127 -21.09 0.80 9.65
C ILE F 127 -22.11 1.90 9.92
N PHE F 128 -22.33 2.19 11.18
CA PHE F 128 -23.34 3.16 11.61
C PHE F 128 -22.72 4.34 12.34
N PRO F 129 -22.42 5.41 11.62
CA PRO F 129 -21.75 6.50 12.32
C PRO F 129 -22.61 7.04 13.47
N LEU F 130 -21.93 7.39 14.56
CA LEU F 130 -22.53 8.06 15.70
C LEU F 130 -21.50 9.02 16.27
N LEU F 131 -21.79 10.31 16.16
CA LEU F 131 -21.00 11.36 16.79
C LEU F 131 -21.40 11.52 18.26
N ALA F 132 -20.71 10.84 19.17
CA ALA F 132 -20.98 11.00 20.60
C ALA F 132 -19.75 10.76 21.46
N ASP F 133 -19.85 11.15 22.73
CA ASP F 133 -18.81 10.95 23.74
C ASP F 133 -19.08 9.60 24.40
N ALA F 134 -18.17 8.66 24.27
CA ALA F 134 -18.45 7.35 24.83
C ALA F 134 -18.63 7.37 26.36
N ARG F 135 -18.28 8.48 26.99
CA ARG F 135 -18.51 8.67 28.42
C ARG F 135 -19.99 8.82 28.72
N PHE F 136 -20.80 9.15 27.73
CA PHE F 136 -22.25 9.22 27.94
C PHE F 136 -22.99 8.28 26.99
N PRO F 137 -22.98 6.94 27.27
CA PRO F 137 -23.63 5.96 26.38
C PRO F 137 -25.12 6.15 26.31
N GLN F 138 -25.60 7.06 27.12
CA GLN F 138 -26.97 7.48 27.08
C GLN F 138 -27.30 8.23 25.80
N SER F 139 -26.33 8.92 25.24
CA SER F 139 -26.61 9.76 24.06
C SER F 139 -26.72 9.02 22.73
N TYR F 140 -26.17 7.81 22.67
CA TYR F 140 -26.30 6.95 21.50
C TYR F 140 -27.17 5.70 21.80
N LYS F 141 -27.57 5.56 23.07
CA LYS F 141 -28.47 4.49 23.53
C LYS F 141 -29.68 4.12 22.67
N SER F 142 -30.29 5.14 22.10
CA SER F 142 -31.53 5.02 21.35
C SER F 142 -31.34 4.78 19.82
N VAL F 143 -30.21 4.20 19.40
CA VAL F 143 -29.93 3.91 17.97
C VAL F 143 -29.32 2.50 17.80
N VAL F 144 -28.63 2.01 18.84
CA VAL F 144 -28.00 0.71 18.79
C VAL F 144 -28.82 -0.40 19.48
N GLU F 145 -28.36 -1.64 19.31
CA GLU F 145 -28.83 -2.85 20.00
C GLU F 145 -27.68 -3.33 20.84
N ASN F 146 -27.76 -4.53 21.42
CA ASN F 146 -26.60 -5.11 22.12
C ASN F 146 -25.64 -5.81 21.17
N VAL F 147 -24.41 -6.03 21.60
CA VAL F 147 -23.38 -6.55 20.73
C VAL F 147 -22.64 -7.69 21.41
N ASP F 148 -21.90 -8.41 20.58
CA ASP F 148 -21.09 -9.51 21.04
C ASP F 148 -19.69 -9.03 21.46
N VAL F 149 -19.13 -8.16 20.63
CA VAL F 149 -17.80 -7.63 20.81
C VAL F 149 -17.89 -6.13 21.04
N LEU F 150 -17.12 -5.67 22.02
CA LEU F 150 -16.96 -4.26 22.33
C LEU F 150 -15.54 -3.80 22.04
N TYR F 151 -15.28 -3.24 20.85
CA TYR F 151 -13.92 -2.86 20.49
C TYR F 151 -13.67 -1.41 20.89
N VAL F 152 -12.72 -1.19 21.80
CA VAL F 152 -12.46 0.13 22.37
C VAL F 152 -11.01 0.59 22.13
N ASP F 153 -10.83 1.54 21.24
CA ASP F 153 -9.55 2.18 20.97
C ASP F 153 -9.81 3.66 21.09
N ILE F 154 -10.05 4.12 22.32
CA ILE F 154 -10.30 5.54 22.52
C ILE F 154 -9.24 6.17 23.43
N ALA F 155 -8.81 7.36 23.04
CA ALA F 155 -7.80 8.07 23.80
C ALA F 155 -8.37 8.76 25.04
N GLN F 156 -8.23 8.08 26.18
CA GLN F 156 -8.75 8.61 27.45
C GLN F 156 -8.00 8.05 28.65
N PRO F 157 -7.82 8.89 29.69
CA PRO F 157 -7.22 8.50 30.96
C PRO F 157 -8.05 7.47 31.69
N ASP F 158 -9.37 7.54 31.57
CA ASP F 158 -10.22 6.47 32.11
C ASP F 158 -10.79 5.64 30.99
N GLN F 159 -10.03 5.45 29.92
CA GLN F 159 -10.55 4.70 28.78
C GLN F 159 -11.13 3.36 29.17
N THR F 160 -10.50 2.72 30.13
CA THR F 160 -10.93 1.43 30.65
C THR F 160 -12.21 1.55 31.48
N ASP F 161 -12.23 2.51 32.39
CA ASP F 161 -13.43 2.80 33.20
C ASP F 161 -14.61 3.12 32.28
N ILE F 162 -14.39 3.90 31.23
CA ILE F 162 -15.40 4.14 30.17
C ILE F 162 -15.89 2.86 29.55
N ALA F 163 -14.91 2.06 29.17
CA ALA F 163 -15.14 0.79 28.50
C ALA F 163 -16.03 -0.08 29.36
N ILE F 164 -15.73 -0.13 30.65
CA ILE F 164 -16.52 -0.93 31.57
C ILE F 164 -17.97 -0.44 31.65
N TYR F 165 -18.14 0.88 31.66
CA TYR F 165 -19.46 1.51 31.65
C TYR F 165 -20.31 1.23 30.41
N ASN F 166 -19.71 1.40 29.24
CA ASN F 166 -20.38 1.05 28.01
C ASN F 166 -20.71 -0.41 27.98
N ALA F 167 -19.86 -1.17 28.66
CA ALA F 167 -19.98 -2.61 28.68
C ALA F 167 -21.28 -3.00 29.34
N LYS F 168 -21.52 -2.46 30.54
CA LYS F 168 -22.75 -2.75 31.27
C LYS F 168 -24.00 -2.15 30.64
N PHE F 169 -23.83 -1.41 29.54
CA PHE F 169 -24.98 -1.09 28.68
C PHE F 169 -25.21 -2.13 27.60
N PHE F 170 -24.17 -2.41 26.82
CA PHE F 170 -24.38 -3.03 25.55
C PHE F 170 -23.74 -4.41 25.32
N LEU F 171 -22.88 -4.87 26.22
CA LEU F 171 -22.18 -6.14 25.98
C LEU F 171 -23.10 -7.32 26.36
N LYS F 172 -23.44 -8.13 25.37
CA LYS F 172 -24.15 -9.38 25.64
C LYS F 172 -23.32 -10.17 26.66
N VAL F 173 -23.99 -10.86 27.58
CA VAL F 173 -23.30 -11.69 28.54
C VAL F 173 -22.54 -12.72 27.74
N ASN F 174 -21.31 -13.01 28.18
CA ASN F 174 -20.41 -13.91 27.47
C ASN F 174 -19.93 -13.38 26.13
N GLY F 175 -20.02 -12.08 25.93
CA GLY F 175 -19.40 -11.48 24.76
C GLY F 175 -17.93 -11.24 25.06
N ASP F 176 -17.15 -10.93 24.03
CA ASP F 176 -15.74 -10.71 24.26
C ASP F 176 -15.58 -9.22 24.14
N MET F 177 -14.67 -8.65 24.91
CA MET F 177 -14.35 -7.24 24.79
C MET F 177 -12.90 -7.19 24.40
N LEU F 178 -12.63 -6.45 23.33
CA LEU F 178 -11.27 -6.07 23.03
C LEU F 178 -11.06 -4.65 23.52
N LEU F 179 -10.25 -4.49 24.56
CA LEU F 179 -9.95 -3.18 25.11
C LEU F 179 -8.51 -2.83 24.80
N VAL F 180 -8.30 -1.73 24.08
CA VAL F 180 -6.96 -1.21 23.82
C VAL F 180 -6.41 -0.28 24.91
N ILE F 181 -5.27 -0.62 25.50
CA ILE F 181 -4.63 0.19 26.53
C ILE F 181 -3.52 1.11 25.97
N LYS F 182 -3.72 2.44 26.07
CA LYS F 182 -2.70 3.42 25.68
C LYS F 182 -1.91 3.95 26.85
N ALA F 183 -0.79 3.31 27.15
CA ALA F 183 -0.03 3.69 28.33
C ALA F 183 0.28 5.17 28.33
N ARG F 184 0.77 5.66 27.19
CA ARG F 184 1.27 7.02 27.15
C ARG F 184 0.10 8.01 27.12
N SER F 185 -1.12 7.52 26.89
CA SER F 185 -2.29 8.42 26.93
C SER F 185 -3.08 8.16 28.21
N ILE F 186 -2.61 7.24 29.03
CA ILE F 186 -3.19 7.14 30.34
C ILE F 186 -2.32 7.95 31.30
N ASP F 187 -1.00 7.84 31.09
CA ASP F 187 -0.01 8.61 31.84
C ASP F 187 1.37 8.48 31.20
N VAL F 188 1.93 9.59 30.74
CA VAL F 188 3.27 9.54 30.16
C VAL F 188 4.38 9.39 31.24
N THR F 189 4.04 9.50 32.53
CA THR F 189 5.03 9.31 33.60
C THR F 189 5.30 7.85 33.86
N LYS F 190 4.22 7.11 34.01
CA LYS F 190 4.30 5.71 34.37
C LYS F 190 4.94 4.84 33.30
N ASP F 191 5.53 3.75 33.76
CA ASP F 191 6.14 2.73 32.92
C ASP F 191 4.98 2.02 32.26
N PRO F 192 5.02 1.89 30.92
CA PRO F 192 3.91 1.23 30.23
C PRO F 192 3.55 -0.17 30.75
N LYS F 193 4.56 -0.98 31.07
CA LYS F 193 4.34 -2.37 31.44
C LYS F 193 3.66 -2.37 32.83
N GLU F 194 3.96 -1.35 33.64
CA GLU F 194 3.28 -1.13 34.94
C GLU F 194 1.79 -0.84 34.71
N ILE F 195 1.49 -0.02 33.72
CA ILE F 195 0.10 0.34 33.45
C ILE F 195 -0.80 -0.83 33.03
N TYR F 196 -0.36 -1.66 32.07
CA TYR F 196 -1.24 -2.72 31.53
C TYR F 196 -1.75 -3.60 32.66
N LYS F 197 -0.86 -3.92 33.60
CA LYS F 197 -1.17 -4.76 34.74
C LYS F 197 -2.21 -4.07 35.61
N THR F 198 -2.00 -2.77 35.84
CA THR F 198 -2.85 -1.99 36.74
C THR F 198 -4.26 -1.80 36.20
N GLU F 199 -4.37 -1.71 34.88
CA GLU F 199 -5.66 -1.66 34.15
C GLU F 199 -6.30 -3.04 33.95
N VAL F 200 -5.50 -4.08 33.70
CA VAL F 200 -6.08 -5.41 33.54
C VAL F 200 -6.79 -5.79 34.82
N GLU F 201 -6.18 -5.46 35.96
CA GLU F 201 -6.85 -5.67 37.24
C GLU F 201 -8.17 -4.89 37.31
N LYS F 202 -8.24 -3.73 36.66
CA LYS F 202 -9.52 -3.02 36.61
C LYS F 202 -10.62 -3.89 36.00
N LEU F 203 -10.30 -4.56 34.89
CA LEU F 203 -11.28 -5.38 34.18
C LEU F 203 -11.67 -6.62 35.00
N GLU F 204 -10.70 -7.23 35.68
CA GLU F 204 -10.88 -8.48 36.42
C GLU F 204 -11.61 -8.28 37.77
N ASN F 205 -11.40 -7.13 38.43
CA ASN F 205 -12.19 -6.79 39.63
C ASN F 205 -13.63 -6.45 39.27
N SER F 206 -13.82 -6.06 38.02
CA SER F 206 -15.14 -5.91 37.44
C SER F 206 -15.50 -7.15 36.63
N ASN F 207 -15.01 -8.31 37.03
CA ASN F 207 -15.36 -9.61 36.41
C ASN F 207 -15.36 -9.74 34.85
N PHE F 208 -14.28 -9.34 34.20
CA PHE F 208 -14.02 -9.78 32.82
C PHE F 208 -13.05 -10.95 32.87
N GLU F 209 -13.19 -11.95 32.00
CA GLU F 209 -12.27 -13.07 32.09
C GLU F 209 -11.18 -12.92 31.01
N THR F 210 -10.09 -12.30 31.44
CA THR F 210 -8.96 -12.04 30.59
C THR F 210 -8.59 -13.29 29.82
N ILE F 211 -8.68 -13.24 28.51
CA ILE F 211 -8.38 -14.41 27.73
C ILE F 211 -6.92 -14.30 27.29
N GLN F 212 -6.52 -13.10 26.91
CA GLN F 212 -5.21 -12.93 26.33
C GLN F 212 -4.78 -11.47 26.42
N ILE F 213 -3.51 -11.21 26.72
CA ILE F 213 -3.03 -9.83 26.80
C ILE F 213 -1.92 -9.69 25.78
N ILE F 214 -2.16 -8.88 24.78
CA ILE F 214 -1.21 -8.73 23.70
C ILE F 214 -0.45 -7.40 23.62
N ASN F 215 0.88 -7.46 23.53
CA ASN F 215 1.70 -6.27 23.37
C ASN F 215 1.98 -6.02 21.87
N LEU F 216 1.60 -4.83 21.39
CA LEU F 216 1.64 -4.53 19.97
C LEU F 216 2.98 -4.17 19.40
N ASP F 217 3.99 -3.98 20.23
CA ASP F 217 5.27 -3.58 19.68
C ASP F 217 5.76 -4.62 18.66
N PRO F 218 6.25 -4.19 17.50
CA PRO F 218 6.56 -2.82 17.06
C PRO F 218 5.43 -2.14 16.33
N TYR F 219 4.30 -2.81 16.15
CA TYR F 219 3.26 -2.22 15.35
C TYR F 219 2.82 -0.95 16.05
N ASP F 220 2.69 -0.98 17.38
CA ASP F 220 2.37 0.27 18.07
C ASP F 220 3.07 0.45 19.43
N LYS F 221 3.98 1.42 19.54
CA LYS F 221 4.80 1.51 20.75
C LYS F 221 3.97 1.90 21.96
N ASP F 222 4.32 1.33 23.12
CA ASP F 222 3.60 1.58 24.37
C ASP F 222 2.14 1.30 24.19
N HIS F 223 1.85 0.22 23.46
CA HIS F 223 0.45 -0.18 23.32
C HIS F 223 0.26 -1.65 23.64
N ALA F 224 -0.91 -1.94 24.22
CA ALA F 224 -1.36 -3.28 24.53
C ALA F 224 -2.87 -3.42 24.27
N ILE F 225 -3.30 -4.62 23.87
CA ILE F 225 -4.72 -4.90 23.72
C ILE F 225 -5.11 -6.09 24.58
N VAL F 226 -6.20 -5.95 25.33
CA VAL F 226 -6.65 -7.05 26.15
C VAL F 226 -7.92 -7.66 25.57
N LEU F 227 -7.99 -8.98 25.51
CA LEU F 227 -9.23 -9.67 25.20
C LEU F 227 -9.75 -10.35 26.44
N SER F 228 -10.95 -10.00 26.88
CA SER F 228 -11.56 -10.65 28.05
C SER F 228 -13.04 -10.84 27.80
N LYS F 229 -13.66 -11.76 28.55
CA LYS F 229 -15.08 -12.09 28.34
C LYS F 229 -15.94 -11.56 29.45
N TYR F 230 -17.04 -10.96 29.04
CA TYR F 230 -17.95 -10.33 29.96
C TYR F 230 -18.95 -11.28 30.60
N LYS F 231 -19.09 -11.20 31.92
CA LYS F 231 -19.93 -12.15 32.65
C LYS F 231 -21.20 -11.50 33.24
N LYS M 3 -21.80 -84.81 -19.91
CA LYS M 3 -21.71 -83.40 -20.30
C LYS M 3 -22.97 -82.95 -21.05
N ILE M 4 -23.64 -81.94 -20.49
CA ILE M 4 -24.87 -81.39 -21.06
C ILE M 4 -24.66 -79.92 -21.46
N TYR M 5 -24.89 -79.60 -22.74
CA TYR M 5 -24.83 -78.23 -23.21
C TYR M 5 -26.24 -77.65 -22.99
N LEU M 6 -26.38 -76.57 -22.21
CA LEU M 6 -27.73 -76.09 -21.79
C LEU M 6 -28.22 -74.74 -22.36
N ILE M 7 -29.49 -74.69 -22.78
CA ILE M 7 -30.04 -73.49 -23.42
C ILE M 7 -31.01 -72.65 -22.55
N GLU M 8 -30.89 -71.33 -22.70
CA GLU M 8 -31.79 -70.36 -22.06
C GLU M 8 -32.34 -69.40 -23.16
N HIS M 9 -33.68 -69.30 -23.26
CA HIS M 9 -34.36 -68.52 -24.32
C HIS M 9 -35.76 -68.07 -23.85
N VAL M 10 -36.43 -67.21 -24.61
CA VAL M 10 -37.81 -66.78 -24.30
C VAL M 10 -38.69 -67.98 -24.14
N ILE M 11 -38.47 -68.93 -25.03
CA ILE M 11 -39.27 -70.14 -25.15
C ILE M 11 -39.16 -71.06 -23.91
N GLY M 12 -38.12 -70.86 -23.10
CA GLY M 12 -37.87 -71.72 -21.93
C GLY M 12 -36.42 -72.17 -21.68
N ALA M 13 -36.24 -73.33 -21.05
CA ALA M 13 -34.92 -73.90 -20.88
C ALA M 13 -34.79 -75.36 -21.31
N VAL M 14 -33.86 -75.62 -22.20
CA VAL M 14 -33.66 -76.95 -22.78
C VAL M 14 -32.28 -77.49 -22.35
N ALA M 15 -32.15 -78.81 -22.28
CA ALA M 15 -30.86 -79.50 -22.09
C ALA M 15 -30.47 -80.22 -23.37
N TYR M 16 -29.20 -80.17 -23.74
CA TYR M 16 -28.74 -80.82 -24.96
C TYR M 16 -27.52 -81.72 -24.68
N ASP M 17 -27.33 -82.74 -25.50
CA ASP M 17 -26.05 -83.46 -25.57
C ASP M 17 -25.10 -82.75 -26.56
N GLU M 18 -23.88 -83.25 -26.69
CA GLU M 18 -22.86 -82.61 -27.54
C GLU M 18 -23.22 -82.70 -29.04
N ASN M 19 -24.17 -83.57 -29.36
CA ASN M 19 -24.61 -83.79 -30.75
C ASN M 19 -25.60 -82.76 -31.24
N GLY M 20 -26.44 -82.28 -30.31
CA GLY M 20 -27.52 -81.36 -30.63
C GLY M 20 -28.93 -81.96 -30.65
N ASN M 21 -29.20 -82.99 -29.84
CA ASN M 21 -30.55 -83.58 -29.77
C ASN M 21 -31.23 -83.30 -28.44
N ILE M 22 -32.54 -83.00 -28.47
CA ILE M 22 -33.24 -82.68 -27.24
C ILE M 22 -33.28 -83.87 -26.27
N VAL M 23 -32.43 -83.78 -25.26
CA VAL M 23 -32.30 -84.75 -24.18
C VAL M 23 -33.43 -84.65 -23.16
N ASP M 24 -33.72 -83.42 -22.78
CA ASP M 24 -34.82 -83.06 -21.88
C ASP M 24 -35.22 -81.59 -21.99
N TYR M 25 -36.50 -81.28 -21.71
CA TYR M 25 -36.93 -79.88 -21.75
C TYR M 25 -38.04 -79.56 -20.76
N ILE M 26 -38.06 -78.32 -20.27
CA ILE M 26 -39.19 -77.83 -19.46
C ILE M 26 -39.68 -76.46 -19.96
N THR M 27 -40.88 -76.43 -20.53
CA THR M 27 -41.42 -75.23 -21.20
C THR M 27 -41.85 -74.06 -20.28
N ASN M 28 -41.48 -72.82 -20.65
CA ASN M 28 -41.94 -71.66 -19.88
C ASN M 28 -43.45 -71.58 -20.08
N PRO M 29 -44.14 -70.99 -19.10
CA PRO M 29 -45.56 -70.64 -19.04
C PRO M 29 -45.80 -69.42 -19.90
N ARG M 30 -46.90 -69.40 -20.62
CA ARG M 30 -47.17 -68.34 -21.58
C ARG M 30 -47.68 -67.04 -20.91
N ASP M 31 -46.81 -66.37 -20.15
CA ASP M 31 -47.13 -65.15 -19.38
C ASP M 31 -46.13 -64.00 -19.60
N LEU M 32 -46.57 -62.90 -20.24
CA LEU M 32 -45.71 -61.74 -20.46
C LEU M 32 -44.98 -61.34 -19.17
N GLY M 33 -45.72 -61.18 -18.07
CA GLY M 33 -45.15 -60.71 -16.82
C GLY M 33 -43.86 -61.35 -16.30
N LYS M 34 -43.83 -62.68 -16.26
CA LYS M 34 -42.70 -63.45 -15.71
C LYS M 34 -41.51 -63.64 -16.66
N ILE M 35 -41.79 -63.74 -17.97
CA ILE M 35 -40.71 -63.85 -18.96
C ILE M 35 -39.83 -62.61 -18.88
N THR M 36 -40.46 -61.44 -18.86
CA THR M 36 -39.71 -60.19 -18.73
C THR M 36 -38.80 -60.16 -17.51
N GLU M 37 -39.34 -60.53 -16.35
CA GLU M 37 -38.58 -60.45 -15.13
C GLU M 37 -37.36 -61.36 -15.11
N GLU M 38 -37.51 -62.54 -15.68
CA GLU M 38 -36.41 -63.50 -15.67
C GLU M 38 -35.31 -63.10 -16.63
N LEU M 39 -35.67 -62.38 -17.69
CA LEU M 39 -34.71 -61.80 -18.61
C LEU M 39 -33.92 -60.63 -17.98
N LEU M 40 -34.61 -59.70 -17.30
CA LEU M 40 -33.92 -58.63 -16.59
C LEU M 40 -32.98 -59.22 -15.56
N ASN M 41 -33.45 -60.29 -14.94
CA ASN M 41 -32.69 -61.03 -13.96
C ASN M 41 -31.54 -61.78 -14.60
N ASN M 42 -31.81 -62.33 -15.78
CA ASN M 42 -30.85 -63.13 -16.51
C ASN M 42 -29.61 -62.26 -16.80
N GLU M 43 -29.81 -60.94 -16.86
CA GLU M 43 -28.74 -59.94 -16.99
C GLU M 43 -27.78 -59.82 -15.79
N LYS M 44 -28.33 -59.98 -14.59
CA LYS M 44 -27.56 -59.92 -13.35
C LYS M 44 -26.99 -61.26 -12.93
N GLY M 45 -27.17 -62.28 -13.78
CA GLY M 45 -26.65 -63.59 -13.49
C GLY M 45 -27.70 -64.61 -13.09
N ILE M 46 -28.90 -64.13 -12.79
CA ILE M 46 -30.01 -64.98 -12.33
C ILE M 46 -30.58 -65.95 -13.37
N PRO M 47 -30.52 -67.25 -13.06
CA PRO M 47 -31.10 -68.31 -13.89
C PRO M 47 -32.63 -68.31 -13.84
N PHE M 48 -33.25 -68.71 -14.96
CA PHE M 48 -34.69 -68.90 -15.11
C PHE M 48 -35.24 -69.80 -14.00
N SER M 49 -36.56 -69.76 -13.79
CA SER M 49 -37.20 -70.71 -12.86
C SER M 49 -37.37 -72.09 -13.51
N ALA M 50 -37.56 -72.09 -14.83
CA ALA M 50 -37.71 -73.30 -15.66
C ALA M 50 -36.40 -74.09 -15.82
N THR M 51 -35.28 -73.38 -15.75
CA THR M 51 -33.97 -74.01 -15.88
C THR M 51 -33.70 -74.78 -14.55
N VAL M 52 -34.13 -74.24 -13.39
CA VAL M 52 -33.91 -74.86 -12.06
C VAL M 52 -34.51 -76.25 -11.91
N GLU M 53 -35.71 -76.40 -12.40
CA GLU M 53 -36.39 -77.68 -12.43
C GLU M 53 -35.64 -78.65 -13.30
N LEU M 54 -35.22 -78.15 -14.45
CA LEU M 54 -34.63 -78.97 -15.48
C LEU M 54 -33.29 -79.57 -15.04
N LEU M 55 -32.46 -78.76 -14.37
CA LEU M 55 -31.18 -79.23 -13.81
C LEU M 55 -31.38 -80.08 -12.55
N LYS M 56 -32.63 -80.27 -12.15
CA LYS M 56 -32.93 -81.21 -11.07
C LYS M 56 -33.27 -82.58 -11.65
N LYS M 57 -34.06 -82.57 -12.72
CA LYS M 57 -34.47 -83.80 -13.38
C LYS M 57 -33.25 -84.60 -13.85
N VAL M 58 -32.51 -84.06 -14.81
CA VAL M 58 -31.23 -84.64 -15.24
C VAL M 58 -30.10 -84.27 -14.26
N ASN M 59 -29.15 -85.18 -14.07
CA ASN M 59 -28.04 -84.91 -13.14
C ASN M 59 -26.69 -84.92 -13.81
N PRO M 60 -26.35 -83.82 -14.49
CA PRO M 60 -25.10 -83.85 -15.23
C PRO M 60 -23.96 -83.40 -14.33
N GLN M 61 -22.86 -84.14 -14.44
CA GLN M 61 -21.64 -83.87 -13.69
C GLN M 61 -20.98 -82.63 -14.29
N GLU M 62 -21.00 -82.52 -15.62
CA GLU M 62 -20.47 -81.34 -16.30
C GLU M 62 -21.60 -80.62 -17.06
N VAL M 63 -21.94 -79.40 -16.62
CA VAL M 63 -22.90 -78.56 -17.35
C VAL M 63 -22.24 -77.28 -17.90
N VAL M 64 -22.71 -76.84 -19.06
CA VAL M 64 -22.09 -75.70 -19.73
C VAL M 64 -23.16 -74.74 -20.27
N VAL M 65 -23.01 -73.46 -19.94
CA VAL M 65 -24.01 -72.46 -20.31
C VAL M 65 -23.52 -71.45 -21.35
N GLU M 66 -24.44 -70.58 -21.78
CA GLU M 66 -24.18 -69.58 -22.81
C GLU M 66 -23.56 -68.27 -22.31
N ASN M 67 -23.88 -67.90 -21.07
CA ASN M 67 -23.50 -66.61 -20.51
C ASN M 67 -22.49 -66.78 -19.32
N GLU M 68 -21.45 -65.94 -19.26
CA GLU M 68 -20.34 -66.08 -18.28
C GLU M 68 -20.71 -65.60 -16.88
N ALA M 69 -21.87 -64.96 -16.78
CA ALA M 69 -22.42 -64.48 -15.51
C ALA M 69 -23.19 -65.57 -14.77
N GLU M 70 -23.59 -66.60 -15.50
CA GLU M 70 -24.41 -67.66 -14.93
C GLU M 70 -23.62 -68.59 -14.04
N VAL M 71 -22.39 -68.83 -14.47
CA VAL M 71 -21.52 -69.76 -13.79
C VAL M 71 -21.44 -69.52 -12.27
N PRO M 72 -21.19 -68.27 -11.81
CA PRO M 72 -21.10 -68.12 -10.35
C PRO M 72 -22.42 -68.33 -9.61
N LYS M 73 -23.54 -68.03 -10.27
CA LYS M 73 -24.88 -68.28 -9.70
C LYS M 73 -25.16 -69.77 -9.54
N LEU M 74 -24.75 -70.54 -10.54
CA LEU M 74 -25.01 -71.96 -10.56
C LEU M 74 -24.02 -72.77 -9.69
N GLN M 75 -22.82 -72.22 -9.43
CA GLN M 75 -21.85 -72.87 -8.53
C GLN M 75 -22.35 -72.76 -7.10
N ALA M 76 -22.98 -71.63 -6.79
CA ALA M 76 -23.62 -71.40 -5.49
C ALA M 76 -24.80 -72.37 -5.32
N LEU M 77 -25.23 -72.95 -6.45
CA LEU M 77 -26.34 -73.90 -6.47
C LEU M 77 -25.98 -75.37 -6.40
N GLY M 78 -24.70 -75.67 -6.64
CA GLY M 78 -24.16 -77.00 -6.47
C GLY M 78 -23.47 -77.70 -7.65
N TYR M 79 -23.62 -77.21 -8.87
CA TYR M 79 -23.02 -77.90 -10.04
C TYR M 79 -21.69 -77.25 -10.43
N ARG M 80 -20.79 -78.01 -11.06
CA ARG M 80 -19.58 -77.41 -11.64
C ARG M 80 -19.90 -76.96 -13.06
N VAL M 81 -19.68 -75.66 -13.32
CA VAL M 81 -20.15 -75.06 -14.56
C VAL M 81 -19.05 -74.23 -15.26
N SER M 82 -19.12 -74.20 -16.59
CA SER M 82 -18.26 -73.36 -17.44
C SER M 82 -19.11 -72.71 -18.54
N TYR M 83 -18.46 -72.12 -19.54
CA TYR M 83 -19.22 -71.64 -20.69
C TYR M 83 -18.49 -71.72 -22.03
N GLU M 84 -19.27 -71.90 -23.09
CA GLU M 84 -18.78 -71.73 -24.45
C GLU M 84 -19.65 -70.72 -25.20
N PRO M 85 -19.03 -69.62 -25.64
CA PRO M 85 -19.73 -68.39 -26.04
C PRO M 85 -20.73 -68.50 -27.19
N TYR M 86 -20.25 -68.75 -28.41
CA TYR M 86 -21.10 -68.73 -29.60
C TYR M 86 -21.13 -70.12 -30.17
N SER M 87 -21.50 -71.05 -29.28
CA SER M 87 -21.27 -72.49 -29.50
C SER M 87 -22.07 -73.10 -30.65
N LYS M 88 -21.57 -74.21 -31.18
CA LYS M 88 -22.27 -74.95 -32.22
C LYS M 88 -23.62 -75.46 -31.69
N VAL M 89 -23.68 -75.78 -30.40
CA VAL M 89 -24.92 -76.30 -29.81
C VAL M 89 -26.01 -75.25 -29.71
N SER M 90 -25.58 -74.09 -29.19
CA SER M 90 -26.41 -72.89 -29.04
C SER M 90 -26.89 -72.39 -30.39
N ARG M 91 -26.01 -72.47 -31.38
CA ARG M 91 -26.34 -72.17 -32.77
C ARG M 91 -27.35 -73.20 -33.28
N ILE M 92 -27.05 -74.49 -33.06
CA ILE M 92 -27.95 -75.60 -33.46
C ILE M 92 -29.39 -75.39 -32.99
N PHE M 93 -29.53 -74.97 -31.74
CA PHE M 93 -30.83 -74.67 -31.16
C PHE M 93 -31.55 -73.54 -31.92
N ARG M 94 -30.79 -72.48 -32.24
CA ARG M 94 -31.31 -71.31 -32.96
C ARG M 94 -31.47 -71.45 -34.49
N GLU M 95 -30.70 -72.35 -35.14
CA GLU M 95 -30.90 -72.63 -36.59
C GLU M 95 -32.29 -73.19 -36.91
N SER M 96 -32.82 -73.98 -35.98
CA SER M 96 -34.08 -74.69 -36.15
C SER M 96 -35.14 -74.11 -35.24
N LEU M 97 -34.93 -72.88 -34.76
CA LEU M 97 -35.81 -72.23 -33.80
C LEU M 97 -37.21 -71.74 -34.26
N PRO M 98 -37.41 -71.40 -35.56
CA PRO M 98 -38.79 -71.11 -35.99
C PRO M 98 -39.73 -72.23 -35.64
N LYS M 99 -39.18 -73.44 -35.78
CA LYS M 99 -39.87 -74.71 -35.61
C LYS M 99 -39.97 -75.14 -34.13
N VAL M 100 -38.86 -75.25 -33.39
CA VAL M 100 -38.86 -75.91 -32.08
C VAL M 100 -39.85 -75.23 -31.13
N ALA M 101 -40.52 -74.18 -31.61
CA ALA M 101 -41.56 -73.50 -30.85
C ALA M 101 -42.81 -74.34 -30.63
N ILE M 102 -43.28 -74.98 -31.68
CA ILE M 102 -44.51 -75.75 -31.58
C ILE M 102 -44.25 -77.07 -30.86
N ASP M 103 -43.13 -77.69 -31.22
CA ASP M 103 -42.71 -79.02 -30.78
C ASP M 103 -42.60 -79.14 -29.27
N ILE M 104 -42.08 -78.09 -28.65
CA ILE M 104 -41.89 -78.14 -27.20
C ILE M 104 -43.14 -77.61 -26.53
N LYS M 105 -44.15 -77.34 -27.36
CA LYS M 105 -45.46 -76.89 -26.90
C LYS M 105 -45.41 -75.68 -25.97
N PHE M 106 -44.88 -74.58 -26.51
CA PHE M 106 -44.92 -73.29 -25.85
C PHE M 106 -46.12 -72.53 -26.39
N ALA M 107 -46.41 -72.76 -27.67
CA ALA M 107 -47.56 -72.20 -28.37
C ALA M 107 -48.09 -73.23 -29.36
N SER M 108 -49.31 -73.02 -29.85
CA SER M 108 -49.87 -74.02 -30.74
C SER M 108 -49.11 -74.05 -32.05
N ASN M 109 -48.98 -72.89 -32.70
CA ASN M 109 -48.37 -72.86 -34.02
C ASN M 109 -47.42 -71.68 -34.24
N GLU M 110 -46.86 -71.64 -35.45
CA GLU M 110 -45.99 -70.54 -35.84
C GLU M 110 -46.74 -69.22 -35.88
N GLU M 111 -48.02 -69.26 -36.27
CA GLU M 111 -48.85 -68.06 -36.27
C GLU M 111 -48.70 -67.23 -35.00
N ASP M 112 -48.84 -67.86 -33.82
CA ASP M 112 -48.80 -67.06 -32.61
C ASP M 112 -47.62 -67.21 -31.65
N TYR M 113 -46.57 -67.92 -32.04
CA TYR M 113 -45.32 -67.82 -31.29
C TYR M 113 -44.85 -66.42 -31.57
N TYR M 114 -44.82 -66.09 -32.86
CA TYR M 114 -44.38 -64.81 -33.37
C TYR M 114 -45.32 -63.69 -32.93
N ASN M 115 -46.58 -64.01 -32.71
CA ASN M 115 -47.48 -63.05 -32.07
C ASN M 115 -47.12 -62.67 -30.62
N PHE M 116 -46.70 -63.68 -29.86
CA PHE M 116 -46.32 -63.47 -28.48
C PHE M 116 -44.95 -62.78 -28.43
N LEU M 117 -43.96 -63.34 -29.14
CA LEU M 117 -42.59 -62.80 -29.19
C LEU M 117 -42.58 -61.35 -29.66
N HIS M 118 -43.56 -60.99 -30.48
CA HIS M 118 -43.73 -59.61 -30.89
C HIS M 118 -44.07 -58.74 -29.69
N GLU M 119 -45.06 -59.17 -28.91
CA GLU M 119 -45.50 -58.37 -27.79
C GLU M 119 -44.62 -58.46 -26.57
N LEU M 120 -43.86 -59.54 -26.50
CA LEU M 120 -42.81 -59.61 -25.51
C LEU M 120 -41.75 -58.55 -25.83
N SER M 121 -41.24 -58.53 -27.07
CA SER M 121 -40.24 -57.54 -27.48
C SER M 121 -40.78 -56.11 -27.33
N LEU M 122 -42.06 -55.91 -27.64
CA LEU M 122 -42.72 -54.64 -27.32
C LEU M 122 -42.65 -54.33 -25.82
N GLU M 123 -42.98 -55.33 -25.03
CA GLU M 123 -43.02 -55.15 -23.60
C GLU M 123 -41.65 -55.15 -22.89
N TYR M 124 -40.69 -55.95 -23.36
CA TYR M 124 -39.34 -56.00 -22.77
C TYR M 124 -38.66 -54.66 -22.99
N THR M 125 -38.85 -54.07 -24.17
CA THR M 125 -38.20 -52.79 -24.43
C THR M 125 -38.94 -51.67 -23.75
N ARG M 126 -40.25 -51.77 -23.72
CA ARG M 126 -41.05 -50.80 -23.00
C ARG M 126 -40.54 -50.60 -21.57
N ARG M 127 -40.14 -51.71 -20.94
CA ARG M 127 -39.61 -51.74 -19.57
C ARG M 127 -38.23 -51.08 -19.48
N LYS M 128 -37.37 -51.44 -20.41
CA LYS M 128 -36.01 -50.94 -20.45
C LYS M 128 -36.10 -49.43 -20.70
N LEU M 129 -37.03 -49.04 -21.57
CA LEU M 129 -37.26 -47.63 -21.89
C LEU M 129 -37.49 -46.79 -20.64
N ARG M 130 -38.05 -47.42 -19.61
CA ARG M 130 -38.40 -46.71 -18.39
C ARG M 130 -37.25 -46.53 -17.41
N SER M 131 -36.46 -47.58 -17.26
CA SER M 131 -35.32 -47.53 -16.37
C SER M 131 -34.32 -46.51 -16.90
N ALA M 132 -34.41 -46.25 -18.21
CA ALA M 132 -33.55 -45.29 -18.88
C ALA M 132 -34.03 -43.88 -18.54
N ALA M 133 -35.36 -43.73 -18.49
CA ALA M 133 -36.02 -42.49 -18.10
C ALA M 133 -35.95 -42.19 -16.62
N GLN M 134 -35.69 -43.22 -15.81
CA GLN M 134 -35.70 -43.06 -14.36
C GLN M 134 -34.36 -42.65 -13.75
N LYS M 135 -33.27 -42.71 -14.52
CA LYS M 135 -31.96 -42.36 -13.99
C LYS M 135 -31.98 -40.91 -13.53
N ARG M 136 -31.33 -40.64 -12.41
CA ARG M 136 -31.41 -39.33 -11.83
C ARG M 136 -30.58 -38.36 -12.67
N ASP M 137 -29.44 -38.84 -13.17
CA ASP M 137 -28.47 -37.92 -13.74
C ASP M 137 -29.03 -37.20 -14.97
N LEU M 138 -30.17 -37.67 -15.48
CA LEU M 138 -30.83 -37.08 -16.65
C LEU M 138 -31.51 -35.71 -16.45
N LEU M 139 -32.00 -35.44 -15.25
CA LEU M 139 -32.69 -34.19 -15.03
C LEU M 139 -31.72 -33.05 -14.88
N ALA M 140 -30.61 -33.38 -14.24
CA ALA M 140 -29.53 -32.44 -14.10
C ALA M 140 -29.15 -31.98 -15.48
N ILE M 141 -29.08 -32.94 -16.41
CA ILE M 141 -28.67 -32.59 -17.76
C ILE M 141 -29.65 -31.66 -18.43
N GLN M 142 -30.94 -31.93 -18.29
CA GLN M 142 -31.96 -31.06 -18.89
C GLN M 142 -31.92 -29.65 -18.33
N ALA M 143 -31.71 -29.61 -17.02
CA ALA M 143 -31.70 -28.41 -16.21
C ALA M 143 -30.60 -27.42 -16.55
N VAL M 144 -29.35 -27.91 -16.59
CA VAL M 144 -28.20 -27.07 -16.87
C VAL M 144 -28.25 -26.66 -18.34
N ARG M 145 -28.93 -27.49 -19.15
CA ARG M 145 -29.26 -27.15 -20.53
C ARG M 145 -30.26 -25.98 -20.64
N ALA M 146 -31.27 -26.02 -19.79
CA ALA M 146 -32.23 -24.93 -19.70
C ALA M 146 -31.66 -23.65 -19.08
N MET M 147 -30.76 -23.81 -18.13
CA MET M 147 -30.08 -22.67 -17.54
C MET M 147 -29.17 -22.07 -18.58
N ASP M 148 -28.44 -22.92 -19.30
CA ASP M 148 -27.55 -22.48 -20.36
C ASP M 148 -28.36 -21.91 -21.55
N ASP M 149 -29.62 -22.33 -21.68
CA ASP M 149 -30.51 -21.69 -22.65
C ASP M 149 -30.86 -20.26 -22.25
N ILE M 150 -31.03 -20.02 -20.96
CA ILE M 150 -31.33 -18.70 -20.39
C ILE M 150 -30.17 -17.70 -20.37
N ASP M 151 -28.97 -18.19 -20.05
CA ASP M 151 -27.74 -17.40 -20.09
C ASP M 151 -27.73 -16.66 -21.42
N LYS M 152 -27.87 -17.46 -22.46
CA LYS M 152 -27.88 -17.04 -23.86
C LYS M 152 -29.01 -16.09 -24.17
N THR M 153 -30.14 -16.38 -23.54
CA THR M 153 -31.34 -15.61 -23.77
C THR M 153 -31.29 -14.21 -23.20
N ILE M 154 -30.90 -14.13 -21.93
CA ILE M 154 -30.70 -12.84 -21.27
C ILE M 154 -29.68 -11.99 -22.00
N ASN M 155 -28.54 -12.59 -22.26
CA ASN M 155 -27.52 -11.95 -23.01
C ASN M 155 -28.05 -11.49 -24.36
N LEU M 156 -28.87 -12.29 -25.04
CA LEU M 156 -29.44 -11.80 -26.29
C LEU M 156 -30.36 -10.59 -26.09
N PHE M 157 -31.26 -10.71 -25.13
CA PHE M 157 -32.22 -9.66 -24.91
C PHE M 157 -31.67 -8.33 -24.38
N SER M 158 -30.71 -8.38 -23.45
CA SER M 158 -30.12 -7.14 -22.96
C SER M 158 -29.38 -6.42 -24.10
N GLU M 159 -28.68 -7.16 -24.95
CA GLU M 159 -27.97 -6.57 -26.09
C GLU M 159 -28.85 -5.87 -27.04
N ARG M 160 -30.04 -6.41 -27.17
CA ARG M 160 -31.12 -5.85 -27.92
C ARG M 160 -31.75 -4.62 -27.27
N LEU M 161 -32.07 -4.81 -26.00
CA LEU M 161 -32.71 -3.76 -25.21
C LEU M 161 -31.83 -2.53 -25.13
N ARG M 162 -30.55 -2.75 -24.80
CA ARG M 162 -29.54 -1.69 -24.73
C ARG M 162 -29.50 -0.97 -26.09
N GLU M 163 -29.44 -1.74 -27.17
CA GLU M 163 -29.40 -1.16 -28.52
C GLU M 163 -30.69 -0.45 -28.86
N TRP M 164 -31.79 -0.95 -28.33
CA TRP M 164 -33.12 -0.39 -28.58
C TRP M 164 -33.44 0.88 -27.77
N TYR M 165 -33.26 0.77 -26.46
CA TYR M 165 -33.58 1.83 -25.55
C TYR M 165 -32.66 3.05 -25.71
N SER M 166 -31.45 2.80 -26.24
CA SER M 166 -30.47 3.87 -26.42
C SER M 166 -30.92 4.83 -27.52
N ILE M 167 -32.00 4.50 -28.22
CA ILE M 167 -32.64 5.40 -29.18
C ILE M 167 -33.19 6.57 -28.42
N HIS M 168 -33.63 6.26 -27.22
CA HIS M 168 -34.24 7.24 -26.37
C HIS M 168 -33.23 7.87 -25.40
N PHE M 169 -32.28 7.09 -24.92
CA PHE M 169 -31.38 7.53 -23.89
C PHE M 169 -29.98 6.83 -23.99
N PRO M 170 -29.13 7.29 -24.94
CA PRO M 170 -27.84 6.65 -25.28
C PRO M 170 -26.80 6.64 -24.15
N GLU M 171 -26.77 7.67 -23.31
CA GLU M 171 -25.73 7.79 -22.29
C GLU M 171 -25.89 6.74 -21.20
N LEU M 172 -27.08 6.16 -21.09
CA LEU M 172 -27.36 5.23 -20.03
C LEU M 172 -26.59 3.91 -20.23
N ASP M 173 -26.35 3.56 -21.48
CA ASP M 173 -25.66 2.33 -21.87
C ASP M 173 -24.30 2.15 -21.21
N LYS M 174 -23.40 3.10 -21.44
CA LYS M 174 -22.06 3.07 -20.87
C LYS M 174 -22.14 3.49 -19.39
N LEU M 175 -23.34 3.82 -18.90
CA LEU M 175 -23.44 4.20 -17.50
C LEU M 175 -23.72 3.01 -16.61
N ILE M 176 -24.28 1.95 -17.17
CA ILE M 176 -24.50 0.76 -16.37
C ILE M 176 -23.76 -0.46 -16.91
N GLU M 177 -22.72 -0.87 -16.18
CA GLU M 177 -21.87 -1.97 -16.61
C GLU M 177 -22.65 -3.29 -16.72
N ASP M 178 -23.50 -3.52 -15.74
CA ASP M 178 -24.26 -4.78 -15.63
C ASP M 178 -25.57 -4.81 -16.40
N HIS M 179 -25.87 -5.93 -17.06
CA HIS M 179 -27.13 -6.06 -17.81
C HIS M 179 -28.42 -5.94 -16.97
N GLU M 180 -28.53 -6.66 -15.85
CA GLU M 180 -29.76 -6.66 -15.03
C GLU M 180 -30.13 -5.32 -14.43
N GLU M 181 -29.15 -4.59 -13.89
CA GLU M 181 -29.40 -3.26 -13.37
C GLU M 181 -29.96 -2.39 -14.49
N TYR M 182 -29.24 -2.36 -15.61
CA TYR M 182 -29.63 -1.56 -16.78
C TYR M 182 -31.08 -1.80 -17.11
N ALA M 183 -31.40 -3.06 -17.33
CA ALA M 183 -32.76 -3.48 -17.68
C ALA M 183 -33.75 -3.05 -16.60
N THR M 184 -33.34 -3.16 -15.35
CA THR M 184 -34.24 -2.83 -14.27
C THR M 184 -34.66 -1.38 -14.30
N ILE M 185 -33.72 -0.51 -14.66
CA ILE M 185 -33.98 0.92 -14.73
C ILE M 185 -35.02 1.15 -15.83
N VAL M 186 -34.81 0.55 -17.01
CA VAL M 186 -35.71 0.72 -18.16
C VAL M 186 -37.12 0.28 -17.78
N SER M 187 -37.19 -0.88 -17.14
CA SER M 187 -38.45 -1.45 -16.70
C SER M 187 -39.12 -0.67 -15.60
N ARG M 188 -38.35 -0.02 -14.72
CA ARG M 188 -38.98 0.68 -13.58
C ARG M 188 -39.56 2.05 -13.93
N PHE M 189 -38.90 2.80 -14.80
CA PHE M 189 -39.29 4.19 -15.09
C PHE M 189 -39.97 4.42 -16.47
N GLY M 190 -39.33 4.01 -17.56
CA GLY M 190 -39.84 4.33 -18.88
C GLY M 190 -39.16 5.52 -19.53
N ASP M 191 -39.82 6.67 -19.61
CA ASP M 191 -39.19 7.85 -20.22
C ASP M 191 -37.95 8.25 -19.44
N ARG M 192 -36.99 8.87 -20.12
CA ARG M 192 -35.77 9.27 -19.43
C ARG M 192 -36.09 10.35 -18.44
N GLY M 193 -37.23 11.00 -18.66
CA GLY M 193 -37.70 12.08 -17.83
C GLY M 193 -38.53 11.67 -16.63
N PHE M 194 -38.46 10.41 -16.21
CA PHE M 194 -39.23 10.00 -15.03
C PHE M 194 -38.36 9.68 -13.82
N LEU M 195 -37.05 9.84 -13.97
CA LEU M 195 -36.11 9.50 -12.92
C LEU M 195 -36.28 10.44 -11.70
N THR M 196 -36.35 9.85 -10.51
CA THR M 196 -36.36 10.61 -9.26
C THR M 196 -35.39 9.93 -8.30
N ILE M 197 -34.69 10.73 -7.50
CA ILE M 197 -33.55 10.25 -6.72
C ILE M 197 -33.85 9.01 -5.85
N ASP M 198 -35.06 8.95 -5.30
CA ASP M 198 -35.33 7.96 -4.27
C ASP M 198 -35.41 6.55 -4.84
N SER M 199 -36.11 6.48 -5.96
CA SER M 199 -36.26 5.25 -6.68
C SER M 199 -34.93 4.64 -7.10
N LEU M 200 -33.92 5.45 -7.33
CA LEU M 200 -32.60 4.96 -7.71
C LEU M 200 -31.64 4.54 -6.56
N LYS M 201 -31.75 5.17 -5.38
CA LYS M 201 -30.99 4.69 -4.20
C LYS M 201 -31.52 3.30 -3.83
N GLU M 202 -32.67 2.98 -4.41
CA GLU M 202 -33.44 1.77 -4.19
C GLU M 202 -32.82 0.48 -4.85
N LEU M 203 -32.00 0.62 -5.91
CA LEU M 203 -31.16 -0.52 -6.44
C LEU M 203 -29.84 -0.74 -5.65
N GLY M 204 -29.38 0.30 -4.98
CA GLY M 204 -28.17 0.22 -4.19
C GLY M 204 -27.22 1.24 -4.75
N PHE M 205 -27.72 1.97 -5.75
CA PHE M 205 -26.88 2.89 -6.45
C PHE M 205 -26.36 3.96 -5.53
N ASN M 206 -25.05 4.02 -5.48
CA ASN M 206 -24.38 5.02 -4.67
C ASN M 206 -24.76 6.38 -5.27
N GLU M 207 -24.92 7.38 -4.41
CA GLU M 207 -25.52 8.64 -4.81
C GLU M 207 -24.75 9.28 -5.95
N GLN M 208 -23.43 9.11 -6.00
CA GLN M 208 -22.67 9.73 -7.07
C GLN M 208 -23.17 9.24 -8.42
N ARG M 209 -23.36 7.93 -8.56
CA ARG M 209 -23.71 7.39 -9.87
C ARG M 209 -25.13 7.77 -10.25
N ILE M 210 -26.03 7.77 -9.29
CA ILE M 210 -27.40 8.23 -9.49
C ILE M 210 -27.46 9.64 -10.06
N ASN M 211 -26.63 10.51 -9.53
CA ASN M 211 -26.54 11.89 -10.00
C ASN M 211 -25.86 11.98 -11.38
N ARG M 212 -24.94 11.07 -11.68
CA ARG M 212 -24.35 11.06 -13.01
C ARG M 212 -25.51 10.70 -13.96
N ILE M 213 -26.36 9.76 -13.51
CA ILE M 213 -27.53 9.31 -14.28
C ILE M 213 -28.53 10.42 -14.52
N LEU M 214 -28.91 11.10 -13.45
CA LEU M 214 -29.86 12.20 -13.56
C LEU M 214 -29.34 13.32 -14.45
N ASP M 215 -28.05 13.64 -14.36
CA ASP M 215 -27.48 14.69 -15.22
C ASP M 215 -27.43 14.25 -16.68
N ALA M 216 -27.01 13.01 -16.92
CA ALA M 216 -26.92 12.48 -18.29
C ALA M 216 -28.32 12.40 -18.92
N ALA M 217 -29.32 12.15 -18.09
CA ALA M 217 -30.70 12.12 -18.56
C ALA M 217 -31.13 13.54 -18.94
N LYS M 218 -30.62 14.52 -18.19
CA LYS M 218 -30.90 15.94 -18.40
C LYS M 218 -30.36 16.42 -19.75
N LYS M 219 -29.04 16.25 -19.92
CA LYS M 219 -28.28 16.77 -21.07
C LYS M 219 -28.41 15.78 -22.23
N SER M 220 -29.38 14.87 -22.16
CA SER M 220 -29.43 13.81 -23.16
C SER M 220 -29.65 14.22 -24.59
N ILE M 221 -28.80 13.68 -25.46
CA ILE M 221 -28.87 13.88 -26.89
C ILE M 221 -29.72 12.74 -27.46
N GLY M 222 -30.59 12.15 -26.63
CA GLY M 222 -31.41 11.04 -27.10
C GLY M 222 -32.61 11.57 -27.84
N ALA M 223 -33.46 10.67 -28.33
CA ALA M 223 -34.65 11.03 -29.15
C ALA M 223 -35.91 11.06 -28.32
N ASP M 224 -36.78 11.99 -28.67
CA ASP M 224 -38.09 12.12 -28.02
C ASP M 224 -39.11 11.18 -28.61
N ILE M 225 -39.78 10.42 -27.76
CA ILE M 225 -40.48 9.22 -28.18
C ILE M 225 -41.82 9.01 -27.45
N SER M 226 -42.80 8.40 -28.13
CA SER M 226 -44.16 8.25 -27.58
C SER M 226 -44.13 7.28 -26.45
N GLU M 227 -45.23 7.15 -25.72
CA GLU M 227 -45.26 6.20 -24.63
C GLU M 227 -45.40 4.78 -25.13
N ASP M 228 -46.04 4.63 -26.27
CA ASP M 228 -46.20 3.30 -26.82
C ASP M 228 -44.85 2.70 -27.16
N ASP M 229 -44.01 3.49 -27.81
CA ASP M 229 -42.71 2.99 -28.21
C ASP M 229 -42.02 2.47 -26.96
N LEU M 230 -42.15 3.18 -25.84
CA LEU M 230 -41.45 2.80 -24.62
C LEU M 230 -42.02 1.50 -24.07
N SER M 231 -43.33 1.31 -24.18
CA SER M 231 -43.94 0.10 -23.65
C SER M 231 -43.53 -1.15 -24.44
N ALA M 232 -43.29 -0.99 -25.73
CA ALA M 232 -42.71 -2.06 -26.49
C ALA M 232 -41.37 -2.37 -25.89
N MET M 233 -40.56 -1.32 -25.71
CA MET M 233 -39.22 -1.46 -25.18
C MET M 233 -39.28 -2.22 -23.85
N ARG M 234 -40.25 -1.88 -23.02
CA ARG M 234 -40.31 -2.42 -21.66
C ARG M 234 -40.72 -3.86 -21.51
N MET M 235 -41.27 -4.47 -22.54
CA MET M 235 -41.60 -5.88 -22.45
C MET M 235 -40.32 -6.71 -22.33
N ILE M 236 -39.34 -6.40 -23.17
CA ILE M 236 -38.09 -7.12 -23.12
C ILE M 236 -37.48 -6.92 -21.73
N ALA M 237 -37.58 -5.68 -21.25
CA ALA M 237 -37.02 -5.29 -19.97
C ALA M 237 -37.56 -6.17 -18.85
N ASN M 238 -38.85 -6.47 -18.92
CA ASN M 238 -39.50 -7.27 -17.89
C ASN M 238 -39.09 -8.75 -17.96
N THR M 239 -38.89 -9.23 -19.18
CA THR M 239 -38.44 -10.61 -19.37
C THR M 239 -37.06 -10.82 -18.79
N ILE M 240 -36.18 -9.86 -19.07
CA ILE M 240 -34.81 -9.91 -18.62
C ILE M 240 -34.82 -10.05 -17.11
N LEU M 241 -35.73 -9.33 -16.46
CA LEU M 241 -35.77 -9.43 -15.02
C LEU M 241 -36.14 -10.83 -14.55
N ASP M 242 -37.22 -11.35 -15.12
CA ASP M 242 -37.69 -12.72 -14.92
C ASP M 242 -36.67 -13.80 -15.16
N LEU M 243 -35.96 -13.68 -16.26
CA LEU M 243 -35.05 -14.72 -16.65
C LEU M 243 -34.04 -14.84 -15.53
N TYR M 244 -33.61 -13.68 -15.02
CA TYR M 244 -32.63 -13.65 -13.96
C TYR M 244 -33.20 -14.40 -12.75
N ASN M 245 -34.51 -14.28 -12.54
CA ASN M 245 -35.11 -14.97 -11.42
C ASN M 245 -35.06 -16.48 -11.58
N ILE M 246 -35.47 -16.99 -12.74
CA ILE M 246 -35.42 -18.43 -12.96
C ILE M 246 -33.99 -18.95 -13.01
N ARG M 247 -33.06 -18.17 -13.57
CA ARG M 247 -31.67 -18.63 -13.59
C ARG M 247 -31.29 -18.90 -12.16
N ARG M 248 -31.66 -17.97 -11.29
CA ARG M 248 -31.36 -18.13 -9.87
C ARG M 248 -32.18 -19.25 -9.22
N ASN M 249 -33.31 -19.60 -9.83
CA ASN M 249 -34.07 -20.78 -9.39
C ASN M 249 -33.48 -22.13 -9.75
N LEU M 250 -33.02 -22.21 -10.98
CA LEU M 250 -32.46 -23.40 -11.53
C LEU M 250 -31.14 -23.71 -10.80
N ASN M 251 -30.29 -22.69 -10.57
CA ASN M 251 -28.99 -22.83 -9.89
C ASN M 251 -29.20 -23.40 -8.48
N ASN M 252 -30.29 -22.99 -7.86
CA ASN M 252 -30.67 -23.57 -6.57
C ASN M 252 -31.13 -25.02 -6.72
N TYR M 253 -31.92 -25.29 -7.76
CA TYR M 253 -32.39 -26.64 -8.10
C TYR M 253 -31.24 -27.56 -8.55
N LEU M 254 -30.46 -27.02 -9.50
CA LEU M 254 -29.35 -27.75 -10.10
C LEU M 254 -28.43 -28.17 -8.94
N GLU M 255 -28.15 -27.23 -8.03
CA GLU M 255 -27.34 -27.48 -6.82
C GLU M 255 -27.89 -28.64 -5.98
N GLY M 256 -29.21 -28.78 -5.93
CA GLY M 256 -29.79 -29.87 -5.16
C GLY M 256 -29.47 -31.27 -5.67
N VAL M 257 -29.66 -31.47 -6.97
CA VAL M 257 -29.44 -32.75 -7.63
C VAL M 257 -27.97 -33.20 -7.79
N MET M 258 -27.10 -32.24 -8.06
CA MET M 258 -25.71 -32.56 -8.41
C MET M 258 -24.90 -33.01 -7.22
N LYS M 259 -25.22 -32.50 -6.03
CA LYS M 259 -24.57 -32.97 -4.79
C LYS M 259 -25.17 -34.29 -4.44
N GLU M 260 -26.43 -34.45 -4.78
CA GLU M 260 -27.04 -35.75 -4.65
C GLU M 260 -26.50 -36.78 -5.68
N VAL M 261 -26.46 -36.45 -6.98
CA VAL M 261 -26.10 -37.49 -7.95
C VAL M 261 -24.58 -37.55 -8.19
N ALA M 262 -23.87 -36.45 -7.94
CA ALA M 262 -22.41 -36.43 -8.14
C ALA M 262 -21.70 -35.46 -7.19
N PRO M 263 -21.77 -35.75 -5.88
CA PRO M 263 -21.22 -34.85 -4.87
C PRO M 263 -19.72 -34.62 -5.03
N ASN M 264 -19.01 -35.69 -5.31
CA ASN M 264 -17.57 -35.61 -5.43
C ASN M 264 -17.22 -34.75 -6.63
N VAL M 265 -17.98 -34.88 -7.72
CA VAL M 265 -17.77 -34.01 -8.89
C VAL M 265 -18.10 -32.58 -8.54
N THR M 266 -19.19 -32.39 -7.79
CA THR M 266 -19.57 -31.06 -7.39
C THR M 266 -18.51 -30.39 -6.51
N ALA M 267 -18.02 -31.12 -5.50
CA ALA M 267 -16.99 -30.59 -4.63
C ALA M 267 -15.80 -30.09 -5.46
N LEU M 268 -15.50 -30.76 -6.56
CA LEU M 268 -14.35 -30.37 -7.35
C LEU M 268 -14.67 -29.10 -8.16
N VAL M 269 -15.79 -29.09 -8.86
CA VAL M 269 -16.03 -28.01 -9.83
C VAL M 269 -17.33 -27.23 -9.63
N GLY M 270 -18.13 -27.65 -8.67
CA GLY M 270 -19.38 -26.96 -8.38
C GLY M 270 -20.52 -27.51 -9.20
N PRO M 271 -21.77 -27.18 -8.81
CA PRO M 271 -22.99 -27.71 -9.41
C PRO M 271 -23.10 -27.40 -10.88
N ALA M 272 -22.91 -26.13 -11.25
CA ALA M 272 -23.06 -25.70 -12.63
C ALA M 272 -22.14 -26.43 -13.62
N LEU M 273 -20.82 -26.26 -13.45
CA LEU M 273 -19.88 -26.88 -14.36
C LEU M 273 -19.97 -28.39 -14.17
N GLY M 274 -20.34 -28.84 -12.98
CA GLY M 274 -20.47 -30.26 -12.77
C GLY M 274 -21.52 -30.94 -13.64
N ALA M 275 -22.73 -30.40 -13.70
CA ALA M 275 -23.77 -30.89 -14.62
C ALA M 275 -23.41 -30.75 -16.09
N ARG M 276 -22.84 -29.61 -16.48
CA ARG M 276 -22.46 -29.38 -17.87
C ARG M 276 -21.60 -30.52 -18.35
N LEU M 277 -20.70 -30.96 -17.50
CA LEU M 277 -19.85 -32.08 -17.86
C LEU M 277 -20.67 -33.36 -17.97
N LEU M 278 -21.81 -33.46 -17.29
CA LEU M 278 -22.75 -34.55 -17.61
C LEU M 278 -23.38 -34.37 -18.98
N SER M 279 -23.65 -33.13 -19.35
CA SER M 279 -24.31 -32.77 -20.59
C SER M 279 -23.58 -33.20 -21.87
N ILE M 280 -22.28 -32.95 -21.94
CA ILE M 280 -21.54 -33.26 -23.15
C ILE M 280 -21.24 -34.75 -23.21
N ALA M 281 -20.84 -35.29 -22.07
CA ALA M 281 -20.46 -36.70 -21.96
C ALA M 281 -21.65 -37.62 -22.10
N GLY M 282 -22.80 -37.16 -21.61
CA GLY M 282 -24.06 -37.90 -21.70
C GLY M 282 -24.68 -38.44 -20.41
N SER M 283 -23.87 -38.98 -19.52
CA SER M 283 -24.35 -39.50 -18.25
C SER M 283 -23.22 -39.54 -17.23
N LEU M 284 -23.48 -39.98 -16.01
CA LEU M 284 -22.39 -40.08 -15.07
C LEU M 284 -21.47 -41.28 -15.47
N ASP M 285 -22.13 -42.30 -15.98
CA ASP M 285 -21.48 -43.54 -16.38
C ASP M 285 -20.61 -43.43 -17.63
N GLU M 286 -20.94 -42.53 -18.54
CA GLU M 286 -20.00 -42.30 -19.63
C GLU M 286 -18.85 -41.41 -19.18
N LEU M 287 -19.13 -40.45 -18.31
CA LEU M 287 -18.08 -39.60 -17.78
C LEU M 287 -17.08 -40.43 -16.98
N ALA M 288 -17.60 -41.37 -16.19
CA ALA M 288 -16.79 -42.22 -15.34
C ALA M 288 -15.78 -43.02 -16.18
N LYS M 289 -16.18 -43.43 -17.38
CA LYS M 289 -15.27 -44.20 -18.24
C LYS M 289 -14.22 -43.40 -19.01
N MET M 290 -14.22 -42.09 -18.81
CA MET M 290 -13.34 -41.24 -19.59
C MET M 290 -11.96 -41.13 -19.00
N PRO M 291 -10.94 -41.03 -19.86
CA PRO M 291 -9.66 -40.60 -19.29
C PRO M 291 -9.77 -39.12 -18.94
N ALA M 292 -8.89 -38.64 -18.06
CA ALA M 292 -8.88 -37.23 -17.77
C ALA M 292 -8.47 -36.52 -19.06
N SER M 293 -7.65 -37.18 -19.88
CA SER M 293 -7.14 -36.59 -21.12
C SER M 293 -8.30 -36.29 -22.02
N THR M 294 -9.43 -36.93 -21.75
CA THR M 294 -10.69 -36.64 -22.44
C THR M 294 -11.50 -35.56 -21.74
N ILE M 295 -11.74 -35.73 -20.45
CA ILE M 295 -12.44 -34.72 -19.69
C ILE M 295 -11.78 -33.33 -19.76
N GLN M 296 -10.45 -33.32 -19.79
CA GLN M 296 -9.73 -32.06 -19.77
C GLN M 296 -10.10 -31.24 -21.00
N VAL M 297 -10.52 -31.93 -22.07
CA VAL M 297 -10.86 -31.27 -23.33
C VAL M 297 -12.31 -31.38 -23.80
N LEU M 298 -13.19 -31.96 -22.98
CA LEU M 298 -14.62 -32.03 -23.34
C LEU M 298 -15.13 -30.64 -23.67
N GLY M 299 -15.72 -30.44 -24.84
CA GLY M 299 -16.19 -29.10 -25.17
C GLY M 299 -15.25 -28.25 -26.00
N ALA M 300 -14.16 -28.83 -26.49
CA ALA M 300 -13.25 -28.09 -27.35
C ALA M 300 -13.07 -28.87 -28.66
N GLU M 301 -14.15 -29.52 -29.13
CA GLU M 301 -14.05 -30.49 -30.24
C GLU M 301 -13.50 -29.95 -31.54
N LYS M 302 -13.92 -28.73 -31.88
CA LYS M 302 -13.41 -28.08 -33.07
C LYS M 302 -11.90 -27.93 -32.88
N ALA M 303 -11.46 -27.45 -31.73
CA ALA M 303 -10.05 -27.23 -31.51
C ALA M 303 -9.28 -28.55 -31.55
N LEU M 304 -9.90 -29.61 -31.04
CA LEU M 304 -9.22 -30.89 -30.92
C LEU M 304 -8.91 -31.43 -32.30
N PHE M 305 -9.98 -31.74 -33.02
CA PHE M 305 -9.92 -32.45 -34.28
C PHE M 305 -9.22 -31.65 -35.34
N ARG M 306 -9.18 -30.33 -35.14
CA ARG M 306 -8.33 -29.48 -36.00
C ARG M 306 -6.84 -29.77 -35.77
N ALA M 307 -6.43 -30.00 -34.52
CA ALA M 307 -5.04 -30.34 -34.26
C ALA M 307 -4.70 -31.71 -34.84
N LEU M 308 -5.70 -32.58 -34.77
CA LEU M 308 -5.53 -33.94 -35.23
C LEU M 308 -5.32 -34.01 -36.73
N ARG M 309 -5.92 -33.07 -37.48
CA ARG M 309 -5.79 -33.04 -38.94
C ARG M 309 -4.50 -32.38 -39.49
N SER M 310 -3.96 -31.40 -38.78
CA SER M 310 -2.89 -30.52 -39.32
C SER M 310 -1.48 -30.74 -38.76
N GLY M 311 -1.37 -31.55 -37.71
CA GLY M 311 -0.12 -31.77 -37.02
C GLY M 311 0.13 -30.55 -36.15
N GLY M 312 -0.95 -29.79 -35.91
CA GLY M 312 -0.96 -28.55 -35.16
C GLY M 312 -1.15 -28.74 -33.68
N ARG M 313 -1.47 -27.62 -33.04
CA ARG M 313 -1.63 -27.52 -31.61
C ARG M 313 -3.07 -27.92 -31.16
N PRO M 314 -3.18 -28.81 -30.16
CA PRO M 314 -4.37 -29.36 -29.50
C PRO M 314 -4.80 -28.31 -28.47
N PRO M 315 -6.07 -28.29 -28.00
CA PRO M 315 -6.56 -27.47 -26.90
C PRO M 315 -6.07 -27.86 -25.56
N LYS M 316 -5.63 -26.89 -24.77
CA LYS M 316 -5.10 -27.20 -23.43
C LYS M 316 -6.25 -27.51 -22.49
N HIS M 317 -7.40 -26.92 -22.72
CA HIS M 317 -8.49 -27.02 -21.78
C HIS M 317 -9.76 -26.73 -22.51
N GLY M 318 -10.82 -27.43 -22.14
CA GLY M 318 -12.11 -27.28 -22.79
C GLY M 318 -13.13 -26.55 -21.95
N ILE M 319 -14.18 -27.25 -21.52
CA ILE M 319 -15.18 -26.62 -20.65
C ILE M 319 -14.62 -26.45 -19.24
N ILE M 320 -13.52 -27.15 -18.99
CA ILE M 320 -12.79 -27.07 -17.74
C ILE M 320 -12.30 -25.62 -17.51
N PHE M 321 -12.23 -24.86 -18.60
CA PHE M 321 -11.80 -23.45 -18.62
C PHE M 321 -12.49 -22.55 -17.61
N GLN M 322 -13.73 -22.88 -17.27
CA GLN M 322 -14.56 -22.08 -16.38
C GLN M 322 -14.17 -22.15 -14.92
N TYR M 323 -13.48 -23.22 -14.55
CA TYR M 323 -12.99 -23.40 -13.19
C TYR M 323 -12.12 -22.19 -12.87
N PRO M 324 -12.45 -21.49 -11.78
CA PRO M 324 -11.83 -20.27 -11.26
C PRO M 324 -10.29 -20.25 -11.42
N ALA M 325 -9.61 -21.34 -11.06
CA ALA M 325 -8.15 -21.43 -11.12
C ALA M 325 -7.51 -21.20 -12.50
N ILE M 326 -8.19 -21.60 -13.58
CA ILE M 326 -7.55 -21.63 -14.90
C ILE M 326 -7.47 -20.30 -15.63
N HIS M 327 -8.63 -19.67 -15.81
CA HIS M 327 -8.72 -18.49 -16.65
C HIS M 327 -8.06 -17.25 -16.05
N THR M 328 -7.78 -17.32 -14.75
CA THR M 328 -7.07 -16.27 -14.07
C THR M 328 -5.53 -16.35 -14.19
N SER M 329 -4.95 -17.55 -14.11
CA SER M 329 -3.49 -17.66 -14.24
C SER M 329 -3.13 -17.36 -15.67
N PRO M 330 -1.94 -16.77 -15.89
CA PRO M 330 -1.39 -16.43 -17.21
C PRO M 330 -1.41 -17.63 -18.12
N ARG M 331 -1.15 -17.37 -19.39
CA ARG M 331 -1.29 -18.39 -20.43
C ARG M 331 -0.53 -19.66 -20.10
N TRP M 332 0.67 -19.49 -19.54
CA TRP M 332 1.51 -20.66 -19.31
C TRP M 332 1.14 -21.54 -18.11
N GLN M 333 0.39 -20.98 -17.17
CA GLN M 333 0.07 -21.73 -15.97
C GLN M 333 -1.15 -22.60 -16.20
N ARG M 334 -1.95 -22.23 -17.20
CA ARG M 334 -3.19 -22.94 -17.52
C ARG M 334 -2.99 -24.43 -17.81
N GLY M 335 -2.03 -24.74 -18.66
CA GLY M 335 -1.78 -26.11 -19.04
C GLY M 335 -1.58 -27.00 -17.84
N LYS M 336 -0.73 -26.59 -16.91
CA LYS M 336 -0.48 -27.41 -15.73
C LYS M 336 -1.69 -27.44 -14.79
N ILE M 337 -2.39 -26.33 -14.64
CA ILE M 337 -3.60 -26.28 -13.81
C ILE M 337 -4.76 -27.11 -14.37
N ALA M 338 -4.98 -27.01 -15.67
CA ALA M 338 -6.03 -27.77 -16.33
C ALA M 338 -5.81 -29.28 -16.25
N ARG M 339 -4.66 -29.74 -16.75
CA ARG M 339 -4.31 -31.16 -16.76
C ARG M 339 -4.36 -31.72 -15.34
N ALA M 340 -3.97 -30.90 -14.38
CA ALA M 340 -3.96 -31.33 -12.99
C ALA M 340 -5.39 -31.50 -12.49
N LEU M 341 -6.25 -30.58 -12.90
CA LEU M 341 -7.67 -30.61 -12.52
C LEU M 341 -8.45 -31.79 -13.07
N ALA M 342 -8.45 -31.93 -14.40
CA ALA M 342 -9.16 -33.03 -15.04
C ALA M 342 -8.75 -34.37 -14.43
N ALA M 343 -7.48 -34.50 -14.07
CA ALA M 343 -6.99 -35.74 -13.45
C ALA M 343 -7.81 -36.08 -12.23
N LYS M 344 -7.96 -35.10 -11.34
CA LYS M 344 -8.76 -35.25 -10.14
C LYS M 344 -10.22 -35.40 -10.51
N LEU M 345 -10.61 -34.76 -11.62
CA LEU M 345 -11.98 -34.85 -12.12
C LEU M 345 -12.45 -36.24 -12.46
N ALA M 346 -11.65 -36.95 -13.24
CA ALA M 346 -11.96 -38.31 -13.63
C ALA M 346 -12.01 -39.23 -12.40
N ILE M 347 -11.10 -39.00 -11.45
CA ILE M 347 -11.09 -39.71 -10.18
C ILE M 347 -12.43 -39.49 -9.54
N ALA M 348 -12.83 -38.23 -9.54
CA ALA M 348 -14.11 -37.85 -9.02
C ALA M 348 -15.29 -38.53 -9.72
N ALA M 349 -15.28 -38.55 -11.04
CA ALA M 349 -16.41 -39.13 -11.78
C ALA M 349 -16.56 -40.60 -11.46
N ARG M 350 -15.45 -41.33 -11.48
CA ARG M 350 -15.51 -42.78 -11.32
C ARG M 350 -16.01 -43.16 -9.92
N VAL M 351 -15.55 -42.44 -8.90
CA VAL M 351 -15.99 -42.75 -7.54
C VAL M 351 -17.46 -42.41 -7.39
N ASP M 352 -17.91 -41.40 -8.12
CA ASP M 352 -19.30 -41.02 -8.04
C ASP M 352 -20.25 -42.01 -8.69
N ALA M 353 -19.89 -42.49 -9.88
CA ALA M 353 -20.77 -43.32 -10.68
C ALA M 353 -20.97 -44.71 -10.09
N PHE M 354 -19.88 -45.35 -9.70
CA PHE M 354 -19.96 -46.69 -9.15
C PHE M 354 -20.26 -46.60 -7.65
N SER M 355 -20.91 -45.50 -7.23
CA SER M 355 -21.59 -45.40 -5.93
C SER M 355 -20.75 -45.06 -4.69
N GLY M 356 -19.54 -44.53 -4.89
CA GLY M 356 -18.73 -44.06 -3.76
C GLY M 356 -19.24 -42.97 -2.83
N ARG M 357 -18.89 -43.08 -1.55
CA ARG M 357 -19.20 -42.03 -0.58
C ARG M 357 -18.27 -40.81 -0.79
N PHE M 358 -18.66 -39.62 -0.30
CA PHE M 358 -17.90 -38.39 -0.53
C PHE M 358 -16.44 -38.49 -0.10
N ILE M 359 -15.52 -38.03 -0.97
CA ILE M 359 -14.12 -37.84 -0.61
C ILE M 359 -13.51 -36.59 -1.25
N GLY M 360 -14.35 -35.70 -1.76
CA GLY M 360 -13.87 -34.57 -2.54
C GLY M 360 -12.87 -33.69 -1.82
N ASP M 361 -12.88 -33.77 -0.51
CA ASP M 361 -12.03 -32.94 0.31
C ASP M 361 -10.53 -33.12 0.09
N GLN M 362 -10.07 -34.36 0.14
CA GLN M 362 -8.66 -34.64 -0.03
C GLN M 362 -8.39 -34.36 -1.50
N LEU M 363 -9.39 -34.63 -2.32
CA LEU M 363 -9.30 -34.33 -3.74
C LEU M 363 -9.06 -32.84 -3.91
N ASN M 364 -9.83 -32.05 -3.18
CA ASN M 364 -9.63 -30.62 -3.20
C ASN M 364 -8.27 -30.22 -2.63
N GLU M 365 -7.92 -30.80 -1.49
CA GLU M 365 -6.62 -30.54 -0.86
C GLU M 365 -5.50 -30.91 -1.81
N GLN M 366 -5.63 -32.10 -2.40
CA GLN M 366 -4.69 -32.57 -3.41
C GLN M 366 -4.60 -31.58 -4.57
N LEU M 367 -5.74 -31.04 -5.02
CA LEU M 367 -5.73 -30.13 -6.16
C LEU M 367 -5.03 -28.81 -5.84
N LYS M 368 -5.36 -28.23 -4.70
CA LYS M 368 -4.80 -26.95 -4.31
C LYS M 368 -3.31 -27.02 -4.04
N LYS M 369 -2.85 -28.18 -3.59
CA LYS M 369 -1.40 -28.38 -3.45
C LYS M 369 -0.71 -28.23 -4.80
N ARG M 370 -1.20 -28.92 -5.82
CA ARG M 370 -0.63 -28.77 -7.14
C ARG M 370 -0.70 -27.32 -7.60
N ILE M 371 -1.77 -26.63 -7.22
CA ILE M 371 -1.92 -25.21 -7.57
C ILE M 371 -0.88 -24.31 -6.90
N ASP M 372 -0.69 -24.47 -5.59
CA ASP M 372 0.29 -23.67 -4.86
C ASP M 372 1.71 -23.88 -5.40
N GLU M 373 2.04 -25.13 -5.76
CA GLU M 373 3.37 -25.47 -6.27
C GLU M 373 3.58 -24.75 -7.60
N ILE M 374 2.53 -24.86 -8.43
CA ILE M 374 2.46 -24.27 -9.75
C ILE M 374 2.71 -22.78 -9.81
N LYS M 375 2.13 -22.07 -8.87
CA LYS M 375 2.19 -20.63 -8.88
C LYS M 375 3.57 -20.13 -8.44
N GLU M 376 4.31 -21.00 -7.77
CA GLU M 376 5.63 -20.66 -7.23
C GLU M 376 6.91 -20.94 -8.03
N LYS M 377 7.17 -20.11 -9.05
CA LYS M 377 8.46 -20.11 -9.76
C LYS M 377 8.65 -18.78 -10.51
N ALA N 7 -10.78 -56.83 -1.75
CA ALA N 7 -11.24 -55.81 -2.70
C ALA N 7 -12.40 -56.33 -3.56
N SER N 8 -13.20 -55.41 -4.10
CA SER N 8 -14.45 -55.78 -4.80
C SER N 8 -14.47 -55.55 -6.33
N TYR N 9 -13.55 -54.76 -6.86
CA TYR N 9 -13.53 -54.52 -8.30
C TYR N 9 -12.81 -55.68 -9.00
N VAL N 10 -12.26 -56.60 -8.18
CA VAL N 10 -11.55 -57.80 -8.62
C VAL N 10 -12.51 -58.96 -8.92
N LYS N 11 -12.63 -59.29 -10.20
CA LYS N 11 -13.64 -60.22 -10.71
C LYS N 11 -13.41 -61.70 -10.38
N PHE N 12 -12.17 -62.18 -10.55
CA PHE N 12 -11.83 -63.60 -10.33
C PHE N 12 -10.54 -63.80 -9.51
N GLU N 13 -10.25 -65.06 -9.16
CA GLU N 13 -9.14 -65.33 -8.24
C GLU N 13 -7.87 -65.86 -8.90
N VAL N 14 -6.80 -65.08 -8.79
CA VAL N 14 -5.53 -65.44 -9.39
C VAL N 14 -4.49 -65.87 -8.36
N PRO N 15 -3.93 -67.08 -8.53
CA PRO N 15 -2.80 -67.64 -7.76
C PRO N 15 -1.47 -66.94 -8.06
N GLN N 16 -0.61 -66.81 -7.04
CA GLN N 16 0.62 -66.01 -7.12
C GLN N 16 1.63 -66.47 -8.18
N ASP N 17 1.49 -67.70 -8.65
CA ASP N 17 2.33 -68.18 -9.76
C ASP N 17 2.02 -67.44 -11.05
N LEU N 18 0.74 -67.25 -11.34
CA LEU N 18 0.34 -66.48 -12.51
C LEU N 18 0.66 -65.01 -12.40
N ALA N 19 0.33 -64.42 -11.26
CA ALA N 19 0.59 -63.01 -10.96
C ALA N 19 2.05 -62.65 -11.24
N ASP N 20 2.93 -63.61 -10.99
CA ASP N 20 4.37 -63.42 -11.23
C ASP N 20 4.69 -63.58 -12.70
N LYS N 21 4.03 -64.54 -13.35
CA LYS N 21 4.21 -64.78 -14.79
C LYS N 21 3.71 -63.59 -15.59
N VAL N 22 2.77 -62.87 -14.99
CA VAL N 22 2.29 -61.62 -15.55
C VAL N 22 3.43 -60.62 -15.47
N LEU N 23 3.90 -60.37 -14.26
CA LEU N 23 4.99 -59.43 -13.98
C LEU N 23 6.22 -59.64 -14.86
N GLU N 24 6.56 -60.90 -15.14
CA GLU N 24 7.60 -61.20 -16.14
C GLU N 24 7.05 -60.85 -17.55
N ALA N 25 5.79 -61.20 -17.84
CA ALA N 25 5.21 -60.95 -19.18
C ALA N 25 5.28 -59.48 -19.57
N VAL N 26 5.04 -58.62 -18.59
CA VAL N 26 5.11 -57.18 -18.78
C VAL N 26 6.57 -56.74 -19.01
N ARG N 27 7.48 -57.18 -18.13
CA ARG N 27 8.90 -56.76 -18.19
C ARG N 27 9.51 -57.11 -19.53
N LYS N 28 9.30 -58.35 -19.97
CA LYS N 28 9.85 -58.76 -21.27
C LYS N 28 9.16 -57.92 -22.35
N ALA N 29 7.96 -57.42 -22.06
CA ALA N 29 7.26 -56.55 -23.01
C ALA N 29 7.85 -55.13 -22.98
N LYS N 30 8.58 -54.78 -21.92
CA LYS N 30 9.46 -53.59 -21.92
C LYS N 30 10.77 -53.74 -22.75
N GLU N 31 11.47 -54.87 -22.62
CA GLU N 31 12.75 -55.04 -23.37
C GLU N 31 12.48 -55.15 -24.87
N SER N 32 11.66 -56.12 -25.26
CA SER N 32 11.55 -56.51 -26.67
C SER N 32 10.32 -55.98 -27.40
N GLY N 33 9.29 -55.58 -26.67
CA GLY N 33 8.07 -55.10 -27.32
C GLY N 33 7.63 -53.71 -26.91
N LYS N 34 6.31 -53.51 -26.90
CA LYS N 34 5.71 -52.23 -26.54
C LYS N 34 4.58 -52.35 -25.51
N ILE N 35 4.69 -51.60 -24.42
CA ILE N 35 3.62 -51.57 -23.41
C ILE N 35 3.03 -50.21 -23.17
N LYS N 36 1.89 -50.20 -22.48
CA LYS N 36 1.35 -48.93 -21.96
C LYS N 36 1.10 -49.05 -20.46
N LYS N 37 1.62 -48.06 -19.71
CA LYS N 37 1.57 -48.04 -18.26
C LYS N 37 0.72 -46.87 -17.79
N GLY N 38 -0.20 -47.15 -16.87
CA GLY N 38 -1.16 -46.18 -16.34
C GLY N 38 -2.65 -46.40 -16.46
N THR N 39 -3.54 -45.79 -15.62
CA THR N 39 -4.97 -46.07 -15.83
C THR N 39 -5.55 -45.45 -17.08
N ASN N 40 -5.27 -44.16 -17.26
CA ASN N 40 -5.82 -43.43 -18.38
C ASN N 40 -5.20 -43.84 -19.71
N GLU N 41 -3.87 -44.03 -19.75
CA GLU N 41 -3.19 -44.48 -20.96
C GLU N 41 -3.70 -45.90 -21.20
N THR N 42 -4.02 -46.66 -20.13
CA THR N 42 -4.57 -48.01 -20.31
C THR N 42 -5.95 -47.96 -20.95
N THR N 43 -6.75 -47.06 -20.40
CA THR N 43 -8.11 -46.82 -20.85
C THR N 43 -8.21 -46.39 -22.33
N LYS N 44 -7.40 -45.43 -22.75
CA LYS N 44 -7.45 -44.99 -24.13
C LYS N 44 -7.08 -46.21 -25.00
N ALA N 45 -6.19 -47.06 -24.50
CA ALA N 45 -5.74 -48.26 -25.20
C ALA N 45 -6.84 -49.33 -25.27
N VAL N 46 -7.79 -49.30 -24.35
CA VAL N 46 -8.89 -50.25 -24.42
C VAL N 46 -9.90 -49.73 -25.43
N GLU N 47 -10.17 -48.44 -25.35
CA GLU N 47 -11.02 -47.77 -26.32
C GLU N 47 -10.52 -47.98 -27.76
N ARG N 48 -9.19 -47.98 -27.96
CA ARG N 48 -8.61 -48.07 -29.31
C ARG N 48 -8.42 -49.56 -29.69
N GLY N 49 -8.52 -50.45 -28.69
CA GLY N 49 -8.35 -51.88 -28.89
C GLY N 49 -6.93 -52.26 -29.31
N GLN N 50 -5.97 -51.42 -28.96
CA GLN N 50 -4.57 -51.66 -29.31
C GLN N 50 -3.94 -52.61 -28.32
N ALA N 51 -4.41 -52.51 -27.09
CA ALA N 51 -3.92 -53.34 -25.99
C ALA N 51 -4.47 -54.73 -26.19
N LYS N 52 -3.64 -55.73 -25.98
CA LYS N 52 -4.12 -57.10 -26.12
C LYS N 52 -4.43 -57.66 -24.71
N LEU N 53 -3.70 -57.17 -23.71
CA LEU N 53 -3.78 -57.66 -22.34
C LEU N 53 -3.75 -56.56 -21.31
N VAL N 54 -4.66 -56.64 -20.35
CA VAL N 54 -4.72 -55.62 -19.31
C VAL N 54 -4.44 -56.10 -17.87
N ILE N 55 -3.45 -55.47 -17.24
CA ILE N 55 -3.01 -55.87 -15.90
C ILE N 55 -3.55 -54.84 -14.91
N ILE N 56 -4.33 -55.31 -13.94
CA ILE N 56 -4.98 -54.46 -12.94
C ILE N 56 -4.73 -54.81 -11.46
N ALA N 57 -4.43 -53.80 -10.67
CA ALA N 57 -4.02 -53.98 -9.29
C ALA N 57 -5.20 -54.32 -8.36
N GLU N 58 -4.88 -54.97 -7.25
CA GLU N 58 -5.86 -55.37 -6.23
C GLU N 58 -5.76 -54.46 -4.99
N ASP N 59 -4.73 -53.61 -4.95
CA ASP N 59 -4.46 -52.76 -3.77
C ASP N 59 -4.57 -51.25 -4.08
N VAL N 60 -5.48 -50.86 -4.97
CA VAL N 60 -5.59 -49.48 -5.37
C VAL N 60 -6.33 -48.66 -4.31
N GLN N 61 -5.99 -47.37 -4.23
CA GLN N 61 -6.58 -46.50 -3.22
C GLN N 61 -6.97 -45.08 -3.65
N PRO N 62 -8.30 -44.80 -3.77
CA PRO N 62 -9.52 -45.56 -3.58
C PRO N 62 -9.87 -46.48 -4.76
N GLU N 63 -10.67 -47.50 -4.47
CA GLU N 63 -10.96 -48.63 -5.36
C GLU N 63 -11.41 -48.33 -6.82
N GLU N 64 -12.32 -47.38 -6.89
CA GLU N 64 -13.11 -47.06 -8.07
C GLU N 64 -12.42 -46.62 -9.36
N ILE N 65 -11.17 -46.18 -9.24
CA ILE N 65 -10.35 -45.60 -10.28
C ILE N 65 -10.23 -46.54 -11.50
N VAL N 66 -10.11 -47.83 -11.22
CA VAL N 66 -9.88 -48.91 -12.20
C VAL N 66 -11.14 -49.78 -12.26
N ALA N 67 -12.14 -49.31 -11.52
CA ALA N 67 -13.44 -49.98 -11.46
C ALA N 67 -14.16 -49.91 -12.81
N HIS N 68 -13.86 -48.90 -13.63
CA HIS N 68 -14.54 -48.79 -14.91
C HIS N 68 -13.96 -49.78 -15.95
N LEU N 69 -12.72 -50.21 -15.73
CA LEU N 69 -12.01 -51.08 -16.67
C LEU N 69 -12.66 -52.48 -16.91
N PRO N 70 -13.17 -53.18 -15.88
CA PRO N 70 -13.84 -54.45 -16.22
C PRO N 70 -14.93 -54.30 -17.27
N LEU N 71 -15.68 -53.21 -17.13
CA LEU N 71 -16.76 -52.88 -18.05
C LEU N 71 -16.24 -52.60 -19.44
N LEU N 72 -15.27 -51.70 -19.52
CA LEU N 72 -14.72 -51.28 -20.79
C LEU N 72 -14.08 -52.46 -21.50
N CYS N 73 -13.35 -53.28 -20.75
CA CYS N 73 -12.58 -54.41 -21.29
C CYS N 73 -13.51 -55.49 -21.88
N ASP N 74 -14.73 -55.57 -21.35
CA ASP N 74 -15.69 -56.57 -21.76
C ASP N 74 -16.45 -56.15 -23.01
N GLU N 75 -16.65 -54.85 -23.19
CA GLU N 75 -17.27 -54.31 -24.41
C GLU N 75 -16.33 -54.51 -25.62
N LYS N 76 -15.04 -54.22 -25.44
CA LYS N 76 -14.06 -54.37 -26.50
C LYS N 76 -13.37 -55.74 -26.43
N LYS N 77 -13.79 -56.56 -25.47
CA LYS N 77 -13.31 -57.93 -25.28
C LYS N 77 -11.79 -58.08 -25.10
N ILE N 78 -11.14 -57.18 -24.36
CA ILE N 78 -9.72 -57.34 -24.10
C ILE N 78 -9.51 -58.01 -22.73
N PRO N 79 -8.80 -59.15 -22.70
CA PRO N 79 -8.68 -59.89 -21.43
C PRO N 79 -7.90 -59.13 -20.33
N TYR N 80 -8.31 -59.30 -19.07
CA TYR N 80 -7.62 -58.64 -17.96
C TYR N 80 -7.25 -59.57 -16.80
N VAL N 81 -6.17 -59.26 -16.07
CA VAL N 81 -5.56 -60.16 -15.03
C VAL N 81 -5.19 -59.32 -13.79
N TYR N 82 -5.04 -59.95 -12.61
CA TYR N 82 -4.66 -59.22 -11.39
C TYR N 82 -3.28 -59.53 -10.80
N VAL N 83 -2.65 -58.53 -10.21
CA VAL N 83 -1.46 -58.75 -9.39
C VAL N 83 -1.65 -58.14 -7.99
N SER N 84 -0.81 -58.55 -7.04
CA SER N 84 -1.00 -58.21 -5.64
C SER N 84 -0.50 -56.80 -5.34
N SER N 85 0.64 -56.42 -5.91
CA SER N 85 1.26 -55.12 -5.60
C SER N 85 1.27 -54.13 -6.73
N LYS N 86 0.89 -52.89 -6.39
CA LYS N 86 0.98 -51.82 -7.34
C LYS N 86 2.45 -51.43 -7.43
N LYS N 87 3.16 -51.48 -6.30
CA LYS N 87 4.59 -51.14 -6.30
C LYS N 87 5.39 -52.09 -7.18
N ALA N 88 5.13 -53.39 -7.04
CA ALA N 88 5.83 -54.44 -7.77
C ALA N 88 5.52 -54.34 -9.25
N LEU N 89 4.28 -53.93 -9.56
CA LEU N 89 3.86 -53.77 -10.95
C LEU N 89 4.48 -52.53 -11.61
N GLY N 90 4.56 -51.42 -10.88
CA GLY N 90 5.21 -50.23 -11.41
C GLY N 90 6.70 -50.49 -11.53
N GLU N 91 7.24 -51.13 -10.50
CA GLU N 91 8.66 -51.44 -10.43
C GLU N 91 8.89 -52.58 -11.44
N ALA N 92 7.81 -53.25 -11.83
CA ALA N 92 7.83 -54.08 -13.03
C ALA N 92 7.89 -53.18 -14.27
N CYS N 93 7.06 -52.14 -14.28
CA CYS N 93 6.87 -51.24 -15.44
C CYS N 93 8.13 -50.46 -15.87
N GLY N 94 9.18 -50.55 -15.06
CA GLY N 94 10.44 -49.88 -15.34
C GLY N 94 10.42 -48.55 -14.64
N LEU N 95 9.52 -48.45 -13.66
CA LEU N 95 9.40 -47.26 -12.86
C LEU N 95 10.02 -47.57 -11.53
N GLN N 96 10.45 -46.54 -10.81
CA GLN N 96 11.00 -46.77 -9.50
C GLN N 96 9.92 -46.43 -8.50
N VAL N 97 8.74 -46.14 -9.05
CA VAL N 97 7.53 -45.87 -8.28
C VAL N 97 6.44 -46.86 -8.69
N ALA N 98 5.34 -46.86 -7.92
CA ALA N 98 4.18 -47.71 -8.15
C ALA N 98 3.32 -47.35 -9.37
N THR N 99 2.46 -48.30 -9.78
CA THR N 99 1.40 -48.17 -10.83
C THR N 99 0.16 -49.03 -10.55
N ALA N 100 -1.01 -48.47 -10.86
CA ALA N 100 -2.32 -49.08 -10.58
C ALA N 100 -2.92 -50.02 -11.64
N SER N 101 -2.63 -49.78 -12.92
CA SER N 101 -3.08 -50.67 -14.00
C SER N 101 -2.27 -50.43 -15.26
N ALA N 102 -2.14 -51.44 -16.12
CA ALA N 102 -1.39 -51.31 -17.37
C ALA N 102 -1.91 -52.22 -18.48
N ALA N 103 -1.39 -52.05 -19.69
CA ALA N 103 -1.77 -52.85 -20.84
C ALA N 103 -0.57 -53.19 -21.73
N ILE N 104 -0.52 -54.42 -22.24
CA ILE N 104 0.53 -54.82 -23.18
C ILE N 104 -0.02 -54.66 -24.61
N LEU N 105 0.70 -53.91 -25.45
CA LEU N 105 0.29 -53.71 -26.84
C LEU N 105 0.88 -54.75 -27.78
N GLU N 106 2.17 -55.06 -27.60
CA GLU N 106 2.85 -56.09 -28.36
C GLU N 106 3.70 -56.97 -27.43
N PRO N 107 3.42 -58.28 -27.40
CA PRO N 107 4.12 -59.20 -26.48
C PRO N 107 5.62 -59.42 -26.81
N GLY N 108 5.97 -59.48 -28.11
CA GLY N 108 7.34 -59.68 -28.53
C GLY N 108 7.96 -61.01 -28.12
N GLU N 109 9.06 -60.94 -27.35
CA GLU N 109 9.70 -62.13 -26.75
C GLU N 109 8.97 -62.41 -25.43
N ALA N 110 7.65 -62.28 -25.48
CA ALA N 110 6.79 -62.63 -24.36
C ALA N 110 5.46 -63.13 -24.92
N LYS N 111 5.43 -63.35 -26.24
CA LYS N 111 4.27 -63.85 -26.99
C LYS N 111 3.61 -65.13 -26.46
N ASP N 112 4.39 -66.20 -26.37
CA ASP N 112 3.91 -67.48 -25.83
C ASP N 112 3.59 -67.31 -24.33
N LEU N 113 4.41 -66.52 -23.64
CA LEU N 113 4.22 -66.26 -22.20
C LEU N 113 2.93 -65.51 -21.91
N VAL N 114 2.58 -64.56 -22.78
CA VAL N 114 1.31 -63.85 -22.69
C VAL N 114 0.13 -64.76 -23.10
N ASP N 115 0.25 -65.40 -24.26
CA ASP N 115 -0.77 -66.27 -24.85
C ASP N 115 -1.18 -67.42 -23.92
N GLU N 116 -0.23 -67.85 -23.08
CA GLU N 116 -0.49 -68.86 -22.05
C GLU N 116 -1.20 -68.21 -20.85
N ILE N 117 -0.84 -66.95 -20.54
CA ILE N 117 -1.49 -66.20 -19.44
C ILE N 117 -2.95 -65.88 -19.76
N ILE N 118 -3.21 -65.40 -20.98
CA ILE N 118 -4.56 -65.02 -21.39
C ILE N 118 -5.49 -66.25 -21.40
N LYS N 119 -4.88 -67.43 -21.51
CA LYS N 119 -5.63 -68.67 -21.57
C LYS N 119 -5.73 -69.33 -20.20
N ARG N 120 -4.80 -69.05 -19.27
CA ARG N 120 -4.98 -69.61 -17.94
C ARG N 120 -6.10 -68.81 -17.31
N VAL N 121 -6.09 -67.50 -17.53
CA VAL N 121 -7.10 -66.63 -16.97
C VAL N 121 -8.47 -66.80 -17.64
N ASN N 122 -8.48 -67.47 -18.80
CA ASN N 122 -9.72 -67.86 -19.46
C ASN N 122 -10.44 -68.99 -18.73
N GLU N 123 -9.67 -70.00 -18.31
CA GLU N 123 -10.15 -71.19 -17.60
C GLU N 123 -10.64 -70.99 -16.15
N ILE N 124 -9.88 -70.21 -15.38
CA ILE N 124 -10.20 -69.92 -13.96
C ILE N 124 -11.40 -68.97 -13.94
N LYS N 125 -11.78 -68.53 -15.14
CA LYS N 125 -12.97 -67.72 -15.34
C LYS N 125 -14.10 -68.63 -15.79
N GLY N 126 -13.78 -69.91 -15.96
CA GLY N 126 -14.74 -70.87 -16.46
C GLY N 126 -15.07 -70.87 -17.96
N LYS N 127 -14.05 -70.86 -18.83
CA LYS N 127 -14.29 -70.85 -20.30
C LYS N 127 -14.01 -72.16 -21.07
N THR N 128 -14.95 -72.54 -21.94
CA THR N 128 -14.79 -73.71 -22.83
C THR N 128 -14.50 -73.28 -24.27
N ILE O 5 -48.58 -41.14 -63.77
CA ILE O 5 -47.93 -41.92 -62.71
C ILE O 5 -47.93 -43.40 -63.10
N THR O 6 -46.92 -44.14 -62.67
CA THR O 6 -46.78 -45.58 -62.94
C THR O 6 -45.94 -46.37 -61.92
N VAL O 7 -46.34 -47.61 -61.65
CA VAL O 7 -45.58 -48.50 -60.78
C VAL O 7 -45.25 -49.85 -61.43
N LYS O 8 -43.99 -50.27 -61.35
CA LYS O 8 -43.55 -51.56 -61.92
C LYS O 8 -42.39 -52.16 -61.08
N GLN O 9 -42.34 -53.48 -60.95
CA GLN O 9 -41.26 -54.19 -60.23
C GLN O 9 -39.80 -53.87 -60.69
N THR O 10 -38.79 -54.11 -59.84
CA THR O 10 -37.41 -54.11 -60.34
C THR O 10 -36.81 -55.50 -60.21
N ASN O 11 -35.53 -55.66 -60.56
CA ASN O 11 -34.83 -56.96 -60.51
C ASN O 11 -34.99 -57.62 -59.15
N MET O 12 -35.29 -56.78 -58.18
CA MET O 12 -35.34 -57.17 -56.79
C MET O 12 -36.79 -57.23 -56.30
N GLU O 13 -37.11 -58.25 -55.51
CA GLU O 13 -38.47 -58.42 -54.95
C GLU O 13 -39.04 -57.22 -54.22
N ASN O 14 -40.33 -57.00 -54.42
CA ASN O 14 -41.11 -55.92 -53.80
C ASN O 14 -40.45 -54.55 -53.82
N ILE O 15 -39.71 -54.30 -54.87
CA ILE O 15 -39.08 -53.03 -55.07
C ILE O 15 -39.51 -52.57 -56.44
N TYR O 16 -40.02 -51.33 -56.48
CA TYR O 16 -40.66 -50.75 -57.65
C TYR O 16 -40.06 -49.39 -58.00
N GLU O 17 -40.23 -48.97 -59.26
CA GLU O 17 -39.77 -47.66 -59.68
C GLU O 17 -41.05 -46.92 -60.13
N CYS O 18 -41.11 -45.61 -60.01
CA CYS O 18 -42.28 -44.86 -60.53
C CYS O 18 -41.99 -43.87 -61.61
N GLU O 19 -42.69 -44.01 -62.74
CA GLU O 19 -42.70 -42.98 -63.76
C GLU O 19 -43.54 -41.87 -63.19
N PHE O 20 -43.11 -40.63 -63.34
CA PHE O 20 -43.83 -39.57 -62.69
C PHE O 20 -44.43 -38.59 -63.68
N ASN O 21 -45.34 -37.77 -63.18
CA ASN O 21 -45.94 -36.67 -63.92
C ASN O 21 -44.92 -35.83 -64.71
N ASP O 22 -43.70 -35.83 -64.20
CA ASP O 22 -42.58 -35.03 -64.68
C ASP O 22 -41.57 -35.83 -65.52
N GLY O 23 -41.46 -37.11 -65.24
CA GLY O 23 -40.55 -38.01 -65.92
C GLY O 23 -39.42 -38.47 -65.01
N SER O 24 -39.72 -38.59 -63.73
CA SER O 24 -38.73 -39.09 -62.78
C SER O 24 -39.01 -40.52 -62.36
N PHE O 25 -37.94 -41.19 -61.93
CA PHE O 25 -38.00 -42.56 -61.42
C PHE O 25 -37.52 -42.51 -59.99
N ARG O 26 -38.43 -42.77 -59.05
CA ARG O 26 -38.01 -42.80 -57.66
C ARG O 26 -38.40 -44.14 -57.02
N LEU O 27 -37.48 -44.72 -56.24
CA LEU O 27 -37.70 -46.03 -55.64
C LEU O 27 -38.93 -45.95 -54.75
N CYS O 28 -39.66 -47.05 -54.61
CA CYS O 28 -40.75 -47.10 -53.65
C CYS O 28 -40.94 -48.54 -53.27
N THR O 29 -41.50 -48.77 -52.09
CA THR O 29 -41.73 -50.13 -51.65
C THR O 29 -43.17 -50.27 -51.28
N ARG O 30 -43.60 -51.52 -51.32
CA ARG O 30 -44.98 -51.88 -51.10
C ARG O 30 -45.38 -51.79 -49.64
N ASN O 31 -46.40 -50.98 -49.37
CA ASN O 31 -46.83 -50.64 -48.00
C ASN O 31 -47.56 -51.80 -47.27
N LEU O 32 -47.00 -52.28 -46.16
CA LEU O 32 -47.63 -53.31 -45.34
C LEU O 32 -48.86 -52.80 -44.54
N VAL O 33 -48.81 -51.55 -44.09
CA VAL O 33 -49.92 -50.96 -43.33
C VAL O 33 -50.31 -49.66 -43.96
N PRO O 34 -51.11 -49.74 -45.04
CA PRO O 34 -51.49 -48.61 -45.87
C PRO O 34 -52.04 -47.50 -45.01
N ASN O 35 -51.87 -46.26 -45.50
CA ASN O 35 -52.19 -44.98 -44.82
C ASN O 35 -51.18 -44.49 -43.77
N PHE O 36 -50.05 -45.18 -43.60
CA PHE O 36 -49.14 -44.83 -42.52
C PHE O 36 -47.65 -44.76 -42.81
N ASN O 37 -47.09 -43.64 -42.38
CA ASN O 37 -45.72 -43.31 -42.67
C ASN O 37 -44.88 -43.14 -41.39
N VAL O 38 -43.67 -43.69 -41.43
CA VAL O 38 -42.75 -43.62 -40.30
C VAL O 38 -41.94 -42.31 -40.34
N TYR O 39 -41.62 -41.80 -41.52
CA TYR O 39 -41.14 -40.42 -41.63
C TYR O 39 -42.22 -39.62 -42.36
N GLY O 40 -41.87 -38.62 -43.15
CA GLY O 40 -42.92 -37.86 -43.82
C GLY O 40 -43.29 -38.31 -45.24
N GLU O 41 -42.78 -39.47 -45.66
CA GLU O 41 -42.75 -39.84 -47.08
C GLU O 41 -44.11 -39.75 -47.74
N ARG O 42 -44.05 -39.47 -49.03
CA ARG O 42 -45.19 -39.43 -49.90
C ARG O 42 -45.81 -40.82 -49.96
N LEU O 43 -47.13 -40.89 -49.85
CA LEU O 43 -47.84 -42.12 -50.14
C LEU O 43 -48.43 -42.10 -51.51
N ILE O 44 -48.28 -43.22 -52.22
CA ILE O 44 -48.77 -43.29 -53.59
C ILE O 44 -49.62 -44.52 -53.88
N LYS O 45 -50.81 -44.26 -54.43
CA LYS O 45 -51.70 -45.29 -54.99
C LYS O 45 -51.67 -45.36 -56.52
N TYR O 46 -51.51 -46.57 -57.06
CA TYR O 46 -51.53 -46.81 -58.51
C TYR O 46 -52.21 -48.16 -58.75
N GLU O 47 -53.34 -48.10 -59.46
CA GLU O 47 -54.30 -49.20 -59.56
C GLU O 47 -54.61 -49.75 -58.14
N GLY O 48 -54.76 -48.82 -57.20
CA GLY O 48 -55.13 -49.06 -55.79
C GLY O 48 -54.26 -49.84 -54.78
N VAL O 49 -52.96 -49.90 -55.02
CA VAL O 49 -52.04 -50.54 -54.06
C VAL O 49 -51.12 -49.42 -53.62
N GLU O 50 -50.84 -49.35 -52.33
CA GLU O 50 -50.10 -48.22 -51.82
C GLU O 50 -48.61 -48.51 -51.58
N TYR O 51 -47.76 -47.59 -52.03
CA TYR O 51 -46.33 -47.73 -51.88
C TYR O 51 -45.80 -46.54 -51.04
N ARG O 52 -44.67 -46.76 -50.37
CA ARG O 52 -43.97 -45.74 -49.58
C ARG O 52 -42.75 -45.21 -50.35
N GLU O 53 -42.62 -43.89 -50.51
CA GLU O 53 -41.46 -43.37 -51.26
C GLU O 53 -40.22 -43.64 -50.42
N TRP O 54 -39.21 -44.25 -51.04
CA TRP O 54 -38.00 -44.69 -50.34
C TRP O 54 -36.81 -43.77 -50.59
N ASN O 55 -36.66 -42.73 -49.77
CA ASN O 55 -35.59 -41.77 -49.99
C ASN O 55 -34.18 -42.34 -49.88
N ALA O 56 -33.43 -42.27 -50.98
CA ALA O 56 -32.08 -42.81 -50.99
C ALA O 56 -31.21 -42.00 -50.02
N PHE O 57 -31.56 -40.73 -49.88
CA PHE O 57 -30.80 -39.85 -49.01
C PHE O 57 -30.91 -40.23 -47.52
N ARG O 58 -31.97 -40.95 -47.16
CA ARG O 58 -32.15 -41.35 -45.76
C ARG O 58 -31.75 -42.80 -45.48
N SER O 59 -32.10 -43.68 -46.38
CA SER O 59 -31.87 -45.09 -46.17
C SER O 59 -30.64 -45.51 -46.93
N LYS O 60 -29.72 -46.13 -46.22
CA LYS O 60 -28.52 -46.59 -46.86
C LYS O 60 -28.86 -47.70 -47.87
N LEU O 61 -29.93 -48.45 -47.59
CA LEU O 61 -30.37 -49.52 -48.50
C LEU O 61 -30.86 -48.99 -49.85
N ALA O 62 -31.65 -47.92 -49.84
CA ALA O 62 -32.12 -47.28 -51.06
C ALA O 62 -30.92 -46.78 -51.83
N GLY O 63 -29.92 -46.32 -51.10
CA GLY O 63 -28.68 -45.85 -51.67
C GLY O 63 -27.98 -46.95 -52.45
N ALA O 64 -27.82 -48.10 -51.79
CA ALA O 64 -27.09 -49.24 -52.35
C ALA O 64 -27.69 -49.67 -53.71
N ILE O 65 -29.01 -49.53 -53.83
CA ILE O 65 -29.72 -49.84 -55.07
C ILE O 65 -29.36 -48.89 -56.19
N LEU O 66 -29.49 -47.60 -55.94
CA LEU O 66 -29.21 -46.57 -56.93
C LEU O 66 -27.71 -46.39 -57.27
N LYS O 67 -26.85 -47.14 -56.59
CA LYS O 67 -25.44 -47.14 -56.92
C LYS O 67 -24.98 -48.52 -57.45
N GLY O 68 -25.94 -49.36 -57.86
CA GLY O 68 -25.67 -50.64 -58.51
C GLY O 68 -25.72 -51.94 -57.70
N LEU O 69 -26.65 -52.05 -56.75
CA LEU O 69 -26.77 -53.28 -55.96
C LEU O 69 -27.10 -54.49 -56.84
N LYS O 70 -26.10 -55.36 -56.96
CA LYS O 70 -26.10 -56.46 -57.92
C LYS O 70 -27.35 -57.32 -57.69
N THR O 71 -27.41 -57.91 -56.49
CA THR O 71 -28.48 -58.83 -56.13
C THR O 71 -28.94 -58.49 -54.72
N ASN O 72 -30.22 -58.70 -54.46
CA ASN O 72 -30.71 -58.33 -53.14
C ASN O 72 -31.16 -59.45 -52.20
N PRO O 73 -30.39 -59.66 -51.11
CA PRO O 73 -30.67 -60.78 -50.19
C PRO O 73 -31.82 -60.49 -49.25
N ILE O 74 -32.35 -59.28 -49.27
CA ILE O 74 -33.54 -59.01 -48.47
C ILE O 74 -34.73 -58.94 -49.40
N ARG O 75 -35.61 -59.93 -49.24
CA ARG O 75 -36.76 -60.14 -50.10
C ARG O 75 -37.93 -60.74 -49.30
N LYS O 76 -38.99 -61.16 -49.99
CA LYS O 76 -40.15 -61.79 -49.33
C LYS O 76 -39.86 -62.93 -48.36
N GLY O 77 -40.29 -62.74 -47.13
CA GLY O 77 -40.08 -63.73 -46.10
C GLY O 77 -38.66 -63.91 -45.62
N THR O 78 -37.89 -62.84 -45.64
CA THR O 78 -36.51 -62.91 -45.16
C THR O 78 -36.43 -62.60 -43.66
N LYS O 79 -35.63 -63.36 -42.92
CA LYS O 79 -35.30 -63.02 -41.54
C LYS O 79 -33.97 -62.32 -41.48
N VAL O 80 -34.02 -61.10 -40.97
CA VAL O 80 -32.86 -60.22 -40.98
C VAL O 80 -32.48 -59.85 -39.55
N LEU O 81 -31.17 -59.73 -39.32
CA LEU O 81 -30.65 -59.07 -38.14
C LEU O 81 -30.31 -57.62 -38.54
N TYR O 82 -30.92 -56.65 -37.86
CA TYR O 82 -30.71 -55.26 -38.22
C TYR O 82 -30.01 -54.56 -37.05
N LEU O 83 -28.69 -54.51 -37.10
CA LEU O 83 -27.89 -53.89 -36.04
C LEU O 83 -27.87 -52.37 -36.23
N GLY O 84 -28.26 -51.65 -35.19
CA GLY O 84 -28.37 -50.21 -35.29
C GLY O 84 -29.77 -49.85 -35.79
N ALA O 85 -30.77 -50.29 -35.03
CA ALA O 85 -32.16 -50.18 -35.44
C ALA O 85 -32.67 -48.74 -35.48
N ALA O 86 -32.14 -47.89 -34.60
CA ALA O 86 -32.44 -46.45 -34.59
C ALA O 86 -33.91 -46.07 -34.70
N SER O 87 -34.17 -44.99 -35.45
CA SER O 87 -35.52 -44.42 -35.54
C SER O 87 -36.51 -45.25 -36.33
N GLY O 88 -36.04 -46.16 -37.15
CA GLY O 88 -36.93 -47.05 -37.86
C GLY O 88 -37.23 -46.60 -39.28
N THR O 89 -36.50 -45.62 -39.78
CA THR O 89 -36.71 -45.22 -41.17
C THR O 89 -36.37 -46.35 -42.14
N THR O 90 -35.13 -46.83 -42.11
CA THR O 90 -34.76 -47.90 -43.03
C THR O 90 -35.45 -49.24 -42.66
N ILE O 91 -35.52 -49.59 -41.38
CA ILE O 91 -36.08 -50.91 -40.98
C ILE O 91 -37.58 -51.05 -41.29
N SER O 92 -38.24 -49.91 -41.51
CA SER O 92 -39.64 -49.91 -41.92
C SER O 92 -39.78 -50.37 -43.38
N HIS O 93 -38.81 -50.02 -44.23
CA HIS O 93 -38.86 -50.46 -45.62
C HIS O 93 -38.56 -51.96 -45.73
N VAL O 94 -37.73 -52.51 -44.84
CA VAL O 94 -37.45 -53.95 -44.89
C VAL O 94 -38.67 -54.69 -44.39
N SER O 95 -39.52 -53.98 -43.64
CA SER O 95 -40.84 -54.49 -43.28
C SER O 95 -41.73 -54.66 -44.52
N ASP O 96 -41.67 -53.66 -45.40
CA ASP O 96 -42.40 -53.63 -46.67
C ASP O 96 -42.09 -54.79 -47.63
N ILE O 97 -40.82 -55.13 -47.70
CA ILE O 97 -40.34 -56.16 -48.61
C ILE O 97 -40.63 -57.57 -48.12
N ILE O 98 -40.24 -57.90 -46.88
CA ILE O 98 -40.37 -59.27 -46.37
C ILE O 98 -41.81 -59.72 -46.13
N GLU O 99 -42.66 -58.77 -45.73
CA GLU O 99 -44.10 -58.90 -45.91
C GLU O 99 -44.74 -60.02 -45.05
N LEU O 100 -44.56 -59.92 -43.73
CA LEU O 100 -45.17 -60.79 -42.70
C LEU O 100 -44.42 -62.12 -42.53
N ASN O 101 -44.05 -62.74 -43.64
CA ASN O 101 -43.32 -64.00 -43.63
C ASN O 101 -41.94 -63.82 -43.04
N GLY O 102 -41.29 -62.73 -43.43
CA GLY O 102 -39.95 -62.43 -42.99
C GLY O 102 -39.94 -61.73 -41.65
N LYS O 103 -38.79 -61.75 -40.98
CA LYS O 103 -38.71 -61.17 -39.64
C LYS O 103 -37.50 -60.25 -39.50
N ALA O 104 -37.70 -59.16 -38.76
CA ALA O 104 -36.69 -58.11 -38.64
C ALA O 104 -36.33 -57.84 -37.17
N TYR O 105 -35.09 -58.10 -36.81
CA TYR O 105 -34.66 -57.89 -35.43
C TYR O 105 -33.76 -56.67 -35.25
N GLY O 106 -34.35 -55.64 -34.67
CA GLY O 106 -33.67 -54.38 -34.49
C GLY O 106 -33.06 -54.18 -33.13
N VAL O 107 -31.75 -54.33 -33.08
CA VAL O 107 -31.05 -54.03 -31.85
C VAL O 107 -30.69 -52.53 -31.89
N GLU O 108 -30.89 -51.86 -30.74
CA GLU O 108 -30.62 -50.43 -30.56
C GLU O 108 -30.48 -50.10 -29.08
N PHE O 109 -29.35 -49.52 -28.70
CA PHE O 109 -29.01 -49.40 -27.29
C PHE O 109 -29.28 -48.00 -26.75
N SER O 110 -29.77 -47.11 -27.63
CA SER O 110 -30.04 -45.72 -27.26
C SER O 110 -31.53 -45.41 -27.10
N PRO O 111 -32.00 -45.36 -25.84
CA PRO O 111 -33.41 -45.27 -25.42
C PRO O 111 -34.18 -44.08 -25.97
N ARG O 112 -33.50 -42.97 -26.17
CA ARG O 112 -34.11 -41.76 -26.68
C ARG O 112 -34.82 -41.92 -28.02
N VAL O 113 -34.29 -42.80 -28.86
CA VAL O 113 -34.78 -42.90 -30.22
C VAL O 113 -35.54 -44.21 -30.35
N VAL O 114 -35.23 -45.20 -29.50
CA VAL O 114 -36.06 -46.39 -29.40
C VAL O 114 -37.49 -45.96 -29.08
N ARG O 115 -37.62 -44.81 -28.41
CA ARG O 115 -38.89 -44.13 -28.13
C ARG O 115 -39.71 -44.05 -29.41
N GLU O 116 -39.09 -43.55 -30.47
CA GLU O 116 -39.73 -43.46 -31.77
C GLU O 116 -39.59 -44.75 -32.62
N LEU O 117 -38.67 -45.66 -32.26
CA LEU O 117 -38.60 -46.97 -32.96
C LEU O 117 -39.76 -47.83 -32.51
N LEU O 118 -40.06 -47.79 -31.22
CA LEU O 118 -41.24 -48.44 -30.64
C LEU O 118 -42.56 -48.27 -31.41
N LEU O 119 -42.90 -47.04 -31.77
CA LEU O 119 -44.16 -46.72 -32.46
C LEU O 119 -44.33 -47.45 -33.78
N VAL O 120 -43.31 -47.32 -34.64
CA VAL O 120 -43.37 -47.89 -35.96
C VAL O 120 -43.45 -49.40 -35.76
N ALA O 121 -42.79 -49.87 -34.70
CA ALA O 121 -42.66 -51.29 -34.41
C ALA O 121 -43.91 -51.86 -33.76
N GLN O 122 -44.73 -50.96 -33.24
CA GLN O 122 -46.02 -51.31 -32.68
C GLN O 122 -47.01 -51.71 -33.75
N ARG O 123 -47.07 -50.85 -34.77
CA ARG O 123 -47.95 -50.95 -35.92
C ARG O 123 -47.72 -52.19 -36.79
N ARG O 124 -46.53 -52.73 -36.70
CA ARG O 124 -46.09 -53.77 -37.63
C ARG O 124 -45.59 -55.01 -36.84
N PRO O 125 -46.40 -56.08 -36.77
CA PRO O 125 -45.96 -57.37 -36.17
C PRO O 125 -44.69 -57.94 -36.85
N ASN O 126 -44.35 -57.37 -38.01
CA ASN O 126 -43.05 -57.60 -38.64
C ASN O 126 -41.79 -57.28 -37.82
N ILE O 127 -41.81 -56.22 -37.01
CA ILE O 127 -40.57 -55.68 -36.43
C ILE O 127 -40.50 -55.98 -34.92
N PHE O 128 -39.36 -56.51 -34.47
CA PHE O 128 -39.21 -56.92 -33.08
C PHE O 128 -38.09 -56.17 -32.33
N PRO O 129 -38.44 -55.03 -31.70
CA PRO O 129 -37.47 -54.12 -31.06
C PRO O 129 -36.68 -54.76 -29.95
N LEU O 130 -35.41 -54.37 -29.84
CA LEU O 130 -34.54 -54.85 -28.78
C LEU O 130 -33.63 -53.71 -28.34
N LEU O 131 -33.86 -53.29 -27.11
CA LEU O 131 -33.02 -52.31 -26.48
C LEU O 131 -31.82 -52.97 -25.80
N ALA O 132 -30.72 -53.14 -26.53
CA ALA O 132 -29.50 -53.70 -25.94
C ALA O 132 -28.21 -53.28 -26.66
N ASP O 133 -27.09 -53.57 -26.01
CA ASP O 133 -25.80 -53.18 -26.54
C ASP O 133 -25.34 -54.30 -27.49
N ALA O 134 -25.22 -53.95 -28.78
CA ALA O 134 -24.84 -54.89 -29.82
C ALA O 134 -23.41 -55.48 -29.73
N ARG O 135 -22.55 -54.88 -28.88
CA ARG O 135 -21.21 -55.42 -28.56
C ARG O 135 -21.39 -56.66 -27.70
N PHE O 136 -22.58 -56.77 -27.15
CA PHE O 136 -22.95 -57.93 -26.36
C PHE O 136 -24.15 -58.65 -27.02
N PRO O 137 -23.92 -59.49 -28.07
CA PRO O 137 -25.07 -60.23 -28.61
C PRO O 137 -25.60 -61.27 -27.60
N GLN O 138 -24.94 -61.41 -26.44
CA GLN O 138 -25.42 -62.26 -25.33
C GLN O 138 -26.73 -61.81 -24.60
N SER O 139 -27.02 -60.51 -24.58
CA SER O 139 -28.20 -59.93 -23.88
C SER O 139 -29.53 -59.94 -24.64
N TYR O 140 -29.46 -60.10 -25.96
CA TYR O 140 -30.70 -60.21 -26.72
C TYR O 140 -30.79 -61.66 -27.19
N LYS O 141 -29.71 -62.41 -26.94
CA LYS O 141 -29.59 -63.86 -27.20
C LYS O 141 -30.85 -64.68 -26.95
N SER O 142 -31.52 -64.35 -25.86
CA SER O 142 -32.66 -65.12 -25.39
C SER O 142 -34.00 -64.70 -26.03
N VAL O 143 -33.98 -64.08 -27.21
CA VAL O 143 -35.23 -63.64 -27.90
C VAL O 143 -35.30 -63.96 -29.39
N VAL O 144 -34.15 -63.92 -30.05
CA VAL O 144 -34.06 -64.07 -31.49
C VAL O 144 -33.72 -65.51 -31.91
N GLU O 145 -33.77 -65.75 -33.21
CA GLU O 145 -33.42 -67.03 -33.87
C GLU O 145 -32.25 -66.84 -34.82
N ASN O 146 -31.99 -67.78 -35.72
CA ASN O 146 -31.04 -67.45 -36.80
C ASN O 146 -31.74 -66.76 -37.98
N VAL O 147 -30.95 -66.09 -38.82
CA VAL O 147 -31.51 -65.25 -39.86
C VAL O 147 -30.77 -65.41 -41.17
N ASP O 148 -31.39 -64.93 -42.24
CA ASP O 148 -30.78 -65.00 -43.56
C ASP O 148 -29.85 -63.79 -43.76
N VAL O 149 -30.28 -62.62 -43.30
CA VAL O 149 -29.50 -61.39 -43.53
C VAL O 149 -28.99 -60.73 -42.22
N LEU O 150 -27.71 -60.31 -42.23
CA LEU O 150 -27.09 -59.53 -41.14
C LEU O 150 -26.86 -58.10 -41.63
N TYR O 151 -27.80 -57.20 -41.33
CA TYR O 151 -27.74 -55.81 -41.77
C TYR O 151 -27.09 -54.94 -40.67
N VAL O 152 -25.91 -54.38 -40.91
CA VAL O 152 -25.16 -53.68 -39.86
C VAL O 152 -24.98 -52.22 -40.25
N ASP O 153 -25.73 -51.37 -39.56
CA ASP O 153 -25.57 -49.93 -39.74
C ASP O 153 -25.36 -49.31 -38.37
N ILE O 154 -24.18 -49.56 -37.78
CA ILE O 154 -23.88 -49.04 -36.46
C ILE O 154 -22.69 -48.07 -36.52
N ALA O 155 -22.76 -46.99 -35.75
CA ALA O 155 -21.67 -46.07 -35.60
C ALA O 155 -20.69 -46.59 -34.54
N GLN O 156 -19.57 -47.17 -35.00
CA GLN O 156 -18.57 -47.72 -34.09
C GLN O 156 -17.19 -47.78 -34.73
N PRO O 157 -16.15 -47.48 -33.95
CA PRO O 157 -14.79 -47.64 -34.51
C PRO O 157 -14.50 -49.12 -34.87
N ASP O 158 -15.04 -50.04 -34.05
CA ASP O 158 -14.89 -51.47 -34.35
C ASP O 158 -16.17 -52.12 -34.87
N GLN O 159 -17.01 -51.38 -35.58
CA GLN O 159 -18.30 -51.90 -36.11
C GLN O 159 -18.14 -53.20 -36.89
N THR O 160 -17.05 -53.34 -37.62
CA THR O 160 -16.75 -54.57 -38.35
C THR O 160 -16.37 -55.71 -37.40
N ASP O 161 -15.42 -55.48 -36.47
CA ASP O 161 -15.08 -56.49 -35.45
C ASP O 161 -16.34 -56.87 -34.65
N ILE O 162 -17.12 -55.86 -34.28
CA ILE O 162 -18.46 -56.02 -33.69
C ILE O 162 -19.44 -56.84 -34.51
N ALA O 163 -19.56 -56.49 -35.79
CA ALA O 163 -20.49 -57.12 -36.73
C ALA O 163 -20.33 -58.63 -36.82
N ILE O 164 -19.07 -59.06 -36.92
CA ILE O 164 -18.74 -60.47 -37.02
C ILE O 164 -19.18 -61.22 -35.76
N TYR O 165 -19.03 -60.60 -34.58
CA TYR O 165 -19.45 -61.22 -33.32
C TYR O 165 -20.93 -61.60 -33.36
N ASN O 166 -21.72 -60.77 -34.05
CA ASN O 166 -23.12 -61.07 -34.34
C ASN O 166 -23.31 -62.27 -35.27
N ALA O 167 -22.43 -62.42 -36.24
CA ALA O 167 -22.57 -63.49 -37.22
C ALA O 167 -22.44 -64.89 -36.57
N LYS O 168 -21.31 -65.15 -35.90
CA LYS O 168 -21.06 -66.50 -35.34
C LYS O 168 -22.01 -66.85 -34.20
N PHE O 169 -22.84 -65.88 -33.82
CA PHE O 169 -24.03 -66.14 -33.01
C PHE O 169 -25.27 -66.46 -33.87
N PHE O 170 -25.60 -65.61 -34.86
CA PHE O 170 -26.93 -65.67 -35.48
C PHE O 170 -27.03 -65.87 -37.01
N LEU O 171 -25.91 -65.77 -37.71
CA LEU O 171 -25.93 -65.91 -39.15
C LEU O 171 -25.77 -67.36 -39.57
N LYS O 172 -26.80 -67.85 -40.25
CA LYS O 172 -26.78 -69.15 -40.89
C LYS O 172 -25.56 -69.27 -41.77
N VAL O 173 -25.06 -70.47 -41.91
CA VAL O 173 -24.03 -70.70 -42.89
C VAL O 173 -24.68 -70.45 -44.25
N ASN O 174 -23.94 -69.83 -45.17
CA ASN O 174 -24.47 -69.41 -46.50
C ASN O 174 -25.49 -68.29 -46.48
N GLY O 175 -25.57 -67.54 -45.38
CA GLY O 175 -26.35 -66.32 -45.32
C GLY O 175 -25.57 -65.13 -45.87
N ASP O 176 -26.24 -63.99 -46.10
CA ASP O 176 -25.63 -62.78 -46.67
C ASP O 176 -25.52 -61.61 -45.67
N MET O 177 -24.50 -60.76 -45.84
CA MET O 177 -24.35 -59.60 -44.96
C MET O 177 -24.25 -58.25 -45.66
N LEU O 178 -25.06 -57.29 -45.20
CA LEU O 178 -24.81 -55.88 -45.55
C LEU O 178 -24.18 -55.05 -44.42
N LEU O 179 -22.91 -54.69 -44.55
CA LEU O 179 -22.23 -53.87 -43.54
C LEU O 179 -21.91 -52.51 -44.13
N VAL O 180 -22.47 -51.45 -43.56
CA VAL O 180 -22.16 -50.11 -44.01
C VAL O 180 -20.88 -49.62 -43.33
N ILE O 181 -19.91 -49.18 -44.14
CA ILE O 181 -18.66 -48.64 -43.60
C ILE O 181 -18.81 -47.13 -43.41
N LYS O 182 -18.72 -46.70 -42.16
CA LYS O 182 -18.72 -45.30 -41.82
C LYS O 182 -17.28 -44.84 -41.64
N ALA O 183 -16.71 -44.26 -42.69
CA ALA O 183 -15.30 -43.88 -42.66
C ALA O 183 -14.97 -43.00 -41.47
N ARG O 184 -15.75 -41.92 -41.30
CA ARG O 184 -15.37 -40.90 -40.34
C ARG O 184 -15.60 -41.34 -38.89
N SER O 185 -16.28 -42.48 -38.70
CA SER O 185 -16.53 -43.00 -37.35
C SER O 185 -15.59 -44.13 -37.01
N ILE O 186 -14.68 -44.46 -37.91
CA ILE O 186 -13.64 -45.38 -37.53
C ILE O 186 -12.39 -44.58 -37.15
N ASP O 187 -12.09 -43.56 -37.96
CA ASP O 187 -10.93 -42.68 -37.76
C ASP O 187 -11.11 -41.47 -38.67
N VAL O 188 -11.28 -40.29 -38.09
CA VAL O 188 -11.39 -39.04 -38.87
C VAL O 188 -10.07 -38.54 -39.48
N THR O 189 -8.96 -39.15 -39.05
CA THR O 189 -7.64 -38.80 -39.55
C THR O 189 -7.38 -39.53 -40.87
N LYS O 190 -7.56 -40.86 -40.83
CA LYS O 190 -7.31 -41.71 -42.01
C LYS O 190 -8.32 -41.41 -43.13
N ASP O 191 -7.84 -41.66 -44.36
CA ASP O 191 -8.58 -41.47 -45.61
C ASP O 191 -9.65 -42.57 -45.76
N PRO O 192 -10.89 -42.20 -46.14
CA PRO O 192 -12.00 -43.16 -46.23
C PRO O 192 -11.67 -44.48 -46.94
N LYS O 193 -10.89 -44.40 -48.00
CA LYS O 193 -10.55 -45.56 -48.84
C LYS O 193 -9.55 -46.50 -48.18
N GLU O 194 -8.64 -45.96 -47.36
CA GLU O 194 -7.66 -46.76 -46.63
C GLU O 194 -8.42 -47.66 -45.66
N ILE O 195 -9.42 -47.06 -45.00
CA ILE O 195 -10.30 -47.75 -44.06
C ILE O 195 -11.14 -48.86 -44.74
N TYR O 196 -11.75 -48.58 -45.89
CA TYR O 196 -12.55 -49.60 -46.60
C TYR O 196 -11.76 -50.86 -46.89
N LYS O 197 -10.52 -50.66 -47.34
CA LYS O 197 -9.62 -51.74 -47.69
C LYS O 197 -9.36 -52.56 -46.43
N THR O 198 -9.07 -51.85 -45.34
CA THR O 198 -8.72 -52.47 -44.05
C THR O 198 -9.95 -53.07 -43.35
N GLU O 199 -11.13 -52.50 -43.58
CA GLU O 199 -12.37 -53.06 -43.00
C GLU O 199 -12.82 -54.32 -43.73
N VAL O 200 -12.68 -54.32 -45.05
CA VAL O 200 -13.05 -55.50 -45.80
C VAL O 200 -12.16 -56.71 -45.48
N GLU O 201 -10.85 -56.51 -45.30
CA GLU O 201 -9.94 -57.61 -44.96
C GLU O 201 -10.34 -58.34 -43.69
N LYS O 202 -10.81 -57.58 -42.71
CA LYS O 202 -11.27 -58.14 -41.42
C LYS O 202 -12.29 -59.26 -41.66
N LEU O 203 -13.12 -59.06 -42.68
CA LEU O 203 -14.14 -60.03 -43.08
C LEU O 203 -13.53 -61.29 -43.71
N GLU O 204 -12.52 -61.08 -44.55
CA GLU O 204 -11.92 -62.11 -45.35
C GLU O 204 -10.92 -62.93 -44.51
N ASN O 205 -10.22 -62.28 -43.57
CA ASN O 205 -9.43 -63.02 -42.59
C ASN O 205 -10.34 -63.73 -41.58
N SER O 206 -11.57 -63.22 -41.40
CA SER O 206 -12.61 -63.88 -40.59
C SER O 206 -13.62 -64.66 -41.44
N ASN O 207 -13.11 -65.22 -42.55
CA ASN O 207 -13.83 -66.08 -43.53
C ASN O 207 -15.23 -65.59 -44.01
N PHE O 208 -15.28 -64.32 -44.41
CA PHE O 208 -16.34 -63.76 -45.26
C PHE O 208 -15.89 -63.64 -46.72
N GLU O 209 -16.77 -64.01 -47.63
CA GLU O 209 -16.45 -63.99 -49.04
C GLU O 209 -17.12 -62.78 -49.68
N THR O 210 -16.33 -61.70 -49.74
CA THR O 210 -16.73 -60.41 -50.29
C THR O 210 -17.34 -60.58 -51.68
N ILE O 211 -18.59 -60.16 -51.78
CA ILE O 211 -19.38 -60.27 -53.00
C ILE O 211 -19.35 -58.98 -53.78
N GLN O 212 -19.48 -57.89 -53.05
CA GLN O 212 -19.64 -56.59 -53.67
C GLN O 212 -19.23 -55.43 -52.79
N ILE O 213 -18.62 -54.42 -53.41
CA ILE O 213 -18.26 -53.23 -52.67
C ILE O 213 -18.84 -52.01 -53.42
N ILE O 214 -19.87 -51.39 -52.81
CA ILE O 214 -20.57 -50.26 -53.40
C ILE O 214 -20.33 -48.91 -52.70
N ASN O 215 -20.04 -47.88 -53.50
CA ASN O 215 -19.82 -46.55 -52.97
C ASN O 215 -21.16 -45.81 -52.96
N LEU O 216 -21.56 -45.32 -51.79
CA LEU O 216 -22.86 -44.69 -51.62
C LEU O 216 -22.90 -43.22 -52.08
N ASP O 217 -21.72 -42.62 -52.25
CA ASP O 217 -21.60 -41.22 -52.66
C ASP O 217 -22.41 -41.02 -53.96
N PRO O 218 -23.22 -39.93 -54.06
CA PRO O 218 -23.42 -38.72 -53.25
C PRO O 218 -24.51 -38.80 -52.15
N TYR O 219 -25.23 -39.91 -52.04
CA TYR O 219 -26.32 -40.02 -51.07
C TYR O 219 -25.85 -39.92 -49.61
N ASP O 220 -24.71 -40.54 -49.30
CA ASP O 220 -24.04 -40.44 -47.98
C ASP O 220 -22.51 -40.33 -48.08
N LYS O 221 -21.94 -39.18 -47.71
CA LYS O 221 -20.51 -38.95 -47.89
C LYS O 221 -19.74 -39.77 -46.89
N ASP O 222 -18.56 -40.23 -47.28
CA ASP O 222 -17.69 -41.01 -46.42
C ASP O 222 -18.47 -42.19 -45.82
N HIS O 223 -19.33 -42.76 -46.66
CA HIS O 223 -20.05 -43.98 -46.32
C HIS O 223 -19.96 -45.01 -47.43
N ALA O 224 -19.80 -46.27 -47.05
CA ALA O 224 -19.69 -47.37 -48.01
C ALA O 224 -20.47 -48.55 -47.47
N ILE O 225 -21.02 -49.40 -48.34
CA ILE O 225 -21.66 -50.66 -47.89
C ILE O 225 -21.14 -51.95 -48.57
N VAL O 226 -20.82 -52.96 -47.76
CA VAL O 226 -20.27 -54.23 -48.24
C VAL O 226 -21.29 -55.37 -48.25
N LEU O 227 -21.32 -56.13 -49.33
CA LEU O 227 -22.07 -57.36 -49.36
C LEU O 227 -21.11 -58.57 -49.35
N SER O 228 -21.22 -59.42 -48.33
CA SER O 228 -20.37 -60.63 -48.22
C SER O 228 -21.09 -61.83 -47.59
N LYS O 229 -20.50 -63.01 -47.78
CA LYS O 229 -21.07 -64.29 -47.30
C LYS O 229 -20.27 -64.99 -46.19
N TYR O 230 -21.00 -65.47 -45.17
CA TYR O 230 -20.42 -66.23 -44.05
C TYR O 230 -20.22 -67.73 -44.35
N LYS O 231 -19.07 -68.30 -43.95
CA LYS O 231 -18.79 -69.72 -44.20
C LYS O 231 -18.85 -70.55 -42.90
#